data_6DBJ
#
_entry.id   6DBJ
#
_cell.length_a   1
_cell.length_b   1
_cell.length_c   1
_cell.angle_alpha   90.00
_cell.angle_beta   90.00
_cell.angle_gamma   90.00
#
_symmetry.space_group_name_H-M   'P 1'
#
loop_
_entity.id
_entity.type
_entity.pdbx_description
1 polymer 'Recombination activating gene 1 - MBP chimera'
2 polymer 'Recombination activating gene 2'
3 polymer 'Forward stand of RSS signal end'
4 polymer 'Reverse stand of RSS'
5 polymer 'Forward strand of coding flank'
6 non-polymer 'ZINC ION'
7 non-polymer 'CALCIUM ION'
#
loop_
_entity_poly.entity_id
_entity_poly.type
_entity_poly.pdbx_seq_one_letter_code
_entity_poly.pdbx_strand_id
1 'polypeptide(L)'
;MGSSHHHHHHGTKTEEGKLVIWINGDKGYNGLAEVGKKFEKDTGIKVTVEHPDKLEEKFPQVAATGDGPDIIFWAHDRFG
GYAQSGLLAEITPDKAFQDKLYPFTWDAVRYNGKLIAYPIAVEALSLIYNKDLLPNPPKTWEEIPALDKELKAKGKSALM
FNLQEPYFTWPLIAADGGYAFKYENGKYDIKDVGVDNAGAKAGLTFLVDLIKNKHMNADTDYSIAEAAFNKGETAMTING
PWAWSNIDTSKVNYGVTVLPTFKGQPSKPFVGVLSAGINAASPNKELAKEFLENYLLTDEGLEAVNKDKPLGAVALKSYE
EELAKDPRIAATMENAQKGEIMPNIPQMSAFWYAVRTAVINAASGRQTVDEALKDAQTGTDYDIPTTLEVLFQGPLGSRC
QRDHLSTKLIPTEVPADLIRAVTCQVCDHLLSDPVQSPCRHLFCRLCIIRYTHALGPNCPTCNQHLNPSHLIKPAKFFLA
TLSSLPLLCPSEECSDWVRLDSFREHCLNHYREKESQEEQTPSEQNLDGYLPVNKGGRPRQHLLSLTRRAQKHRLRDLKN
QVKTFAEKEEGGDVKSVCLTLFLLALRAGNEHKQADELEAMMQGRGFGLHPAVCLAIRVNTFLSCSQYHKMYRTVKATSG
RQIFQPLHTLRNAEKELLPGFHQFEWQPALKNVSTSWDVGIIDGLSGWTVSVDDVPADTISRRFRYDVALVSALKDLEED
IMEGLRERALDDSMCTSGFTVVVKESCDGMGDVSEKHGSGPAVPEKAVRFSFTIMSISIRLEGEDDGITIFQEQKPNSEL
SCRPLCLMFVDESDHETLTAILGPVVAERKAMMESRLIISVGGLLRSFRFFFRGTGYDEKMVREMEGLEASGSTYICTLC
DSTRAEASQNMVLHSITRSHDENLERYEIWRKNPFSESADELRDRVKGVSAKPFMETQPTLDALHCDIGNATEFYKIFQD
EIGEVYQKPNPSREERRRWRSTLDKQLRKKMKLKPVMRMNGNYARRLMTREAVEAVCELVPSEERREALLKLMDLYLQMK
PVWRSTCPSRDCPDQLCQYSYNSQQFADLLSSMFKYRYDGKITNYLHKTLAHVPEIVERDGSIGAWASEGNESGNKLFRR
FRKMNARQSKTFELEDILKHHWLYTSKYLQKFMEAHKNS
;
A,C
2 'polypeptide(L)'
;GGSMSLQPLTAVNCGSLVQPGFSLLDLEGDVYLFGQKGWPKRSCPTGIFGVRIKKGELKLRAISFSNNSSYLPPLRCPAI
AHFEAQDGKPECYLIHGGRTPNNELSSSLYMLSVDSRGCNRKVTLRCEEKELVGDVPSARYGHTLSVINSRGKTACVLFG
GRSYMPPTERTTQNWNSVVDCPPQVYLIDLEFGCCTAHTLPELTDGQSFHVALARQDCVYFLGGHILSSDCRPSRLIRLH
VELLLGSPVLTCTILHEGLTITSAIASPIGYHEYIIFGGYQSETQKRMECTYVGLDDVGVHMESREPPQWTSEISHSRTW
FGGSLGKGTALVAIPSEGNPTPPEAYHFYQVSFQKEQDGEATAQGGSQESTDFEDSAPLEDSEELYFGREPHELEYSSDV
EGDTYNEEDEEDESQTGYWIKCCLSCQVDPNIWEPYYSTELTRPAMIFCSRGEGGHWVHAQCMELPESLLLQLSQDNSKY
FCLDHGGLPKQEMTPPKQMLPVKRVPMKMTHRKAPVSLKMTPAKKTFLRRLFD
;
B,D
3 'polydeoxyribonucleotide' (DC)(DA)(DC)(DA)(DG)(DT)(DG)(DC)(DT)(DA)(DC)(DA)(DG)(DA)(DC) E,H
4 'polydeoxyribonucleotide'
;(DG)(DT)(DC)(DT)(DG)(DT)(DA)(DG)(DC)(DA)(DC)(DT)(DG)(DT)(DG)(DT)(DA)(DA)(DG)(DA)
(DC)(DA)(DG)(DG)(DC)(DC)(DA)(DG)(DA)(DT)(DC)
;
F,G
5 'polydeoxyribonucleotide' (DG)(DA)(DT)(DC)(DT)(DG)(DG)(DC)(DC)(DT)(DG)(DT)(DC)(DT)(DT)(DA) I,J
#
# COMPACT_ATOMS: atom_id res chain seq x y z
N PHE A 607 -35.08 -31.01 9.45
CA PHE A 607 -35.67 -31.99 8.56
C PHE A 607 -35.67 -31.50 7.11
N GLY A 608 -35.75 -30.19 6.93
CA GLY A 608 -35.72 -29.61 5.60
C GLY A 608 -35.89 -28.10 5.59
N LEU A 609 -35.09 -27.42 4.78
CA LEU A 609 -35.16 -25.98 4.64
C LEU A 609 -35.53 -25.62 3.21
N HIS A 610 -36.24 -24.51 3.05
CA HIS A 610 -36.60 -24.02 1.73
C HIS A 610 -35.33 -23.54 1.01
N PRO A 611 -35.10 -23.95 -0.24
CA PRO A 611 -33.93 -23.43 -0.98
C PRO A 611 -33.78 -21.92 -0.94
N ALA A 612 -34.87 -21.16 -0.95
CA ALA A 612 -34.78 -19.71 -0.83
C ALA A 612 -34.20 -19.33 0.52
N VAL A 613 -34.67 -19.98 1.60
CA VAL A 613 -34.21 -19.65 2.95
C VAL A 613 -32.72 -19.88 3.08
N CYS A 614 -32.24 -21.06 2.66
CA CYS A 614 -30.83 -21.36 2.83
C CYS A 614 -29.96 -20.62 1.82
N LEU A 615 -30.50 -20.26 0.65
CA LEU A 615 -29.75 -19.36 -0.23
C LEU A 615 -29.54 -18.01 0.43
N ALA A 616 -30.57 -17.48 1.09
CA ALA A 616 -30.40 -16.24 1.84
C ALA A 616 -29.42 -16.43 2.99
N ILE A 617 -29.47 -17.58 3.64
CA ILE A 617 -28.51 -17.90 4.69
C ILE A 617 -27.08 -17.81 4.16
N ARG A 618 -26.86 -18.40 2.97
CA ARG A 618 -25.51 -18.47 2.43
C ARG A 618 -25.04 -17.12 1.91
N VAL A 619 -25.94 -16.32 1.34
CA VAL A 619 -25.55 -15.04 0.78
C VAL A 619 -25.33 -14.00 1.88
N ASN A 620 -26.27 -13.91 2.83
CA ASN A 620 -26.25 -12.85 3.82
C ASN A 620 -25.18 -13.04 4.89
N THR A 621 -24.56 -14.22 4.99
CA THR A 621 -23.54 -14.48 5.99
C THR A 621 -22.14 -14.53 5.40
N PHE A 622 -21.99 -14.21 4.12
CA PHE A 622 -20.71 -14.13 3.41
C PHE A 622 -20.04 -15.49 3.24
N LEU A 623 -20.80 -16.58 3.36
CA LEU A 623 -20.25 -17.90 3.10
C LEU A 623 -19.95 -18.06 1.61
N SER A 624 -18.75 -18.52 1.29
CA SER A 624 -18.46 -18.88 -0.09
C SER A 624 -19.15 -20.19 -0.44
N CYS A 625 -19.25 -20.46 -1.75
CA CYS A 625 -19.88 -21.69 -2.20
C CYS A 625 -19.15 -22.91 -1.65
N SER A 626 -17.81 -22.89 -1.72
CA SER A 626 -17.02 -24.02 -1.24
C SER A 626 -17.20 -24.22 0.27
N GLN A 627 -17.20 -23.13 1.03
CA GLN A 627 -17.39 -23.23 2.48
C GLN A 627 -18.79 -23.74 2.81
N TYR A 628 -19.80 -23.26 2.09
CA TYR A 628 -21.16 -23.73 2.32
C TYR A 628 -21.28 -25.24 2.05
N HIS A 629 -20.65 -25.71 0.97
CA HIS A 629 -20.67 -27.14 0.67
C HIS A 629 -19.94 -27.93 1.77
N LYS A 630 -18.80 -27.40 2.22
CA LYS A 630 -18.05 -28.00 3.32
C LYS A 630 -18.93 -28.17 4.55
N MET A 631 -19.78 -27.19 4.83
CA MET A 631 -20.66 -27.29 5.99
C MET A 631 -21.83 -28.24 5.73
N TYR A 632 -22.37 -28.22 4.52
CA TYR A 632 -23.55 -29.03 4.20
C TYR A 632 -23.24 -30.51 4.30
N ARG A 633 -22.13 -30.95 3.71
CA ARG A 633 -21.77 -32.37 3.81
C ARG A 633 -21.58 -32.80 5.27
N THR A 634 -21.00 -31.92 6.09
CA THR A 634 -20.74 -32.25 7.49
C THR A 634 -22.04 -32.40 8.28
N VAL A 635 -22.91 -31.40 8.17
CA VAL A 635 -24.21 -31.48 8.86
C VAL A 635 -25.10 -32.56 8.26
N LYS A 636 -24.75 -33.10 7.09
CA LYS A 636 -25.52 -34.18 6.49
C LYS A 636 -25.00 -35.56 6.86
N ALA A 637 -23.73 -35.69 7.25
CA ALA A 637 -23.24 -37.00 7.67
C ALA A 637 -23.44 -37.26 9.16
N THR A 638 -23.33 -36.23 10.00
CA THR A 638 -23.86 -36.31 11.36
C THR A 638 -25.34 -36.00 11.32
N SER A 639 -26.17 -36.89 11.86
CA SER A 639 -27.62 -36.76 11.77
C SER A 639 -28.07 -36.71 10.32
N GLY A 640 -27.91 -37.88 9.67
CA GLY A 640 -28.03 -38.05 8.23
C GLY A 640 -29.04 -37.22 7.48
N ARG A 641 -30.22 -37.01 8.06
CA ARG A 641 -31.25 -36.20 7.39
C ARG A 641 -30.70 -34.84 7.02
N GLN A 642 -30.72 -34.52 5.72
CA GLN A 642 -30.10 -33.29 5.24
C GLN A 642 -30.97 -32.10 5.61
N ILE A 643 -30.40 -31.15 6.34
CA ILE A 643 -31.10 -29.93 6.72
C ILE A 643 -30.95 -28.86 5.66
N PHE A 644 -29.71 -28.64 5.20
CA PHE A 644 -29.44 -27.67 4.15
C PHE A 644 -29.65 -28.31 2.78
N GLN A 645 -29.80 -27.47 1.81
CA GLN A 645 -29.94 -27.97 0.45
C GLN A 645 -28.58 -28.08 -0.23
N PRO A 646 -28.43 -28.99 -1.19
CA PRO A 646 -27.17 -29.05 -1.95
C PRO A 646 -26.96 -27.81 -2.81
N LEU A 647 -25.85 -27.74 -3.53
CA LEU A 647 -25.48 -26.50 -4.21
C LEU A 647 -26.34 -26.25 -5.43
N HIS A 648 -26.60 -27.29 -6.24
CA HIS A 648 -27.23 -27.08 -7.54
C HIS A 648 -28.65 -26.53 -7.40
N THR A 649 -29.39 -26.95 -6.37
CA THR A 649 -30.73 -26.42 -6.18
C THR A 649 -30.71 -24.94 -5.81
N LEU A 650 -29.63 -24.43 -5.22
CA LEU A 650 -29.52 -23.00 -4.97
C LEU A 650 -29.23 -22.23 -6.26
N ARG A 651 -28.33 -22.79 -7.09
CA ARG A 651 -28.13 -22.27 -8.43
C ARG A 651 -29.45 -22.17 -9.17
N ASN A 652 -30.33 -23.16 -9.00
CA ASN A 652 -31.64 -23.10 -9.61
C ASN A 652 -32.56 -22.11 -8.90
N ALA A 653 -32.36 -21.91 -7.59
CA ALA A 653 -33.23 -21.01 -6.84
C ALA A 653 -33.00 -19.55 -7.22
N GLU A 654 -31.77 -19.18 -7.57
CA GLU A 654 -31.49 -17.74 -7.67
C GLU A 654 -31.87 -17.13 -9.03
N LYS A 655 -32.05 -17.93 -10.08
CA LYS A 655 -32.29 -17.35 -11.40
C LYS A 655 -33.63 -16.61 -11.51
N GLU A 656 -34.50 -16.73 -10.51
CA GLU A 656 -35.68 -15.88 -10.43
C GLU A 656 -35.34 -14.50 -9.89
N LEU A 657 -34.22 -14.37 -9.17
CA LEU A 657 -33.83 -13.12 -8.55
C LEU A 657 -32.89 -12.27 -9.39
N LEU A 658 -32.17 -12.87 -10.33
CA LEU A 658 -31.23 -12.13 -11.17
C LEU A 658 -31.97 -11.45 -12.30
N PRO A 659 -31.38 -10.39 -12.87
CA PRO A 659 -32.02 -9.72 -14.02
C PRO A 659 -32.12 -10.65 -15.22
N GLY A 660 -33.20 -10.50 -15.97
CA GLY A 660 -33.46 -11.31 -17.12
C GLY A 660 -34.42 -12.46 -16.90
N PHE A 661 -35.36 -12.34 -15.98
CA PHE A 661 -36.29 -13.41 -15.65
C PHE A 661 -37.75 -13.05 -15.92
N HIS A 662 -38.18 -11.84 -15.57
CA HIS A 662 -39.55 -11.43 -15.74
C HIS A 662 -39.76 -10.73 -17.08
N GLN A 663 -40.97 -10.88 -17.63
CA GLN A 663 -41.32 -10.29 -18.91
C GLN A 663 -41.90 -8.89 -18.70
N PHE A 664 -41.42 -7.93 -19.48
CA PHE A 664 -41.86 -6.54 -19.37
C PHE A 664 -41.93 -5.93 -20.77
N GLU A 665 -42.40 -4.70 -20.83
CA GLU A 665 -42.39 -3.95 -22.07
C GLU A 665 -42.58 -2.46 -21.77
N TRP A 666 -42.01 -1.64 -22.66
CA TRP A 666 -42.08 -0.19 -22.56
C TRP A 666 -43.06 0.35 -23.59
N GLN A 667 -43.79 1.40 -23.21
CA GLN A 667 -44.74 2.05 -24.10
C GLN A 667 -44.58 3.56 -24.02
N PRO A 668 -44.11 4.22 -25.10
CA PRO A 668 -43.71 3.57 -26.36
C PRO A 668 -42.38 2.85 -26.24
N ALA A 669 -42.01 2.09 -27.27
CA ALA A 669 -40.77 1.31 -27.22
C ALA A 669 -39.56 2.22 -27.03
N LEU A 670 -38.52 1.67 -26.42
CA LEU A 670 -37.32 2.45 -26.15
C LEU A 670 -36.54 2.68 -27.43
N LYS A 671 -36.08 3.92 -27.62
CA LYS A 671 -35.34 4.27 -28.83
C LYS A 671 -33.92 3.71 -28.74
N ASN A 672 -33.49 3.07 -29.84
CA ASN A 672 -32.22 2.35 -29.97
C ASN A 672 -31.85 1.54 -28.73
N VAL A 673 -32.84 0.86 -28.14
CA VAL A 673 -32.60 -0.18 -27.15
C VAL A 673 -33.41 -1.41 -27.58
N SER A 674 -32.78 -2.57 -27.58
CA SER A 674 -33.43 -3.77 -28.08
C SER A 674 -34.63 -4.14 -27.22
N THR A 675 -35.58 -4.85 -27.83
CA THR A 675 -36.82 -5.22 -27.17
C THR A 675 -36.74 -6.56 -26.45
N SER A 676 -35.60 -7.23 -26.48
CA SER A 676 -35.43 -8.48 -25.75
C SER A 676 -35.43 -8.21 -24.25
N TRP A 677 -36.07 -9.10 -23.50
CA TRP A 677 -36.24 -8.91 -22.06
C TRP A 677 -35.54 -9.97 -21.22
N ASP A 678 -34.76 -10.85 -21.84
CA ASP A 678 -34.18 -11.99 -21.13
C ASP A 678 -32.66 -11.98 -21.12
N VAL A 679 -32.03 -10.84 -21.36
CA VAL A 679 -30.57 -10.77 -21.35
C VAL A 679 -30.09 -10.67 -19.91
N GLY A 680 -28.96 -11.30 -19.63
CA GLY A 680 -28.42 -11.33 -18.28
C GLY A 680 -27.16 -10.52 -18.11
N ILE A 681 -26.01 -11.20 -18.10
CA ILE A 681 -24.71 -10.56 -17.94
C ILE A 681 -24.13 -10.32 -19.33
N ILE A 682 -23.87 -9.05 -19.66
CA ILE A 682 -23.21 -8.74 -20.92
C ILE A 682 -21.83 -8.16 -20.61
N ASP A 683 -20.92 -8.30 -21.56
CA ASP A 683 -19.66 -7.57 -21.48
C ASP A 683 -19.89 -6.13 -21.93
N GLY A 684 -19.39 -5.18 -21.15
CA GLY A 684 -19.66 -3.78 -21.43
C GLY A 684 -18.99 -3.22 -22.66
N LEU A 685 -18.13 -4.00 -23.34
CA LEU A 685 -17.47 -3.51 -24.54
C LEU A 685 -18.47 -3.26 -25.67
N SER A 686 -19.62 -3.93 -25.65
CA SER A 686 -20.76 -3.62 -26.53
C SER A 686 -20.40 -3.76 -28.01
N GLY A 687 -19.52 -4.69 -28.34
CA GLY A 687 -19.19 -4.95 -29.73
C GLY A 687 -17.99 -4.23 -30.26
N TRP A 688 -17.02 -3.89 -29.39
CA TRP A 688 -15.80 -3.21 -29.81
C TRP A 688 -15.08 -4.04 -30.87
N THR A 689 -15.04 -3.56 -32.11
CA THR A 689 -14.32 -4.27 -33.15
C THR A 689 -12.84 -4.28 -32.81
N VAL A 690 -12.20 -5.44 -32.97
CA VAL A 690 -10.92 -5.71 -32.33
C VAL A 690 -9.81 -5.61 -33.38
N SER A 691 -10.03 -4.77 -34.40
CA SER A 691 -8.99 -4.46 -35.36
C SER A 691 -7.75 -3.92 -34.66
N VAL A 692 -6.60 -4.09 -35.30
CA VAL A 692 -5.35 -3.65 -34.71
C VAL A 692 -5.10 -2.17 -34.99
N ASP A 693 -5.62 -1.66 -36.11
CA ASP A 693 -5.47 -0.25 -36.44
C ASP A 693 -6.38 0.66 -35.62
N ASP A 694 -7.38 0.11 -34.94
CA ASP A 694 -8.33 0.89 -34.17
C ASP A 694 -7.81 1.13 -32.76
N VAL A 695 -8.60 1.84 -31.96
CA VAL A 695 -8.29 2.03 -30.54
C VAL A 695 -8.39 0.68 -29.83
N PRO A 696 -7.44 0.34 -28.96
CA PRO A 696 -7.40 -1.02 -28.40
C PRO A 696 -8.61 -1.33 -27.53
N ALA A 697 -8.83 -2.62 -27.33
CA ALA A 697 -9.84 -3.13 -26.41
C ALA A 697 -9.19 -3.47 -25.06
N ASP A 698 -8.67 -2.43 -24.42
CA ASP A 698 -7.91 -2.55 -23.17
C ASP A 698 -8.78 -3.00 -21.99
N THR A 699 -10.09 -3.08 -22.16
CA THR A 699 -11.02 -3.11 -21.04
C THR A 699 -11.57 -4.50 -20.79
N ILE A 700 -11.64 -4.88 -19.51
CA ILE A 700 -12.49 -5.97 -19.04
C ILE A 700 -13.62 -5.35 -18.26
N SER A 701 -14.84 -5.51 -18.76
CA SER A 701 -15.98 -4.85 -18.14
C SER A 701 -17.23 -5.67 -18.38
N ARG A 702 -18.15 -5.63 -17.41
CA ARG A 702 -19.38 -6.41 -17.51
C ARG A 702 -20.50 -5.68 -16.77
N ARG A 703 -21.72 -5.88 -17.25
CA ARG A 703 -22.83 -5.09 -16.74
C ARG A 703 -24.16 -5.80 -16.97
N PHE A 704 -25.15 -5.33 -16.25
CA PHE A 704 -26.55 -5.59 -16.56
C PHE A 704 -27.05 -4.50 -17.51
N ARG A 705 -27.88 -4.90 -18.46
CA ARG A 705 -28.52 -3.93 -19.34
C ARG A 705 -29.59 -3.19 -18.56
N TYR A 706 -29.55 -1.85 -18.61
CA TYR A 706 -30.09 -0.99 -17.56
C TYR A 706 -31.54 -1.32 -17.20
N ASP A 707 -32.43 -1.23 -18.18
CA ASP A 707 -33.87 -1.37 -17.87
C ASP A 707 -34.21 -2.76 -17.35
N VAL A 708 -33.47 -3.78 -17.79
CA VAL A 708 -33.71 -5.13 -17.28
C VAL A 708 -33.42 -5.20 -15.79
N ALA A 709 -32.25 -4.68 -15.40
CA ALA A 709 -31.92 -4.61 -13.98
C ALA A 709 -32.92 -3.75 -13.21
N LEU A 710 -33.45 -2.72 -13.85
CA LEU A 710 -34.47 -1.88 -13.20
C LEU A 710 -35.73 -2.67 -12.91
N VAL A 711 -36.22 -3.41 -13.90
CA VAL A 711 -37.45 -4.19 -13.66
C VAL A 711 -37.17 -5.31 -12.66
N SER A 712 -35.94 -5.82 -12.61
CA SER A 712 -35.62 -6.81 -11.59
C SER A 712 -35.69 -6.19 -10.19
N ALA A 713 -35.05 -5.04 -10.00
CA ALA A 713 -35.07 -4.40 -8.69
C ALA A 713 -36.47 -3.95 -8.30
N LEU A 714 -37.32 -3.64 -9.29
CA LEU A 714 -38.69 -3.24 -8.99
C LEU A 714 -39.56 -4.44 -8.63
N LYS A 715 -39.45 -5.54 -9.39
CA LYS A 715 -40.14 -6.76 -9.03
C LYS A 715 -39.68 -7.30 -7.69
N ASP A 716 -38.46 -6.95 -7.27
CA ASP A 716 -38.02 -7.29 -5.92
C ASP A 716 -38.92 -6.65 -4.87
N LEU A 717 -39.37 -5.42 -5.11
CA LEU A 717 -40.15 -4.66 -4.15
C LEU A 717 -41.65 -4.93 -4.26
N GLU A 718 -42.04 -6.09 -4.80
CA GLU A 718 -43.45 -6.43 -4.94
C GLU A 718 -44.17 -6.38 -3.59
N GLU A 719 -43.61 -7.09 -2.61
CA GLU A 719 -44.25 -7.20 -1.30
C GLU A 719 -44.43 -5.83 -0.66
N ASP A 720 -43.39 -4.98 -0.71
CA ASP A 720 -43.47 -3.67 -0.06
C ASP A 720 -44.40 -2.73 -0.81
N ILE A 721 -44.45 -2.80 -2.15
CA ILE A 721 -45.40 -2.00 -2.90
C ILE A 721 -46.83 -2.37 -2.51
N MET A 722 -47.12 -3.68 -2.44
CA MET A 722 -48.47 -4.10 -2.08
C MET A 722 -48.83 -3.70 -0.65
N GLU A 723 -47.88 -3.85 0.28
CA GLU A 723 -48.15 -3.47 1.67
C GLU A 723 -48.40 -1.97 1.82
N GLY A 724 -47.56 -1.15 1.16
CA GLY A 724 -47.79 0.28 1.17
C GLY A 724 -49.09 0.67 0.52
N LEU A 725 -49.53 -0.09 -0.48
CA LEU A 725 -50.86 0.14 -1.02
C LEU A 725 -51.95 -0.14 0.00
N ARG A 726 -51.81 -1.23 0.76
CA ARG A 726 -52.91 -1.66 1.60
C ARG A 726 -53.01 -0.87 2.90
N GLU A 727 -51.89 -0.37 3.45
CA GLU A 727 -52.01 0.31 4.74
C GLU A 727 -52.44 1.77 4.60
N ARG A 728 -52.06 2.46 3.49
CA ARG A 728 -52.69 3.76 3.25
C ARG A 728 -54.15 3.65 2.77
N ALA A 729 -54.67 2.42 2.79
CA ALA A 729 -56.09 2.14 2.56
C ALA A 729 -56.52 2.49 1.14
N LEU A 730 -55.58 2.46 0.20
CA LEU A 730 -55.91 2.49 -1.21
C LEU A 730 -56.08 1.05 -1.70
N ASP A 731 -57.06 0.85 -2.58
CA ASP A 731 -57.35 -0.44 -3.19
C ASP A 731 -56.71 -0.49 -4.58
N ASP A 732 -56.78 -1.67 -5.21
CA ASP A 732 -55.82 -2.08 -6.23
C ASP A 732 -56.39 -2.30 -7.63
N SER A 733 -57.67 -2.62 -7.78
CA SER A 733 -58.31 -2.48 -9.09
C SER A 733 -58.24 -1.02 -9.54
N MET A 734 -58.39 -0.10 -8.58
CA MET A 734 -58.00 1.29 -8.61
C MET A 734 -56.51 1.42 -8.92
N CYS A 735 -56.00 2.63 -9.15
CA CYS A 735 -54.63 2.95 -8.78
C CYS A 735 -53.62 1.96 -9.38
N THR A 736 -53.58 1.92 -10.71
CA THR A 736 -52.58 1.14 -11.43
C THR A 736 -52.03 1.92 -12.61
N SER A 737 -51.98 3.24 -12.50
CA SER A 737 -51.81 4.14 -13.63
C SER A 737 -50.66 5.13 -13.46
N GLY A 738 -50.44 5.64 -12.25
CA GLY A 738 -49.53 6.75 -12.07
C GLY A 738 -48.39 6.51 -11.10
N PHE A 739 -47.82 5.31 -11.11
CA PHE A 739 -46.66 5.04 -10.26
C PHE A 739 -45.46 5.87 -10.71
N THR A 740 -44.71 6.37 -9.73
CA THR A 740 -43.53 7.18 -9.99
C THR A 740 -42.39 6.67 -9.11
N VAL A 741 -41.30 6.25 -9.75
CA VAL A 741 -40.12 5.75 -9.05
C VAL A 741 -39.02 6.80 -9.16
N VAL A 742 -38.35 7.06 -8.05
CA VAL A 742 -37.24 8.00 -7.99
C VAL A 742 -35.97 7.20 -7.76
N VAL A 743 -35.05 7.27 -8.72
CA VAL A 743 -33.85 6.44 -8.72
C VAL A 743 -32.65 7.33 -8.48
N LYS A 744 -31.89 7.02 -7.42
CA LYS A 744 -30.61 7.67 -7.17
C LYS A 744 -29.51 6.82 -7.78
N GLU A 745 -28.79 7.36 -8.75
CA GLU A 745 -27.67 6.67 -9.37
C GLU A 745 -26.36 7.25 -8.86
N SER A 746 -25.30 6.44 -8.97
CA SER A 746 -24.05 6.76 -8.29
C SER A 746 -22.91 6.05 -9.01
N CYS A 747 -21.75 6.70 -9.05
CA CYS A 747 -20.58 6.15 -9.72
C CYS A 747 -19.33 6.67 -9.04
N ASP A 748 -18.31 5.83 -8.95
CA ASP A 748 -17.07 6.21 -8.29
C ASP A 748 -15.93 5.33 -8.77
N GLY A 749 -14.75 5.93 -8.92
CA GLY A 749 -13.56 5.17 -9.18
C GLY A 749 -12.97 4.58 -7.93
N MET A 750 -11.96 3.73 -8.10
CA MET A 750 -11.43 2.95 -7.00
C MET A 750 -10.04 2.47 -7.35
N GLY A 751 -9.04 2.87 -6.56
CA GLY A 751 -7.66 2.51 -6.81
C GLY A 751 -7.23 1.29 -6.02
N ASP A 752 -6.00 0.86 -6.29
CA ASP A 752 -5.37 -0.29 -5.63
C ASP A 752 -6.21 -1.55 -5.80
N VAL A 753 -6.33 -1.98 -7.06
CA VAL A 753 -6.97 -3.23 -7.42
C VAL A 753 -5.89 -4.09 -8.09
N SER A 754 -5.32 -5.02 -7.33
CA SER A 754 -4.24 -5.85 -7.84
C SER A 754 -4.69 -6.63 -9.07
N GLU A 755 -3.82 -6.69 -10.07
CA GLU A 755 -4.12 -7.34 -11.33
C GLU A 755 -3.66 -8.79 -11.32
N LYS A 756 -4.44 -9.65 -11.97
CA LYS A 756 -4.13 -11.08 -12.04
C LYS A 756 -3.15 -11.37 -13.18
N HIS A 757 -2.48 -12.52 -13.08
CA HIS A 757 -1.58 -12.95 -14.15
C HIS A 757 -2.37 -13.24 -15.42
N GLY A 758 -3.31 -14.19 -15.36
CA GLY A 758 -4.28 -14.47 -16.40
C GLY A 758 -3.66 -14.72 -17.75
N SER A 759 -4.39 -14.35 -18.80
CA SER A 759 -3.96 -14.51 -20.17
C SER A 759 -3.85 -13.18 -20.91
N GLY A 760 -4.86 -12.34 -20.81
CA GLY A 760 -4.87 -11.06 -21.48
C GLY A 760 -6.24 -10.43 -21.49
N PRO A 761 -6.31 -9.13 -21.82
CA PRO A 761 -5.17 -8.28 -22.14
C PRO A 761 -4.59 -7.58 -20.91
N ALA A 762 -3.49 -6.86 -21.09
CA ALA A 762 -2.94 -6.05 -20.00
C ALA A 762 -3.97 -5.01 -19.57
N VAL A 763 -4.12 -4.86 -18.26
CA VAL A 763 -5.25 -4.08 -17.72
C VAL A 763 -4.74 -3.20 -16.58
N PRO A 764 -5.27 -1.99 -16.41
CA PRO A 764 -4.85 -1.14 -15.30
C PRO A 764 -5.27 -1.72 -13.95
N GLU A 765 -4.72 -1.14 -12.89
CA GLU A 765 -4.99 -1.57 -11.53
C GLU A 765 -5.98 -0.65 -10.82
N LYS A 766 -6.94 -0.10 -11.56
CA LYS A 766 -8.01 0.72 -11.00
C LYS A 766 -9.33 0.20 -11.55
N ALA A 767 -10.42 0.58 -10.88
CA ALA A 767 -11.74 0.06 -11.24
C ALA A 767 -12.78 1.15 -11.08
N VAL A 768 -13.79 1.10 -11.96
CA VAL A 768 -14.94 2.00 -11.90
C VAL A 768 -16.19 1.15 -11.74
N ARG A 769 -17.12 1.64 -10.92
CA ARG A 769 -18.24 0.84 -10.43
C ARG A 769 -19.50 1.69 -10.43
N PHE A 770 -20.36 1.47 -11.44
CA PHE A 770 -21.59 2.22 -11.61
C PHE A 770 -22.74 1.46 -10.98
N SER A 771 -23.46 2.11 -10.06
CA SER A 771 -24.55 1.48 -9.32
C SER A 771 -25.72 2.46 -9.19
N PHE A 772 -26.84 1.94 -8.69
CA PHE A 772 -28.05 2.73 -8.50
C PHE A 772 -28.81 2.18 -7.29
N THR A 773 -29.83 2.92 -6.87
CA THR A 773 -30.68 2.49 -5.78
C THR A 773 -32.04 3.17 -5.92
N ILE A 774 -33.09 2.43 -5.55
CA ILE A 774 -34.46 2.92 -5.64
C ILE A 774 -34.79 3.64 -4.34
N MET A 775 -34.97 4.96 -4.42
CA MET A 775 -35.16 5.77 -3.22
C MET A 775 -36.61 5.75 -2.75
N SER A 776 -37.53 6.14 -3.62
CA SER A 776 -38.94 6.21 -3.28
C SER A 776 -39.78 5.78 -4.46
N ILE A 777 -41.00 5.33 -4.17
CA ILE A 777 -41.99 5.05 -5.20
C ILE A 777 -43.35 5.47 -4.67
N SER A 778 -44.03 6.34 -5.42
CA SER A 778 -45.25 7.02 -5.01
C SER A 778 -46.30 6.86 -6.11
N ILE A 779 -47.48 7.43 -5.85
CA ILE A 779 -48.59 7.41 -6.80
C ILE A 779 -49.28 8.76 -6.75
N ARG A 780 -49.77 9.21 -7.92
CA ARG A 780 -50.49 10.48 -7.99
C ARG A 780 -51.96 10.37 -8.34
N LEU A 781 -52.39 9.32 -9.07
CA LEU A 781 -53.83 9.08 -9.27
C LEU A 781 -54.55 9.29 -7.96
N GLU A 782 -55.55 10.16 -7.97
CA GLU A 782 -56.38 10.48 -9.13
C GLU A 782 -56.32 11.93 -9.63
N GLY A 783 -55.59 12.78 -8.93
CA GLY A 783 -55.80 14.20 -9.11
C GLY A 783 -55.06 15.07 -8.11
N GLU A 784 -55.82 15.89 -7.39
CA GLU A 784 -55.34 16.91 -6.46
C GLU A 784 -54.09 16.50 -5.67
N ASP A 785 -54.00 15.24 -5.26
CA ASP A 785 -52.90 14.83 -4.40
C ASP A 785 -51.56 14.93 -5.13
N ASP A 786 -50.60 15.67 -4.53
CA ASP A 786 -49.21 15.73 -5.03
C ASP A 786 -48.73 14.37 -5.48
N GLY A 787 -49.09 13.34 -4.73
CA GLY A 787 -48.47 12.06 -4.85
C GLY A 787 -48.45 11.46 -3.47
N ILE A 788 -48.92 10.22 -3.37
CA ILE A 788 -49.05 9.53 -2.09
C ILE A 788 -47.93 8.50 -2.06
N THR A 789 -46.88 8.80 -1.31
CA THR A 789 -45.75 7.89 -1.24
C THR A 789 -46.20 6.55 -0.64
N ILE A 790 -45.88 5.47 -1.35
CA ILE A 790 -46.24 4.14 -0.89
C ILE A 790 -45.02 3.35 -0.41
N PHE A 791 -43.84 3.62 -0.94
CA PHE A 791 -42.62 3.02 -0.39
C PHE A 791 -41.51 4.05 -0.42
N GLN A 792 -40.67 4.03 0.61
CA GLN A 792 -39.49 4.89 0.65
C GLN A 792 -38.40 4.17 1.42
N GLU A 793 -37.16 4.43 1.02
CA GLU A 793 -36.02 3.73 1.58
C GLU A 793 -35.73 4.22 3.00
N GLN A 794 -35.63 3.28 3.94
CA GLN A 794 -35.40 3.64 5.33
C GLN A 794 -33.92 3.88 5.62
N LYS A 795 -33.02 3.21 4.90
CA LYS A 795 -31.58 3.36 5.09
C LYS A 795 -30.94 3.54 3.70
N PRO A 796 -31.05 4.73 3.12
CA PRO A 796 -30.56 4.92 1.75
C PRO A 796 -29.04 4.92 1.63
N ASN A 797 -28.32 5.20 2.71
CA ASN A 797 -26.86 5.21 2.68
C ASN A 797 -26.25 3.88 3.12
N SER A 798 -27.04 2.81 3.11
CA SER A 798 -26.56 1.49 3.48
C SER A 798 -26.10 0.71 2.27
N GLU A 799 -25.35 -0.37 2.52
CA GLU A 799 -24.93 -1.24 1.43
C GLU A 799 -26.09 -2.03 0.87
N LEU A 800 -27.00 -2.47 1.74
CA LEU A 800 -28.06 -3.41 1.38
C LEU A 800 -29.06 -2.79 0.40
N SER A 801 -28.88 -1.52 0.09
CA SER A 801 -29.75 -0.82 -0.85
C SER A 801 -28.91 -0.01 -1.83
N CYS A 802 -27.90 -0.63 -2.43
CA CYS A 802 -27.09 0.00 -3.49
C CYS A 802 -26.75 -1.10 -4.50
N ARG A 803 -27.56 -1.19 -5.56
CA ARG A 803 -27.51 -2.33 -6.48
C ARG A 803 -26.51 -2.07 -7.59
N PRO A 804 -25.55 -2.97 -7.80
CA PRO A 804 -24.53 -2.73 -8.83
C PRO A 804 -25.10 -2.90 -10.24
N LEU A 805 -24.59 -2.09 -11.16
CA LEU A 805 -25.00 -2.11 -12.56
C LEU A 805 -23.86 -2.44 -13.50
N CYS A 806 -22.71 -1.80 -13.33
CA CYS A 806 -21.63 -1.85 -14.31
C CYS A 806 -20.28 -1.91 -13.62
N LEU A 807 -19.41 -2.81 -14.08
CA LEU A 807 -18.09 -3.04 -13.54
C LEU A 807 -17.06 -2.83 -14.64
N MET A 808 -15.99 -2.08 -14.33
CA MET A 808 -14.92 -1.84 -15.29
C MET A 808 -13.57 -1.83 -14.60
N PHE A 809 -12.56 -2.34 -15.29
CA PHE A 809 -11.17 -2.12 -14.93
C PHE A 809 -10.64 -0.96 -15.76
N VAL A 810 -11.02 0.25 -15.35
CA VAL A 810 -10.71 1.49 -16.06
C VAL A 810 -10.24 2.51 -15.03
N ASP A 811 -9.37 3.42 -15.47
CA ASP A 811 -9.02 4.56 -14.65
C ASP A 811 -10.07 5.65 -14.80
N GLU A 812 -10.41 6.29 -13.68
CA GLU A 812 -11.28 7.46 -13.72
C GLU A 812 -10.82 8.46 -14.76
N SER A 813 -9.51 8.68 -14.85
CA SER A 813 -8.98 9.84 -15.56
C SER A 813 -9.04 9.71 -17.07
N ASP A 814 -8.90 8.50 -17.61
CA ASP A 814 -8.91 8.35 -19.07
C ASP A 814 -10.33 8.59 -19.59
N HIS A 815 -10.58 9.81 -20.07
CA HIS A 815 -11.89 10.17 -20.57
C HIS A 815 -12.25 9.45 -21.87
N GLU A 816 -11.30 8.77 -22.50
CA GLU A 816 -11.56 8.10 -23.77
C GLU A 816 -12.27 6.77 -23.56
N THR A 817 -11.73 5.92 -22.68
CA THR A 817 -12.32 4.60 -22.46
C THR A 817 -13.56 4.66 -21.58
N LEU A 818 -13.59 5.57 -20.59
CA LEU A 818 -14.73 5.65 -19.69
C LEU A 818 -16.00 6.01 -20.44
N THR A 819 -15.92 6.99 -21.35
CA THR A 819 -17.09 7.34 -22.15
C THR A 819 -17.48 6.20 -23.08
N ALA A 820 -16.51 5.45 -23.61
CA ALA A 820 -16.84 4.32 -24.47
C ALA A 820 -17.60 3.25 -23.70
N ILE A 821 -17.24 3.01 -22.44
CA ILE A 821 -17.93 1.98 -21.67
C ILE A 821 -19.28 2.50 -21.18
N LEU A 822 -19.37 3.76 -20.78
CA LEU A 822 -20.58 4.30 -20.18
C LEU A 822 -21.55 4.91 -21.19
N GLY A 823 -21.20 4.93 -22.48
CA GLY A 823 -22.08 5.45 -23.51
C GLY A 823 -23.43 4.79 -23.59
N PRO A 824 -23.45 3.46 -23.76
CA PRO A 824 -24.74 2.76 -23.83
C PRO A 824 -25.62 2.99 -22.60
N VAL A 825 -25.01 3.04 -21.41
CA VAL A 825 -25.78 3.24 -20.19
C VAL A 825 -26.51 4.59 -20.21
N VAL A 826 -25.77 5.65 -20.57
CA VAL A 826 -26.39 6.97 -20.64
C VAL A 826 -27.42 7.01 -21.76
N ALA A 827 -27.19 6.28 -22.85
CA ALA A 827 -28.21 6.20 -23.90
C ALA A 827 -29.50 5.58 -23.38
N GLU A 828 -29.38 4.50 -22.59
CA GLU A 828 -30.57 3.88 -22.00
C GLU A 828 -31.27 4.83 -21.05
N ARG A 829 -30.50 5.54 -20.22
CA ARG A 829 -31.09 6.52 -19.32
C ARG A 829 -31.88 7.57 -20.08
N LYS A 830 -31.28 8.15 -21.12
CA LYS A 830 -31.98 9.13 -21.94
C LYS A 830 -33.16 8.54 -22.67
N ALA A 831 -33.15 7.23 -22.92
CA ALA A 831 -34.29 6.59 -23.56
C ALA A 831 -35.44 6.32 -22.60
N MET A 832 -35.15 6.21 -21.29
CA MET A 832 -36.17 5.82 -20.33
C MET A 832 -37.00 6.97 -19.80
N MET A 833 -36.56 8.22 -19.97
CA MET A 833 -37.28 9.36 -19.43
C MET A 833 -38.61 9.59 -20.12
N GLU A 834 -38.83 8.98 -21.28
CA GLU A 834 -39.99 9.19 -22.11
C GLU A 834 -41.06 8.11 -21.94
N SER A 835 -40.65 6.85 -21.88
CA SER A 835 -41.57 5.74 -21.95
C SER A 835 -42.20 5.46 -20.58
N ARG A 836 -43.23 4.61 -20.61
CA ARG A 836 -43.82 4.05 -19.41
C ARG A 836 -43.49 2.57 -19.36
N LEU A 837 -42.98 2.11 -18.22
CA LEU A 837 -42.77 0.69 -18.03
C LEU A 837 -44.09 0.02 -17.69
N ILE A 838 -44.26 -1.22 -18.13
CA ILE A 838 -45.47 -1.96 -17.77
C ILE A 838 -45.09 -3.33 -17.24
N ILE A 839 -45.53 -3.63 -16.02
CA ILE A 839 -45.07 -4.78 -15.27
C ILE A 839 -46.26 -5.41 -14.56
N SER A 840 -46.32 -6.74 -14.55
CA SER A 840 -47.35 -7.47 -13.82
C SER A 840 -46.89 -7.61 -12.37
N VAL A 841 -47.37 -6.72 -11.51
CA VAL A 841 -47.06 -6.76 -10.08
C VAL A 841 -48.36 -6.84 -9.30
N GLY A 842 -48.47 -7.88 -8.47
CA GLY A 842 -49.72 -8.14 -7.77
C GLY A 842 -50.83 -8.62 -8.68
N GLY A 843 -50.50 -9.44 -9.68
CA GLY A 843 -51.47 -9.98 -10.60
C GLY A 843 -51.90 -9.06 -11.72
N LEU A 844 -51.69 -7.75 -11.58
CA LEU A 844 -52.18 -6.78 -12.54
C LEU A 844 -51.03 -6.09 -13.27
N LEU A 845 -51.30 -5.72 -14.52
CA LEU A 845 -50.38 -4.92 -15.31
C LEU A 845 -50.46 -3.47 -14.85
N ARG A 846 -49.30 -2.89 -14.54
CA ARG A 846 -49.23 -1.55 -13.98
C ARG A 846 -48.15 -0.75 -14.70
N SER A 847 -48.35 0.57 -14.74
CA SER A 847 -47.52 1.51 -15.49
C SER A 847 -46.66 2.30 -14.52
N PHE A 848 -45.37 2.39 -14.83
CA PHE A 848 -44.38 3.05 -14.00
C PHE A 848 -43.67 4.14 -14.78
N ARG A 849 -43.35 5.24 -14.09
CA ARG A 849 -42.49 6.29 -14.58
C ARG A 849 -41.19 6.30 -13.77
N PHE A 850 -40.15 6.91 -14.33
CA PHE A 850 -38.84 6.93 -13.69
C PHE A 850 -38.27 8.34 -13.68
N PHE A 851 -37.77 8.75 -12.51
CA PHE A 851 -37.01 9.99 -12.35
C PHE A 851 -35.63 9.62 -11.85
N PHE A 852 -34.60 9.95 -12.64
CA PHE A 852 -33.23 9.63 -12.30
C PHE A 852 -32.53 10.87 -11.74
N ARG A 853 -31.86 10.70 -10.61
CA ARG A 853 -31.11 11.78 -9.96
C ARG A 853 -29.69 11.30 -9.70
N GLY A 854 -28.73 11.78 -10.49
CA GLY A 854 -27.35 11.41 -10.29
C GLY A 854 -26.69 12.28 -9.26
N THR A 855 -26.55 11.76 -8.04
CA THR A 855 -26.01 12.54 -6.92
C THR A 855 -24.85 11.87 -6.21
N GLY A 856 -24.55 10.60 -6.48
CA GLY A 856 -23.48 9.91 -5.79
C GLY A 856 -22.12 10.11 -6.42
N TYR A 857 -21.82 11.35 -6.81
CA TYR A 857 -20.55 11.69 -7.44
C TYR A 857 -19.78 12.67 -6.58
N ASP A 858 -18.53 12.34 -6.28
CA ASP A 858 -17.62 13.31 -5.70
C ASP A 858 -17.32 14.41 -6.74
N GLU A 859 -16.74 15.52 -6.27
CA GLU A 859 -16.65 16.70 -7.11
C GLU A 859 -15.75 16.47 -8.32
N LYS A 860 -14.64 15.76 -8.14
CA LYS A 860 -13.75 15.44 -9.26
C LYS A 860 -14.55 14.81 -10.41
N MET A 861 -15.40 13.83 -10.07
CA MET A 861 -16.20 13.17 -11.08
C MET A 861 -17.22 14.11 -11.71
N VAL A 862 -17.83 14.98 -10.91
CA VAL A 862 -18.82 15.92 -11.45
C VAL A 862 -18.17 16.85 -12.47
N ARG A 863 -16.98 17.36 -12.14
CA ARG A 863 -16.28 18.22 -13.07
C ARG A 863 -15.86 17.46 -14.33
N GLU A 864 -15.41 16.22 -14.18
CA GLU A 864 -15.09 15.42 -15.36
C GLU A 864 -16.31 15.19 -16.23
N MET A 865 -17.48 15.05 -15.62
CA MET A 865 -18.69 14.63 -16.33
C MET A 865 -19.54 15.79 -16.83
N GLU A 866 -19.27 17.02 -16.40
CA GLU A 866 -20.05 18.17 -16.85
C GLU A 866 -19.22 19.18 -17.64
N GLY A 867 -18.01 18.82 -18.06
CA GLY A 867 -17.20 19.68 -18.90
C GLY A 867 -16.50 20.81 -18.18
N LEU A 868 -16.46 20.81 -16.86
CA LEU A 868 -15.77 21.85 -16.11
C LEU A 868 -14.33 21.45 -15.84
N GLU A 869 -13.50 22.45 -15.56
CA GLU A 869 -12.08 22.23 -15.32
C GLU A 869 -11.84 21.92 -13.86
N ALA A 870 -10.96 20.94 -13.61
CA ALA A 870 -10.78 20.37 -12.29
C ALA A 870 -9.37 20.62 -11.77
N SER A 871 -9.28 20.99 -10.50
CA SER A 871 -10.44 21.33 -9.68
C SER A 871 -10.14 22.60 -8.87
N GLY A 872 -8.86 22.94 -8.79
CA GLY A 872 -8.44 24.17 -8.16
C GLY A 872 -8.38 25.30 -9.18
N SER A 873 -9.51 25.56 -9.82
CA SER A 873 -9.59 26.51 -10.91
C SER A 873 -9.79 27.91 -10.36
N THR A 874 -9.98 28.87 -11.28
CA THR A 874 -10.51 30.17 -10.90
C THR A 874 -12.03 30.13 -10.74
N TYR A 875 -12.69 29.17 -11.39
CA TYR A 875 -14.12 28.96 -11.26
C TYR A 875 -14.33 27.77 -10.34
N ILE A 876 -14.81 28.04 -9.12
CA ILE A 876 -14.76 27.06 -8.06
C ILE A 876 -16.03 26.22 -7.97
N CYS A 877 -17.20 26.85 -8.12
CA CYS A 877 -18.46 26.17 -7.84
C CYS A 877 -18.93 25.33 -9.03
N THR A 878 -19.47 24.16 -8.72
CA THR A 878 -20.17 23.37 -9.72
C THR A 878 -21.58 23.92 -9.97
N LEU A 879 -22.16 24.59 -8.97
CA LEU A 879 -23.52 25.11 -9.06
C LEU A 879 -23.61 26.58 -9.40
N CYS A 880 -22.54 27.37 -9.25
CA CYS A 880 -22.62 28.79 -9.53
C CYS A 880 -21.46 29.20 -10.43
N ASP A 881 -21.43 30.48 -10.78
CA ASP A 881 -20.47 31.03 -11.74
C ASP A 881 -19.42 31.93 -11.10
N SER A 882 -19.44 32.08 -9.78
CA SER A 882 -18.55 33.03 -9.12
C SER A 882 -17.11 32.50 -9.10
N THR A 883 -16.17 33.42 -9.26
CA THR A 883 -14.76 33.06 -9.25
C THR A 883 -14.26 32.88 -7.81
N ARG A 884 -13.00 32.42 -7.70
CA ARG A 884 -12.43 32.14 -6.39
C ARG A 884 -12.31 33.40 -5.55
N ALA A 885 -11.67 34.43 -6.11
CA ALA A 885 -11.53 35.69 -5.37
C ALA A 885 -12.89 36.31 -5.08
N GLU A 886 -13.79 36.32 -6.07
CA GLU A 886 -15.11 36.88 -5.88
C GLU A 886 -15.87 36.20 -4.74
N ALA A 887 -15.55 34.93 -4.45
CA ALA A 887 -16.20 34.18 -3.39
C ALA A 887 -15.51 34.35 -2.04
N SER A 888 -14.60 35.32 -1.91
CA SER A 888 -14.07 35.73 -0.61
C SER A 888 -14.71 36.99 -0.09
N GLN A 889 -14.92 37.97 -0.98
CA GLN A 889 -15.53 39.23 -0.57
C GLN A 889 -16.97 39.03 -0.11
N ASN A 890 -17.76 38.30 -0.90
CA ASN A 890 -19.12 37.93 -0.53
C ASN A 890 -19.19 36.41 -0.45
N MET A 891 -19.35 35.89 0.77
CA MET A 891 -19.21 34.45 1.02
C MET A 891 -20.54 33.70 1.05
N VAL A 892 -21.68 34.40 1.13
CA VAL A 892 -22.93 33.75 1.50
C VAL A 892 -24.08 34.07 0.55
N LEU A 893 -23.87 34.86 -0.49
CA LEU A 893 -24.97 35.28 -1.37
C LEU A 893 -24.65 34.85 -2.80
N HIS A 894 -25.08 33.64 -3.15
CA HIS A 894 -24.95 33.11 -4.51
C HIS A 894 -26.14 32.22 -4.81
N SER A 895 -26.69 32.36 -6.01
CA SER A 895 -27.80 31.54 -6.46
C SER A 895 -27.31 30.48 -7.45
N ILE A 896 -28.00 29.35 -7.46
CA ILE A 896 -27.64 28.24 -8.34
C ILE A 896 -28.09 28.57 -9.77
N THR A 897 -27.16 28.49 -10.71
CA THR A 897 -27.40 28.86 -12.10
C THR A 897 -27.08 27.75 -13.08
N ARG A 898 -26.03 26.98 -12.84
CA ARG A 898 -25.55 26.02 -13.82
C ARG A 898 -26.50 24.84 -13.95
N SER A 899 -26.64 24.35 -15.17
CA SER A 899 -27.41 23.15 -15.47
C SER A 899 -26.73 22.41 -16.61
N HIS A 900 -27.13 21.15 -16.80
CA HIS A 900 -26.53 20.34 -17.85
C HIS A 900 -26.82 20.92 -19.24
N ASP A 901 -28.06 21.33 -19.47
CA ASP A 901 -28.42 21.91 -20.77
C ASP A 901 -27.63 23.17 -21.05
N GLU A 902 -27.42 24.00 -20.02
CA GLU A 902 -26.67 25.24 -20.22
C GLU A 902 -25.20 24.98 -20.47
N ASN A 903 -24.61 24.01 -19.77
CA ASN A 903 -23.24 23.62 -20.09
C ASN A 903 -23.12 23.13 -21.53
N LEU A 904 -24.10 22.34 -21.96
CA LEU A 904 -24.11 21.86 -23.34
C LEU A 904 -24.13 23.02 -24.33
N GLU A 905 -25.00 24.00 -24.11
CA GLU A 905 -25.09 25.12 -25.03
C GLU A 905 -23.94 26.12 -24.87
N ARG A 906 -23.19 26.04 -23.77
CA ARG A 906 -22.04 26.93 -23.57
C ARG A 906 -20.78 26.39 -24.25
N TYR A 907 -20.59 25.07 -24.23
CA TYR A 907 -19.43 24.58 -24.96
C TYR A 907 -19.57 24.81 -26.46
N GLU A 908 -20.80 24.93 -26.97
CA GLU A 908 -20.96 25.34 -28.36
C GLU A 908 -20.38 26.73 -28.59
N ILE A 909 -20.60 27.64 -27.63
CA ILE A 909 -19.95 28.95 -27.68
C ILE A 909 -18.44 28.80 -27.69
N TRP A 910 -17.92 27.91 -26.84
CA TRP A 910 -16.46 27.73 -26.77
C TRP A 910 -15.90 27.22 -28.09
N ARG A 911 -16.59 26.25 -28.71
CA ARG A 911 -16.06 25.63 -29.93
C ARG A 911 -16.20 26.56 -31.13
N LYS A 912 -17.38 27.15 -31.32
CA LYS A 912 -17.59 27.99 -32.48
C LYS A 912 -16.91 29.35 -32.34
N ASN A 913 -16.80 29.87 -31.11
CA ASN A 913 -16.25 31.19 -30.83
C ASN A 913 -16.91 32.23 -31.73
N PRO A 914 -18.21 32.51 -31.52
CA PRO A 914 -18.94 33.34 -32.49
C PRO A 914 -18.65 34.82 -32.41
N PHE A 915 -17.91 35.29 -31.40
CA PHE A 915 -17.59 36.70 -31.26
C PHE A 915 -16.10 36.98 -31.42
N SER A 916 -15.30 35.96 -31.71
CA SER A 916 -13.90 36.11 -32.08
C SER A 916 -13.11 36.87 -31.02
N GLU A 917 -13.03 36.27 -29.83
CA GLU A 917 -12.25 36.80 -28.73
C GLU A 917 -11.10 35.85 -28.40
N SER A 918 -10.19 36.34 -27.57
CA SER A 918 -9.00 35.57 -27.22
C SER A 918 -9.37 34.40 -26.31
N ALA A 919 -8.34 33.66 -25.87
CA ALA A 919 -8.58 32.49 -25.03
C ALA A 919 -9.17 32.87 -23.69
N ASP A 920 -8.61 33.90 -23.04
CA ASP A 920 -9.06 34.26 -21.70
C ASP A 920 -10.41 34.96 -21.72
N GLU A 921 -10.62 35.88 -22.67
CA GLU A 921 -11.92 36.53 -22.80
C GLU A 921 -13.00 35.49 -23.09
N LEU A 922 -12.69 34.50 -23.92
CA LEU A 922 -13.65 33.45 -24.24
C LEU A 922 -13.93 32.58 -23.02
N ARG A 923 -12.89 32.21 -22.27
CA ARG A 923 -13.10 31.43 -21.05
C ARG A 923 -13.98 32.19 -20.06
N ASP A 924 -13.76 33.50 -19.94
CA ASP A 924 -14.62 34.31 -19.08
C ASP A 924 -16.05 34.31 -19.58
N ARG A 925 -16.25 34.48 -20.89
CA ARG A 925 -17.58 34.44 -21.46
C ARG A 925 -18.28 33.13 -21.16
N VAL A 926 -17.54 32.02 -21.21
CA VAL A 926 -18.13 30.69 -21.07
C VAL A 926 -18.01 30.16 -19.65
N LYS A 927 -17.39 30.91 -18.74
CA LYS A 927 -17.28 30.53 -17.33
C LYS A 927 -16.60 29.17 -17.16
N GLY A 928 -15.70 28.84 -18.06
CA GLY A 928 -14.87 27.66 -17.90
C GLY A 928 -15.45 26.37 -18.44
N VAL A 929 -16.28 26.44 -19.46
CA VAL A 929 -16.81 25.25 -20.11
C VAL A 929 -16.01 25.09 -21.41
N SER A 930 -14.94 24.30 -21.35
CA SER A 930 -14.09 24.05 -22.49
C SER A 930 -14.16 22.61 -23.00
N ALA A 931 -14.86 21.73 -22.29
CA ALA A 931 -15.10 20.37 -22.73
C ALA A 931 -16.59 20.15 -22.87
N LYS A 932 -16.97 19.18 -23.68
CA LYS A 932 -18.39 18.89 -23.90
C LYS A 932 -18.92 18.07 -22.74
N PRO A 933 -19.96 18.53 -22.04
CA PRO A 933 -20.56 17.71 -20.98
C PRO A 933 -21.17 16.44 -21.56
N PHE A 934 -21.00 15.34 -20.82
CA PHE A 934 -21.29 14.01 -21.33
C PHE A 934 -22.42 13.30 -20.59
N MET A 935 -22.70 13.67 -19.34
CA MET A 935 -23.72 13.00 -18.54
C MET A 935 -24.42 14.02 -17.66
N GLU A 936 -25.75 14.02 -17.68
CA GLU A 936 -26.51 14.93 -16.85
C GLU A 936 -26.32 14.58 -15.37
N THR A 937 -26.06 15.60 -14.55
CA THR A 937 -25.82 15.42 -13.13
C THR A 937 -26.71 16.39 -12.37
N GLN A 938 -27.36 15.89 -11.33
CA GLN A 938 -28.24 16.72 -10.52
C GLN A 938 -27.44 17.82 -9.84
N PRO A 939 -27.90 19.07 -9.87
CA PRO A 939 -27.16 20.16 -9.21
C PRO A 939 -27.30 20.12 -7.69
N THR A 940 -26.48 19.32 -7.02
CA THR A 940 -26.56 19.18 -5.57
C THR A 940 -25.15 19.05 -5.00
N LEU A 941 -25.09 18.64 -3.73
CA LEU A 941 -23.86 18.56 -2.94
C LEU A 941 -23.65 17.12 -2.47
N ASP A 942 -22.41 16.81 -2.10
CA ASP A 942 -22.03 15.50 -1.58
C ASP A 942 -21.73 15.65 -0.09
N ALA A 943 -22.55 15.01 0.75
CA ALA A 943 -22.42 15.21 2.20
C ALA A 943 -21.11 14.67 2.74
N LEU A 944 -20.72 13.47 2.32
CA LEU A 944 -19.54 12.81 2.89
C LEU A 944 -18.27 13.58 2.56
N HIS A 945 -18.04 13.86 1.28
CA HIS A 945 -16.81 14.54 0.89
C HIS A 945 -16.80 15.98 1.38
N CYS A 946 -17.97 16.61 1.50
CA CYS A 946 -18.06 17.93 2.13
C CYS A 946 -17.60 17.86 3.59
N ASP A 947 -18.07 16.86 4.32
CA ASP A 947 -17.61 16.64 5.69
C ASP A 947 -16.08 16.54 5.74
N ILE A 948 -15.52 15.67 4.91
CA ILE A 948 -14.08 15.42 4.97
C ILE A 948 -13.29 16.68 4.61
N GLY A 949 -13.77 17.43 3.62
CA GLY A 949 -13.09 18.66 3.25
C GLY A 949 -13.11 19.71 4.35
N ASN A 950 -14.28 19.93 4.94
CA ASN A 950 -14.35 20.92 6.02
C ASN A 950 -13.51 20.49 7.21
N ALA A 951 -13.43 19.18 7.47
CA ALA A 951 -12.61 18.71 8.58
C ALA A 951 -11.13 18.95 8.31
N THR A 952 -10.66 18.68 7.09
CA THR A 952 -9.26 18.95 6.80
C THR A 952 -8.96 20.45 6.86
N GLU A 953 -9.93 21.29 6.49
CA GLU A 953 -9.73 22.73 6.61
C GLU A 953 -9.58 23.15 8.07
N PHE A 954 -10.44 22.64 8.94
CA PHE A 954 -10.32 22.96 10.37
C PHE A 954 -9.03 22.40 10.96
N TYR A 955 -8.58 21.24 10.48
CA TYR A 955 -7.29 20.70 10.89
C TYR A 955 -6.18 21.71 10.58
N LYS A 956 -6.19 22.25 9.36
CA LYS A 956 -5.19 23.26 9.01
C LYS A 956 -5.31 24.51 9.88
N ILE A 957 -6.55 24.90 10.22
CA ILE A 957 -6.74 26.09 11.05
C ILE A 957 -6.15 25.88 12.45
N PHE A 958 -6.41 24.70 13.05
CA PHE A 958 -5.79 24.39 14.33
C PHE A 958 -4.28 24.41 14.24
N GLN A 959 -3.74 23.85 13.16
CA GLN A 959 -2.30 23.87 12.95
C GLN A 959 -1.76 25.29 12.90
N ASP A 960 -2.50 26.20 12.26
CA ASP A 960 -2.10 27.59 12.17
C ASP A 960 -2.48 28.41 13.40
N GLU A 961 -3.14 27.80 14.38
CA GLU A 961 -3.34 28.46 15.66
C GLU A 961 -2.39 27.99 16.75
N ILE A 962 -1.84 26.77 16.66
CA ILE A 962 -0.81 26.35 17.60
C ILE A 962 0.41 27.24 17.45
N GLY A 963 0.97 27.30 16.24
CA GLY A 963 1.77 28.44 15.87
C GLY A 963 0.89 29.63 15.59
N GLU A 964 1.37 30.82 15.91
CA GLU A 964 0.56 32.03 15.77
C GLU A 964 0.91 32.71 14.45
N VAL A 965 0.33 32.18 13.38
CA VAL A 965 0.67 32.58 12.02
C VAL A 965 -0.13 33.81 11.62
N TYR A 966 -0.87 34.38 12.56
CA TYR A 966 -1.52 35.66 12.34
C TYR A 966 -0.64 36.84 12.75
N GLN A 967 0.49 36.58 13.41
CA GLN A 967 1.51 37.58 13.67
C GLN A 967 2.75 37.36 12.82
N LYS A 968 3.25 36.12 12.76
CA LYS A 968 4.42 35.76 11.98
C LYS A 968 3.94 35.15 10.67
N PRO A 969 3.80 35.96 9.62
CA PRO A 969 3.05 35.50 8.43
C PRO A 969 3.77 34.47 7.58
N ASN A 970 5.07 34.28 7.76
CA ASN A 970 5.84 33.34 6.95
C ASN A 970 6.75 32.51 7.85
N PRO A 971 6.34 31.30 8.22
CA PRO A 971 7.22 30.40 8.97
C PRO A 971 7.98 29.46 8.05
N SER A 972 8.90 28.71 8.64
CA SER A 972 9.67 27.71 7.91
C SER A 972 8.84 26.45 7.73
N ARG A 973 9.43 25.46 7.05
CA ARG A 973 8.76 24.18 6.88
C ARG A 973 8.95 23.28 8.09
N GLU A 974 10.11 23.36 8.74
CA GLU A 974 10.34 22.55 9.94
C GLU A 974 9.50 23.03 11.11
N GLU A 975 9.20 24.32 11.18
CA GLU A 975 8.29 24.81 12.22
C GLU A 975 6.87 24.29 11.98
N ARG A 976 6.42 24.27 10.72
CA ARG A 976 5.10 23.71 10.42
C ARG A 976 5.05 22.22 10.75
N ARG A 977 6.13 21.49 10.44
CA ARG A 977 6.20 20.08 10.80
C ARG A 977 6.17 19.90 12.31
N ARG A 978 6.86 20.77 13.05
CA ARG A 978 6.87 20.68 14.50
CA ARG A 978 6.87 20.68 14.50
C ARG A 978 5.49 20.95 15.08
N TRP A 979 4.77 21.92 14.52
CA TRP A 979 3.40 22.19 14.95
C TRP A 979 2.50 20.99 14.67
N ARG A 980 2.67 20.36 13.51
CA ARG A 980 1.92 19.15 13.21
C ARG A 980 2.18 18.07 14.25
N SER A 981 3.45 17.89 14.63
CA SER A 981 3.80 16.90 15.64
C SER A 981 3.09 17.19 16.96
N THR A 982 3.13 18.44 17.42
CA THR A 982 2.51 18.74 18.71
C THR A 982 0.99 18.58 18.66
N LEU A 983 0.37 18.96 17.53
CA LEU A 983 -1.09 18.79 17.41
C LEU A 983 -1.47 17.32 17.43
N ASP A 984 -0.73 16.48 16.71
CA ASP A 984 -1.04 15.06 16.68
C ASP A 984 -0.83 14.42 18.04
N LYS A 985 0.22 14.83 18.77
CA LYS A 985 0.41 14.27 20.11
C LYS A 985 -0.73 14.67 21.04
N GLN A 986 -1.15 15.94 21.00
CA GLN A 986 -2.27 16.36 21.84
C GLN A 986 -3.54 15.59 21.49
N LEU A 987 -3.83 15.45 20.20
CA LEU A 987 -5.02 14.71 19.78
C LEU A 987 -4.88 13.21 20.00
N ARG A 988 -3.68 12.73 20.32
CA ARG A 988 -3.56 11.35 20.78
C ARG A 988 -3.84 11.23 22.28
N LYS A 989 -3.38 12.20 23.07
CA LYS A 989 -3.63 12.14 24.51
C LYS A 989 -5.12 12.25 24.81
N LYS A 990 -5.73 13.36 24.44
CA LYS A 990 -7.18 13.52 24.47
C LYS A 990 -7.74 13.27 23.08
N MET A 991 -9.03 12.89 23.04
CA MET A 991 -9.75 12.55 21.82
C MET A 991 -9.29 11.21 21.26
N LYS A 992 -8.22 10.66 21.83
CA LYS A 992 -7.74 9.31 21.55
C LYS A 992 -7.74 8.99 20.06
N LEU A 993 -7.08 9.84 19.28
CA LEU A 993 -6.93 9.64 17.85
C LEU A 993 -5.48 9.38 17.50
N LYS A 994 -5.26 8.52 16.54
CA LYS A 994 -3.95 8.41 15.93
C LYS A 994 -3.84 9.36 14.74
N PRO A 995 -2.65 9.82 14.38
CA PRO A 995 -2.51 10.62 13.17
C PRO A 995 -2.78 9.77 11.93
N VAL A 996 -3.41 10.38 10.94
CA VAL A 996 -3.85 9.67 9.74
C VAL A 996 -3.07 10.17 8.54
N MET A 997 -2.75 9.25 7.62
CA MET A 997 -2.18 9.65 6.35
C MET A 997 -3.11 10.61 5.61
N ARG A 998 -4.37 10.22 5.45
CA ARG A 998 -5.37 11.02 4.78
C ARG A 998 -6.60 11.17 5.67
N MET A 999 -7.30 12.29 5.49
CA MET A 999 -8.52 12.54 6.24
C MET A 999 -9.64 11.63 5.72
N ASN A 1000 -10.20 10.82 6.61
CA ASN A 1000 -11.34 9.97 6.29
C ASN A 1000 -12.55 10.38 7.12
N GLY A 1001 -13.66 9.68 6.88
CA GLY A 1001 -14.93 10.13 7.45
C GLY A 1001 -14.98 10.02 8.97
N ASN A 1002 -14.53 8.89 9.52
CA ASN A 1002 -14.61 8.68 10.96
C ASN A 1002 -13.77 9.70 11.72
N TYR A 1003 -12.55 9.95 11.24
CA TYR A 1003 -11.71 10.98 11.84
C TYR A 1003 -12.38 12.34 11.78
N ALA A 1004 -13.00 12.66 10.65
CA ALA A 1004 -13.73 13.92 10.52
C ALA A 1004 -14.87 14.00 11.52
N ARG A 1005 -15.55 12.87 11.77
CA ARG A 1005 -16.66 12.85 12.71
C ARG A 1005 -16.16 13.13 14.12
N ARG A 1006 -15.09 12.46 14.53
CA ARG A 1006 -14.61 12.63 15.90
C ARG A 1006 -13.85 13.93 16.10
N LEU A 1007 -13.34 14.55 15.02
CA LEU A 1007 -12.51 15.74 15.17
C LEU A 1007 -13.36 17.01 15.31
N MET A 1008 -14.45 17.10 14.57
CA MET A 1008 -15.29 18.30 14.61
C MET A 1008 -16.34 18.21 15.72
N THR A 1009 -15.86 17.91 16.92
CA THR A 1009 -16.65 17.97 18.14
C THR A 1009 -16.17 19.15 18.98
N ARG A 1010 -16.98 19.52 19.96
CA ARG A 1010 -16.62 20.68 20.80
C ARG A 1010 -15.47 20.34 21.73
N GLU A 1011 -15.43 19.10 22.24
CA GLU A 1011 -14.39 18.71 23.17
C GLU A 1011 -13.03 18.62 22.49
N ALA A 1012 -12.99 18.27 21.20
CA ALA A 1012 -11.72 18.28 20.47
C ALA A 1012 -11.17 19.69 20.34
N VAL A 1013 -12.04 20.65 20.03
CA VAL A 1013 -11.62 22.05 19.99
C VAL A 1013 -11.10 22.49 21.34
N GLU A 1014 -11.76 22.07 22.43
CA GLU A 1014 -11.26 22.44 23.74
C GLU A 1014 -9.94 21.75 24.06
N ALA A 1015 -9.71 20.56 23.51
CA ALA A 1015 -8.39 19.93 23.66
C ALA A 1015 -7.33 20.68 22.86
N VAL A 1016 -7.75 21.37 21.80
CA VAL A 1016 -6.80 22.16 21.01
C VAL A 1016 -6.50 23.51 21.69
N CYS A 1017 -7.53 24.13 22.27
CA CYS A 1017 -7.36 25.44 22.91
C CYS A 1017 -6.34 25.42 24.04
N GLU A 1018 -6.13 24.25 24.64
CA GLU A 1018 -5.09 24.07 25.64
C GLU A 1018 -3.70 24.37 25.08
N LEU A 1019 -3.55 24.37 23.75
CA LEU A 1019 -2.29 24.70 23.11
C LEU A 1019 -2.23 26.13 22.60
N VAL A 1020 -3.36 26.75 22.30
CA VAL A 1020 -3.41 28.15 21.86
C VAL A 1020 -3.09 29.04 23.05
N PRO A 1021 -2.06 29.90 22.96
CA PRO A 1021 -1.63 30.67 24.13
C PRO A 1021 -2.60 31.74 24.63
N SER A 1022 -2.97 32.68 23.77
CA SER A 1022 -3.67 33.89 24.20
C SER A 1022 -5.18 33.71 24.05
N GLU A 1023 -5.91 34.02 25.13
CA GLU A 1023 -7.31 33.66 25.34
C GLU A 1023 -8.31 34.42 24.42
N GLU A 1024 -7.92 35.17 23.40
CA GLU A 1024 -8.93 35.70 22.49
C GLU A 1024 -9.18 34.76 21.31
N ARG A 1025 -8.10 34.29 20.67
CA ARG A 1025 -8.27 33.32 19.59
C ARG A 1025 -8.87 32.02 20.10
N ARG A 1026 -8.69 31.72 21.39
CA ARG A 1026 -9.31 30.53 21.99
C ARG A 1026 -10.81 30.57 21.78
N GLU A 1027 -11.49 31.59 22.35
CA GLU A 1027 -12.91 31.76 22.17
C GLU A 1027 -13.28 31.99 20.71
N ALA A 1028 -12.40 32.61 19.96
CA ALA A 1028 -12.65 32.82 18.55
C ALA A 1028 -12.95 31.51 17.84
N LEU A 1029 -12.01 30.56 17.89
CA LEU A 1029 -12.27 29.31 17.19
C LEU A 1029 -13.25 28.41 17.95
N LEU A 1030 -13.45 28.62 19.27
CA LEU A 1030 -14.52 27.89 19.95
C LEU A 1030 -15.88 28.29 19.41
N LYS A 1031 -16.14 29.60 19.32
CA LYS A 1031 -17.31 30.14 18.67
C LYS A 1031 -17.43 29.62 17.23
N LEU A 1032 -16.31 29.57 16.51
CA LEU A 1032 -16.32 29.03 15.16
C LEU A 1032 -16.87 27.59 15.15
N MET A 1033 -16.35 26.75 16.04
CA MET A 1033 -16.75 25.34 16.03
C MET A 1033 -18.22 25.17 16.40
N ASP A 1034 -18.70 25.92 17.39
CA ASP A 1034 -20.10 25.73 17.75
C ASP A 1034 -21.03 26.28 16.68
N LEU A 1035 -20.63 27.37 16.01
CA LEU A 1035 -21.37 27.83 14.84
C LEU A 1035 -21.44 26.73 13.78
N TYR A 1036 -20.33 26.06 13.52
CA TYR A 1036 -20.30 25.00 12.52
C TYR A 1036 -21.22 23.84 12.90
N LEU A 1037 -21.24 23.49 14.19
CA LEU A 1037 -22.10 22.42 14.65
C LEU A 1037 -23.58 22.80 14.62
N GLN A 1038 -23.89 24.10 14.68
CA GLN A 1038 -25.28 24.51 14.54
C GLN A 1038 -25.81 24.36 13.11
N MET A 1039 -24.95 24.05 12.13
CA MET A 1039 -25.38 23.95 10.74
C MET A 1039 -25.00 22.64 10.05
N LYS A 1040 -24.16 21.81 10.66
CA LYS A 1040 -23.87 20.47 10.11
C LYS A 1040 -25.11 19.59 9.94
N PRO A 1041 -26.03 19.48 10.91
CA PRO A 1041 -27.16 18.54 10.76
C PRO A 1041 -28.09 18.91 9.62
N VAL A 1042 -28.04 20.14 9.11
CA VAL A 1042 -28.93 20.50 8.01
C VAL A 1042 -28.56 19.75 6.74
N TRP A 1043 -27.28 19.53 6.50
CA TRP A 1043 -26.86 18.81 5.31
C TRP A 1043 -26.52 17.35 5.57
N ARG A 1044 -26.51 16.89 6.82
CA ARG A 1044 -26.35 15.44 6.96
C ARG A 1044 -27.59 14.69 7.44
N SER A 1045 -28.70 15.38 7.71
CA SER A 1045 -29.93 14.68 8.10
C SER A 1045 -30.64 14.08 6.88
N THR A 1046 -31.32 12.95 7.11
CA THR A 1046 -32.10 12.33 6.05
C THR A 1046 -33.32 13.17 5.69
N CYS A 1047 -33.90 13.86 6.66
CA CYS A 1047 -34.98 14.83 6.41
C CYS A 1047 -34.82 15.96 7.42
N PRO A 1048 -34.28 17.11 7.00
CA PRO A 1048 -34.01 18.18 7.97
C PRO A 1048 -35.25 18.91 8.44
N SER A 1049 -36.28 19.03 7.59
CA SER A 1049 -37.49 19.75 7.97
C SER A 1049 -38.24 19.06 9.10
N ARG A 1050 -38.05 17.76 9.27
CA ARG A 1050 -38.68 17.00 10.34
C ARG A 1050 -37.73 16.72 11.50
N ASP A 1051 -36.45 16.51 11.20
CA ASP A 1051 -35.48 16.08 12.23
C ASP A 1051 -34.93 17.26 13.01
N CYS A 1052 -34.45 18.30 12.32
CA CYS A 1052 -33.88 19.49 12.95
C CYS A 1052 -34.45 20.75 12.31
N PRO A 1053 -35.75 21.02 12.53
CA PRO A 1053 -36.39 22.11 11.79
C PRO A 1053 -35.86 23.49 12.12
N ASP A 1054 -35.54 23.77 13.38
CA ASP A 1054 -35.11 25.11 13.75
C ASP A 1054 -33.74 25.44 13.18
N GLN A 1055 -32.85 24.45 13.11
CA GLN A 1055 -31.56 24.69 12.47
C GLN A 1055 -31.72 24.91 10.98
N LEU A 1056 -32.69 24.25 10.35
CA LEU A 1056 -33.06 24.58 8.97
C LEU A 1056 -33.47 26.04 8.89
N CYS A 1057 -34.31 26.50 9.81
CA CYS A 1057 -34.78 27.88 9.76
C CYS A 1057 -33.64 28.88 9.98
N GLN A 1058 -32.72 28.55 10.89
CA GLN A 1058 -31.68 29.48 11.30
C GLN A 1058 -30.39 29.37 10.48
N TYR A 1059 -30.45 28.75 9.30
CA TYR A 1059 -29.22 28.46 8.57
C TYR A 1059 -28.61 29.72 7.96
N SER A 1060 -29.44 30.58 7.36
CA SER A 1060 -28.93 31.78 6.71
C SER A 1060 -28.12 32.63 7.68
N TYR A 1061 -28.70 32.91 8.84
CA TYR A 1061 -28.07 33.77 9.84
C TYR A 1061 -26.81 33.14 10.43
N ASN A 1062 -26.86 31.84 10.69
CA ASN A 1062 -25.69 31.12 11.20
C ASN A 1062 -24.53 31.18 10.21
N SER A 1063 -24.79 30.89 8.94
CA SER A 1063 -23.74 30.95 7.94
C SER A 1063 -23.22 32.37 7.76
N GLN A 1064 -24.11 33.37 7.89
CA GLN A 1064 -23.67 34.76 7.85
C GLN A 1064 -22.60 35.01 8.93
N GLN A 1065 -22.89 34.60 10.16
CA GLN A 1065 -21.92 34.86 11.23
C GLN A 1065 -20.63 34.05 11.04
N PHE A 1066 -20.75 32.80 10.55
CA PHE A 1066 -19.56 32.01 10.26
C PHE A 1066 -18.66 32.75 9.28
N ALA A 1067 -19.25 33.23 8.19
CA ALA A 1067 -18.49 33.96 7.18
C ALA A 1067 -17.86 35.21 7.77
N ASP A 1068 -18.58 35.93 8.62
CA ASP A 1068 -18.00 37.17 9.12
C ASP A 1068 -16.89 36.91 10.14
N LEU A 1069 -17.00 35.82 10.92
CA LEU A 1069 -15.91 35.47 11.81
C LEU A 1069 -14.65 35.14 11.02
N LEU A 1070 -14.80 34.37 9.94
CA LEU A 1070 -13.67 34.13 9.04
C LEU A 1070 -13.11 35.45 8.51
N SER A 1071 -13.99 36.34 8.06
CA SER A 1071 -13.55 37.61 7.50
C SER A 1071 -12.76 38.42 8.51
N SER A 1072 -13.20 38.42 9.77
CA SER A 1072 -12.61 39.31 10.77
C SER A 1072 -11.31 38.73 11.33
N MET A 1073 -11.39 37.59 12.00
CA MET A 1073 -10.26 37.16 12.81
C MET A 1073 -9.47 36.01 12.20
N PHE A 1074 -9.72 35.68 10.92
CA PHE A 1074 -8.87 34.77 10.18
C PHE A 1074 -8.53 35.32 8.80
N LYS A 1075 -8.57 36.66 8.65
CA LYS A 1075 -8.32 37.27 7.35
C LYS A 1075 -6.94 36.94 6.81
N TYR A 1076 -5.98 36.65 7.70
CA TYR A 1076 -4.65 36.23 7.26
C TYR A 1076 -4.71 34.97 6.42
N ARG A 1077 -5.80 34.20 6.50
CA ARG A 1077 -5.94 32.95 5.77
C ARG A 1077 -6.89 33.04 4.60
N TYR A 1078 -7.96 33.83 4.72
CA TYR A 1078 -9.02 33.89 3.72
C TYR A 1078 -9.11 35.28 3.09
N ASP A 1079 -7.95 35.86 2.76
CA ASP A 1079 -7.94 37.16 2.09
C ASP A 1079 -8.53 37.05 0.69
N GLY A 1080 -8.08 36.05 -0.07
CA GLY A 1080 -8.61 35.82 -1.40
C GLY A 1080 -8.73 34.35 -1.75
N LYS A 1081 -8.54 33.48 -0.75
CA LYS A 1081 -8.53 32.05 -0.96
C LYS A 1081 -9.59 31.39 -0.09
N ILE A 1082 -10.34 30.45 -0.69
CA ILE A 1082 -11.32 29.63 0.00
C ILE A 1082 -11.30 28.26 -0.65
N THR A 1083 -11.65 27.24 0.13
CA THR A 1083 -11.86 25.90 -0.42
C THR A 1083 -13.27 25.78 -0.97
N ASN A 1084 -13.40 24.97 -2.03
CA ASN A 1084 -14.67 24.89 -2.75
C ASN A 1084 -15.80 24.41 -1.85
N TYR A 1085 -15.54 23.40 -1.02
CA TYR A 1085 -16.58 22.87 -0.17
C TYR A 1085 -17.02 23.88 0.89
N LEU A 1086 -16.11 24.74 1.35
CA LEU A 1086 -16.52 25.81 2.25
C LEU A 1086 -17.49 26.76 1.56
N HIS A 1087 -17.22 27.11 0.30
CA HIS A 1087 -18.13 27.95 -0.46
C HIS A 1087 -19.50 27.29 -0.60
N LYS A 1088 -19.52 26.02 -0.99
CA LYS A 1088 -20.79 25.31 -1.12
C LYS A 1088 -21.54 25.26 0.21
N THR A 1089 -20.83 24.94 1.29
CA THR A 1089 -21.42 24.83 2.62
C THR A 1089 -21.99 26.16 3.09
N LEU A 1090 -21.39 27.27 2.66
CA LEU A 1090 -21.82 28.58 3.16
C LEU A 1090 -22.83 29.28 2.26
N ALA A 1091 -22.94 28.91 0.99
CA ALA A 1091 -23.76 29.69 0.07
C ALA A 1091 -24.97 28.96 -0.52
N HIS A 1092 -24.94 27.63 -0.61
CA HIS A 1092 -25.94 26.92 -1.41
C HIS A 1092 -26.81 25.92 -0.64
N VAL A 1093 -26.55 25.71 0.65
CA VAL A 1093 -27.29 24.67 1.38
C VAL A 1093 -28.79 24.93 1.44
N PRO A 1094 -29.27 26.13 1.82
CA PRO A 1094 -30.73 26.31 1.99
C PRO A 1094 -31.53 26.04 0.73
N GLU A 1095 -31.10 26.59 -0.42
CA GLU A 1095 -31.88 26.39 -1.62
C GLU A 1095 -31.82 24.94 -2.09
N ILE A 1096 -30.69 24.24 -1.86
CA ILE A 1096 -30.64 22.82 -2.17
C ILE A 1096 -31.68 22.06 -1.36
N VAL A 1097 -31.69 22.26 -0.04
CA VAL A 1097 -32.63 21.48 0.77
C VAL A 1097 -34.07 21.90 0.53
N GLU A 1098 -34.31 23.12 0.03
CA GLU A 1098 -35.68 23.50 -0.29
C GLU A 1098 -36.11 23.02 -1.67
N ARG A 1099 -35.16 22.76 -2.57
CA ARG A 1099 -35.51 22.25 -3.89
C ARG A 1099 -35.66 20.73 -3.88
N ASP A 1100 -34.78 20.02 -3.18
CA ASP A 1100 -34.76 18.57 -3.19
C ASP A 1100 -35.43 17.96 -1.97
N GLY A 1101 -35.35 18.61 -0.81
CA GLY A 1101 -35.92 18.05 0.40
C GLY A 1101 -34.85 17.63 1.40
N SER A 1102 -33.73 17.12 0.91
CA SER A 1102 -32.66 16.66 1.77
C SER A 1102 -31.33 16.73 1.02
N ILE A 1103 -30.25 16.55 1.77
CA ILE A 1103 -28.90 16.46 1.21
C ILE A 1103 -28.23 15.15 1.59
N GLY A 1104 -28.25 14.81 2.88
CA GLY A 1104 -27.61 13.59 3.35
C GLY A 1104 -28.21 12.31 2.81
N ALA A 1105 -29.49 12.34 2.43
CA ALA A 1105 -30.13 11.14 1.87
C ALA A 1105 -29.59 10.77 0.50
N TRP A 1106 -29.00 11.73 -0.22
CA TRP A 1106 -28.50 11.51 -1.57
C TRP A 1106 -26.97 11.52 -1.62
N ALA A 1107 -26.32 11.11 -0.53
CA ALA A 1107 -24.88 11.25 -0.42
C ALA A 1107 -24.17 10.09 -1.11
N SER A 1108 -22.84 10.20 -1.18
CA SER A 1108 -21.98 9.18 -1.74
C SER A 1108 -21.66 8.07 -0.74
N GLU A 1109 -22.34 8.04 0.41
CA GLU A 1109 -21.96 7.12 1.48
C GLU A 1109 -22.22 5.66 1.08
N GLY A 1110 -23.38 5.37 0.49
CA GLY A 1110 -23.70 3.99 0.14
C GLY A 1110 -22.76 3.39 -0.88
N ASN A 1111 -22.35 4.18 -1.87
CA ASN A 1111 -21.45 3.69 -2.91
C ASN A 1111 -20.08 3.33 -2.34
N GLU A 1112 -19.49 4.26 -1.58
CA GLU A 1112 -18.22 3.97 -0.92
C GLU A 1112 -18.38 2.77 0.01
N SER A 1113 -19.54 2.63 0.65
CA SER A 1113 -19.78 1.45 1.48
C SER A 1113 -19.76 0.17 0.65
N GLY A 1114 -20.25 0.25 -0.59
CA GLY A 1114 -20.23 -0.92 -1.48
C GLY A 1114 -18.85 -1.27 -2.01
N ASN A 1115 -17.94 -0.31 -2.06
CA ASN A 1115 -16.56 -0.61 -2.46
C ASN A 1115 -15.95 -1.68 -1.54
N LYS A 1116 -16.26 -1.61 -0.23
CA LYS A 1116 -15.83 -2.63 0.72
C LYS A 1116 -16.28 -4.02 0.28
N LEU A 1117 -17.54 -4.14 -0.11
CA LEU A 1117 -18.06 -5.41 -0.59
C LEU A 1117 -17.36 -5.85 -1.86
N PHE A 1118 -17.04 -4.90 -2.75
CA PHE A 1118 -16.30 -5.25 -3.96
C PHE A 1118 -15.01 -5.97 -3.60
N ARG A 1119 -14.22 -5.39 -2.70
CA ARG A 1119 -12.96 -6.02 -2.30
C ARG A 1119 -13.20 -7.39 -1.67
N ARG A 1120 -14.15 -7.45 -0.72
CA ARG A 1120 -14.48 -8.70 -0.05
C ARG A 1120 -14.78 -9.83 -1.05
N PHE A 1121 -15.72 -9.57 -1.96
CA PHE A 1121 -16.20 -10.62 -2.84
C PHE A 1121 -15.15 -10.97 -3.91
N ARG A 1122 -14.38 -9.99 -4.39
CA ARG A 1122 -13.30 -10.34 -5.30
C ARG A 1122 -12.32 -11.29 -4.62
N LYS A 1123 -12.07 -11.08 -3.33
CA LYS A 1123 -11.12 -11.96 -2.66
C LYS A 1123 -11.71 -13.34 -2.38
N MET A 1124 -13.00 -13.45 -2.06
CA MET A 1124 -13.50 -14.73 -1.57
C MET A 1124 -14.76 -15.29 -2.22
N ASN A 1125 -15.32 -14.64 -3.26
CA ASN A 1125 -16.61 -15.09 -3.79
C ASN A 1125 -16.62 -15.12 -5.32
N ALA A 1126 -15.47 -15.33 -5.93
CA ALA A 1126 -15.40 -15.37 -7.38
C ALA A 1126 -14.30 -16.28 -7.89
N ARG A 1127 -14.42 -16.71 -9.15
CA ARG A 1127 -13.41 -17.55 -9.77
C ARG A 1127 -12.19 -16.68 -9.92
N GLN A 1128 -11.01 -17.23 -9.66
CA GLN A 1128 -9.81 -16.42 -9.75
C GLN A 1128 -9.24 -16.34 -11.17
N SER A 1129 -9.94 -15.68 -12.07
CA SER A 1129 -9.48 -15.51 -13.45
C SER A 1129 -9.91 -14.15 -13.99
N LYS A 1130 -9.14 -13.57 -14.91
CA LYS A 1130 -9.53 -12.29 -15.48
C LYS A 1130 -10.82 -12.38 -16.29
N THR A 1131 -11.08 -13.52 -16.92
CA THR A 1131 -12.24 -13.67 -17.78
C THR A 1131 -13.54 -13.78 -17.01
N PHE A 1132 -13.49 -14.15 -15.73
CA PHE A 1132 -14.70 -14.51 -14.99
C PHE A 1132 -14.92 -13.73 -13.70
N GLU A 1133 -13.90 -13.06 -13.15
CA GLU A 1133 -14.02 -12.48 -11.82
C GLU A 1133 -15.12 -11.42 -11.76
N LEU A 1134 -15.22 -10.56 -12.78
CA LEU A 1134 -16.25 -9.53 -12.78
C LEU A 1134 -17.64 -10.14 -12.94
N GLU A 1135 -17.75 -11.16 -13.80
CA GLU A 1135 -19.02 -11.83 -14.03
C GLU A 1135 -19.56 -12.47 -12.76
N ASP A 1136 -18.68 -12.82 -11.81
CA ASP A 1136 -19.09 -13.39 -10.54
C ASP A 1136 -19.34 -12.33 -9.49
N ILE A 1137 -18.46 -11.34 -9.40
CA ILE A 1137 -18.65 -10.26 -8.44
C ILE A 1137 -19.97 -9.56 -8.68
N LEU A 1138 -20.30 -9.28 -9.95
CA LEU A 1138 -21.53 -8.58 -10.25
C LEU A 1138 -22.75 -9.36 -9.78
N LYS A 1139 -22.81 -10.66 -10.09
CA LYS A 1139 -23.97 -11.47 -9.74
C LYS A 1139 -24.12 -11.60 -8.23
N HIS A 1140 -23.03 -11.95 -7.54
CA HIS A 1140 -23.13 -12.13 -6.09
C HIS A 1140 -23.44 -10.81 -5.40
N HIS A 1141 -22.88 -9.71 -5.88
CA HIS A 1141 -23.21 -8.40 -5.34
C HIS A 1141 -24.68 -8.07 -5.54
N TRP A 1142 -25.23 -8.42 -6.70
CA TRP A 1142 -26.65 -8.19 -6.94
C TRP A 1142 -27.51 -9.02 -6.00
N LEU A 1143 -27.09 -10.25 -5.71
CA LEU A 1143 -27.85 -11.07 -4.78
C LEU A 1143 -27.80 -10.51 -3.36
N TYR A 1144 -26.61 -10.06 -2.93
CA TYR A 1144 -26.44 -9.58 -1.56
C TYR A 1144 -27.31 -8.36 -1.23
N THR A 1145 -27.72 -7.59 -2.24
CA THR A 1145 -28.48 -6.37 -2.04
C THR A 1145 -29.94 -6.52 -2.47
N SER A 1146 -30.50 -7.71 -2.27
CA SER A 1146 -31.89 -7.99 -2.64
C SER A 1146 -32.77 -7.97 -1.39
N LYS A 1147 -33.84 -7.17 -1.44
CA LYS A 1147 -34.77 -7.08 -0.31
C LYS A 1147 -35.41 -8.43 -0.02
N TYR A 1148 -35.74 -9.18 -1.09
CA TYR A 1148 -36.43 -10.45 -0.92
C TYR A 1148 -35.59 -11.45 -0.13
N LEU A 1149 -34.28 -11.47 -0.37
CA LEU A 1149 -33.39 -12.33 0.38
C LEU A 1149 -33.08 -11.78 1.77
N GLN A 1150 -33.18 -10.46 1.95
CA GLN A 1150 -32.92 -9.87 3.25
C GLN A 1150 -34.10 -10.02 4.21
N LYS A 1151 -35.31 -10.23 3.68
CA LYS A 1151 -36.46 -10.43 4.56
C LYS A 1151 -36.41 -11.78 5.27
N PHE A 1152 -35.80 -12.79 4.64
CA PHE A 1152 -35.68 -14.10 5.28
C PHE A 1152 -34.86 -14.04 6.56
N MET A 1153 -34.00 -13.04 6.69
CA MET A 1153 -33.15 -12.92 7.88
C MET A 1153 -33.93 -12.33 9.06
N GLU A 1154 -34.68 -11.26 8.81
CA GLU A 1154 -35.39 -10.57 9.90
C GLU A 1154 -36.73 -11.23 10.22
N ALA A 1155 -37.53 -11.52 9.19
CA ALA A 1155 -38.85 -12.11 9.42
C ALA A 1155 -38.75 -13.40 10.22
N HIS A 1156 -37.73 -14.21 9.94
CA HIS A 1156 -37.49 -15.40 10.76
C HIS A 1156 -36.61 -15.08 11.95
N LYS A 1157 -36.88 -13.97 12.63
CA LYS A 1157 -36.47 -13.74 14.01
C LYS A 1157 -37.54 -13.04 14.84
N ASN A 1158 -38.40 -12.22 14.22
CA ASN A 1158 -39.37 -11.42 14.95
C ASN A 1158 -40.63 -11.20 14.12
N SER B 3 21.12 5.39 -46.80
CA SER B 3 20.42 4.38 -46.02
C SER B 3 19.59 5.05 -44.92
N MET B 4 19.30 4.33 -43.84
CA MET B 4 18.38 4.82 -42.81
C MET B 4 18.90 4.47 -41.42
N SER B 5 18.66 5.38 -40.48
CA SER B 5 19.13 5.25 -39.10
C SER B 5 17.99 5.57 -38.13
N LEU B 6 17.92 4.80 -37.05
CA LEU B 6 16.99 5.08 -35.97
C LEU B 6 17.76 5.45 -34.71
N GLN B 7 17.27 6.46 -34.00
CA GLN B 7 17.91 6.96 -32.79
C GLN B 7 16.85 7.05 -31.70
N PRO B 8 17.07 6.41 -30.55
CA PRO B 8 16.05 6.47 -29.48
C PRO B 8 15.99 7.85 -28.85
N LEU B 9 14.78 8.35 -28.68
CA LEU B 9 14.54 9.64 -28.03
C LEU B 9 14.09 9.43 -26.59
N THR B 10 13.93 10.54 -25.88
CA THR B 10 13.42 10.53 -24.51
C THR B 10 12.46 11.69 -24.35
N ALA B 11 11.22 11.40 -23.95
CA ALA B 11 10.24 12.44 -23.68
C ALA B 11 10.47 12.99 -22.28
N VAL B 12 10.82 14.28 -22.19
CA VAL B 12 11.29 14.84 -20.93
C VAL B 12 10.15 14.91 -19.91
N ASN B 13 9.02 15.51 -20.27
CA ASN B 13 7.89 15.65 -19.37
C ASN B 13 6.55 15.30 -19.98
N CYS B 14 6.42 15.31 -21.31
CA CYS B 14 5.16 15.01 -21.98
C CYS B 14 5.08 13.52 -22.24
N GLY B 15 4.32 12.80 -21.42
CA GLY B 15 4.09 11.39 -21.64
C GLY B 15 2.62 11.05 -21.74
N SER B 16 1.78 11.88 -21.13
CA SER B 16 0.34 11.61 -21.05
C SER B 16 -0.44 12.20 -22.20
N LEU B 17 0.22 12.78 -23.21
CA LEU B 17 -0.47 13.48 -24.28
C LEU B 17 -0.55 12.70 -25.58
N VAL B 18 0.38 11.78 -25.83
CA VAL B 18 0.42 11.04 -27.08
C VAL B 18 -0.46 9.79 -26.94
N GLN B 19 -1.32 9.56 -27.92
CA GLN B 19 -2.18 8.39 -27.95
C GLN B 19 -2.15 7.79 -29.34
N PRO B 20 -2.36 6.45 -29.46
CA PRO B 20 -2.16 5.74 -30.73
C PRO B 20 -2.62 6.47 -31.98
N GLY B 21 -3.80 7.09 -31.92
CA GLY B 21 -4.26 7.88 -33.04
C GLY B 21 -4.00 9.36 -32.83
N PHE B 22 -2.95 9.89 -33.46
CA PHE B 22 -2.67 11.31 -33.41
C PHE B 22 -2.09 11.75 -34.74
N SER B 23 -1.89 13.06 -34.87
CA SER B 23 -1.47 13.67 -36.13
C SER B 23 -0.26 14.55 -35.92
N LEU B 24 0.63 14.56 -36.91
CA LEU B 24 1.77 15.47 -36.95
C LEU B 24 1.69 16.30 -38.22
N LEU B 25 1.51 17.61 -38.06
CA LEU B 25 1.31 18.52 -39.18
C LEU B 25 2.57 19.34 -39.39
N ASP B 26 3.15 19.26 -40.57
CA ASP B 26 4.35 20.03 -40.92
C ASP B 26 3.93 21.35 -41.55
N LEU B 27 4.07 22.44 -40.80
CA LEU B 27 3.78 23.77 -41.29
C LEU B 27 5.06 24.60 -41.24
N GLU B 28 5.51 25.06 -42.40
CA GLU B 28 6.65 25.97 -42.52
C GLU B 28 7.88 25.44 -41.78
N GLY B 29 8.14 24.14 -41.93
CA GLY B 29 9.28 23.51 -41.32
C GLY B 29 9.09 23.06 -39.89
N ASP B 30 8.17 23.69 -39.15
CA ASP B 30 7.90 23.30 -37.77
C ASP B 30 6.77 22.27 -37.75
N VAL B 31 6.92 21.27 -36.90
CA VAL B 31 5.95 20.18 -36.81
C VAL B 31 5.10 20.37 -35.57
N TYR B 32 3.81 20.07 -35.70
CA TYR B 32 2.82 20.29 -34.65
C TYR B 32 2.07 19.00 -34.38
N LEU B 33 2.08 18.58 -33.12
CA LEU B 33 1.27 17.46 -32.67
C LEU B 33 -0.17 17.91 -32.45
N PHE B 34 -1.12 17.14 -32.98
CA PHE B 34 -2.54 17.42 -32.86
C PHE B 34 -3.26 16.14 -32.48
N GLY B 35 -4.08 16.22 -31.44
CA GLY B 35 -4.85 15.10 -30.95
C GLY B 35 -4.19 14.52 -29.72
N GLN B 36 -4.65 14.92 -28.54
CA GLN B 36 -4.05 14.51 -27.29
C GLN B 36 -5.06 13.71 -26.47
N LYS B 37 -4.53 12.97 -25.50
CA LYS B 37 -5.40 12.19 -24.63
C LYS B 37 -6.21 13.11 -23.72
N GLY B 38 -7.52 12.95 -23.73
CA GLY B 38 -8.40 13.76 -22.91
C GLY B 38 -8.74 15.09 -23.56
N TRP B 39 -9.58 15.83 -22.88
CA TRP B 39 -9.91 17.19 -23.30
C TRP B 39 -8.75 18.13 -22.96
N PRO B 40 -8.68 19.29 -23.63
CA PRO B 40 -7.54 20.20 -23.39
C PRO B 40 -7.52 20.73 -21.96
N LYS B 41 -6.42 20.46 -21.28
CA LYS B 41 -6.19 21.01 -19.94
C LYS B 41 -5.91 22.50 -20.03
N ARG B 42 -5.79 23.14 -18.86
CA ARG B 42 -5.50 24.57 -18.82
C ARG B 42 -4.03 24.88 -19.07
N SER B 43 -3.15 23.88 -18.94
CA SER B 43 -1.75 24.10 -19.30
C SER B 43 -1.62 24.41 -20.79
N CYS B 44 -2.53 23.90 -21.61
CA CYS B 44 -2.55 24.19 -23.04
C CYS B 44 -4.00 24.17 -23.50
N PRO B 45 -4.71 25.29 -23.39
CA PRO B 45 -6.15 25.28 -23.70
C PRO B 45 -6.47 25.13 -25.19
N THR B 46 -5.46 24.99 -26.04
CA THR B 46 -5.68 24.80 -27.47
C THR B 46 -5.74 23.32 -27.84
N GLY B 47 -4.88 22.51 -27.26
CA GLY B 47 -4.78 21.11 -27.61
C GLY B 47 -3.76 20.81 -28.68
N ILE B 48 -3.12 21.82 -29.25
CA ILE B 48 -2.11 21.66 -30.29
C ILE B 48 -0.76 22.02 -29.70
N PHE B 49 0.25 21.21 -30.00
CA PHE B 49 1.57 21.43 -29.43
C PHE B 49 2.60 21.53 -30.55
N GLY B 50 3.64 22.32 -30.31
CA GLY B 50 4.78 22.38 -31.21
C GLY B 50 5.82 21.38 -30.76
N VAL B 51 6.29 20.57 -31.70
CA VAL B 51 7.23 19.49 -31.42
C VAL B 51 8.64 19.98 -31.76
N ARG B 52 9.57 19.83 -30.82
CA ARG B 52 10.96 20.18 -31.06
C ARG B 52 11.82 19.01 -30.61
N ILE B 53 12.55 18.43 -31.55
CA ILE B 53 13.50 17.35 -31.26
C ILE B 53 14.90 17.93 -31.33
N LYS B 54 15.63 17.87 -30.22
CA LYS B 54 17.04 18.20 -30.24
C LYS B 54 17.71 17.34 -29.21
N LYS B 55 19.02 17.13 -29.38
CA LYS B 55 19.87 16.52 -28.34
C LYS B 55 19.29 15.21 -27.80
N GLY B 56 18.54 14.49 -28.62
CA GLY B 56 17.97 13.22 -28.20
C GLY B 56 16.74 13.33 -27.31
N GLU B 57 16.27 14.55 -27.07
CA GLU B 57 15.07 14.82 -26.30
C GLU B 57 13.96 15.34 -27.21
N LEU B 58 12.74 14.95 -26.85
CA LEU B 58 11.49 15.33 -27.52
C LEU B 58 10.75 16.29 -26.59
N LYS B 59 10.59 17.54 -27.02
CA LYS B 59 9.96 18.56 -26.20
C LYS B 59 8.70 19.08 -26.88
N LEU B 60 7.67 19.33 -26.08
CA LEU B 60 6.41 19.88 -26.55
C LEU B 60 6.19 21.26 -25.97
N ARG B 61 5.68 22.18 -26.80
CA ARG B 61 5.45 23.55 -26.38
C ARG B 61 4.02 23.94 -26.73
N ALA B 62 3.34 24.60 -25.78
CA ALA B 62 1.93 24.94 -25.98
C ALA B 62 1.79 26.03 -27.03
N ILE B 63 1.02 25.76 -28.09
CA ILE B 63 0.71 26.74 -29.12
C ILE B 63 -0.61 27.41 -28.78
N SER B 64 -0.75 28.67 -29.18
CA SER B 64 -1.98 29.44 -29.00
C SER B 64 -2.60 29.73 -30.35
N PHE B 65 -3.85 30.17 -30.32
CA PHE B 65 -4.59 30.51 -31.52
C PHE B 65 -4.66 32.02 -31.70
N SER B 66 -5.34 32.44 -32.76
CA SER B 66 -5.63 33.85 -32.98
C SER B 66 -6.97 34.18 -32.33
N ASN B 67 -7.49 35.38 -32.60
CA ASN B 67 -8.75 35.79 -32.01
C ASN B 67 -9.96 35.32 -32.83
N ASN B 68 -9.85 35.34 -34.15
CA ASN B 68 -10.96 35.00 -35.03
C ASN B 68 -11.07 33.50 -35.29
N SER B 69 -10.32 32.67 -34.58
CA SER B 69 -10.30 31.24 -34.82
C SER B 69 -11.33 30.53 -33.94
N SER B 70 -11.88 29.44 -34.46
CA SER B 70 -12.74 28.56 -33.70
C SER B 70 -11.90 27.48 -33.04
N TYR B 71 -12.23 27.15 -31.80
CA TYR B 71 -11.43 26.16 -31.10
C TYR B 71 -11.88 24.75 -31.47
N LEU B 72 -11.06 23.78 -31.09
CA LEU B 72 -11.04 22.51 -31.82
C LEU B 72 -10.95 21.30 -30.90
N PRO B 73 -11.89 20.35 -30.99
CA PRO B 73 -11.79 19.15 -30.18
C PRO B 73 -10.65 18.29 -30.61
N PRO B 74 -10.00 17.57 -29.70
CA PRO B 74 -8.86 16.72 -30.08
C PRO B 74 -9.29 15.47 -30.82
N LEU B 75 -9.50 15.59 -32.13
CA LEU B 75 -9.87 14.46 -32.96
C LEU B 75 -8.74 13.43 -32.99
N ARG B 76 -9.11 12.16 -33.10
CA ARG B 76 -8.17 11.07 -32.89
C ARG B 76 -7.66 10.43 -34.17
N CYS B 77 -8.53 10.17 -35.16
CA CYS B 77 -8.10 9.56 -36.42
C CYS B 77 -8.67 10.31 -37.62
N PRO B 78 -8.41 11.61 -37.72
CA PRO B 78 -9.02 12.39 -38.80
C PRO B 78 -8.28 12.22 -40.11
N ALA B 79 -9.01 12.49 -41.20
CA ALA B 79 -8.41 12.58 -42.52
C ALA B 79 -7.68 13.92 -42.66
N ILE B 80 -6.44 13.87 -43.11
CA ILE B 80 -5.52 15.00 -43.03
C ILE B 80 -4.94 15.26 -44.41
N ALA B 81 -5.09 16.47 -44.92
CA ALA B 81 -4.63 16.83 -46.25
C ALA B 81 -3.78 18.09 -46.16
N HIS B 82 -2.52 17.98 -46.56
CA HIS B 82 -1.64 19.15 -46.59
C HIS B 82 -1.97 19.98 -47.82
N PHE B 83 -2.79 21.01 -47.64
CA PHE B 83 -3.00 21.98 -48.70
C PHE B 83 -1.73 22.80 -48.89
N GLU B 84 -1.16 22.74 -50.09
CA GLU B 84 0.13 23.37 -50.33
C GLU B 84 -0.05 24.86 -50.64
N ALA B 85 1.05 25.61 -50.48
CA ALA B 85 1.03 27.06 -50.57
C ALA B 85 0.71 27.50 -52.00
N GLN B 86 -0.47 28.07 -52.20
CA GLN B 86 -0.88 28.61 -53.49
C GLN B 86 -1.97 29.64 -53.25
N ASP B 87 -2.56 30.14 -54.33
CA ASP B 87 -3.61 31.14 -54.24
C ASP B 87 -4.94 30.49 -53.89
N GLY B 88 -5.73 31.16 -53.05
CA GLY B 88 -5.41 32.50 -52.56
C GLY B 88 -4.56 32.58 -51.29
N LYS B 89 -5.03 31.95 -50.21
CA LYS B 89 -4.37 32.07 -48.92
C LYS B 89 -3.57 30.82 -48.61
N PRO B 90 -2.24 30.91 -48.56
CA PRO B 90 -1.43 29.79 -48.07
C PRO B 90 -1.16 29.90 -46.57
N GLU B 91 -0.85 28.77 -45.95
CA GLU B 91 -1.02 27.44 -46.55
C GLU B 91 -1.68 26.54 -45.50
N CYS B 92 -2.90 26.09 -45.81
CA CYS B 92 -3.77 25.51 -44.80
C CYS B 92 -3.41 24.05 -44.56
N TYR B 93 -4.22 23.40 -43.73
CA TYR B 93 -4.04 22.00 -43.37
C TYR B 93 -5.41 21.45 -43.05
N LEU B 94 -5.95 20.64 -43.96
CA LEU B 94 -7.35 20.23 -43.89
C LEU B 94 -7.51 19.03 -42.96
N ILE B 95 -8.48 19.12 -42.04
CA ILE B 95 -8.75 18.11 -41.03
C ILE B 95 -10.23 17.75 -41.09
N HIS B 96 -10.53 16.47 -41.33
CA HIS B 96 -11.91 15.98 -41.31
C HIS B 96 -11.94 14.46 -41.26
N GLY B 97 -12.61 13.86 -40.27
CA GLY B 97 -13.19 14.57 -39.14
C GLY B 97 -12.88 13.94 -37.79
N GLY B 98 -12.36 12.72 -37.80
CA GLY B 98 -11.93 12.05 -36.57
C GLY B 98 -13.05 11.77 -35.57
N ARG B 99 -12.63 11.41 -34.34
CA ARG B 99 -13.56 11.11 -33.27
C ARG B 99 -13.16 11.83 -31.98
N THR B 100 -14.17 12.29 -31.25
CA THR B 100 -14.08 13.18 -30.11
C THR B 100 -13.65 12.42 -28.84
N PRO B 101 -13.07 13.12 -27.86
CA PRO B 101 -12.81 12.48 -26.55
C PRO B 101 -13.93 11.60 -26.00
N ASN B 102 -15.17 12.10 -25.94
CA ASN B 102 -16.32 11.23 -25.76
C ASN B 102 -16.73 10.76 -27.14
N ASN B 103 -16.79 9.45 -27.34
CA ASN B 103 -16.57 8.88 -28.67
C ASN B 103 -17.71 9.16 -29.62
N GLU B 104 -17.82 10.42 -30.03
CA GLU B 104 -18.64 10.83 -31.16
C GLU B 104 -17.74 11.03 -32.38
N LEU B 105 -18.36 11.07 -33.55
CA LEU B 105 -17.67 11.38 -34.79
C LEU B 105 -18.05 12.79 -35.23
N SER B 106 -17.05 13.58 -35.65
CA SER B 106 -17.22 15.03 -35.73
C SER B 106 -18.07 15.46 -36.92
N SER B 107 -17.73 15.01 -38.13
CA SER B 107 -18.42 15.40 -39.36
C SER B 107 -18.26 16.88 -39.68
N SER B 108 -17.18 17.49 -39.20
CA SER B 108 -16.91 18.90 -39.48
C SER B 108 -15.53 19.05 -40.10
N LEU B 109 -15.38 20.10 -40.91
CA LEU B 109 -14.16 20.37 -41.65
C LEU B 109 -13.48 21.61 -41.07
N TYR B 110 -12.19 21.50 -40.78
CA TYR B 110 -11.42 22.55 -40.15
C TYR B 110 -10.20 22.88 -41.00
N MET B 111 -10.01 24.16 -41.30
CA MET B 111 -8.82 24.65 -41.99
C MET B 111 -7.88 25.25 -40.97
N LEU B 112 -6.65 24.73 -40.90
CA LEU B 112 -5.68 25.13 -39.88
C LEU B 112 -4.48 25.76 -40.59
N SER B 113 -4.24 27.04 -40.32
CA SER B 113 -3.17 27.78 -40.97
C SER B 113 -2.36 28.56 -39.93
N VAL B 114 -1.22 29.08 -40.39
CA VAL B 114 -0.35 29.93 -39.58
C VAL B 114 -0.82 31.38 -39.74
N ASP B 115 -0.73 32.16 -38.66
CA ASP B 115 -1.25 33.52 -38.65
C ASP B 115 -0.17 34.58 -38.49
N SER B 116 0.70 34.47 -37.49
CA SER B 116 1.69 35.51 -37.24
C SER B 116 2.82 34.99 -36.38
N ARG B 117 3.94 35.70 -36.45
CA ARG B 117 5.15 35.41 -35.67
C ARG B 117 5.99 36.69 -35.66
N GLY B 118 6.80 36.87 -34.62
CA GLY B 118 7.06 35.89 -33.58
C GLY B 118 6.24 36.00 -32.30
N CYS B 119 6.86 36.49 -31.22
CA CYS B 119 8.16 37.14 -31.26
C CYS B 119 9.35 36.20 -31.02
N ASN B 120 9.39 35.54 -29.86
CA ASN B 120 10.53 34.69 -29.50
C ASN B 120 10.25 33.25 -29.95
N ARG B 121 10.25 33.09 -31.28
CA ARG B 121 9.87 31.84 -31.92
C ARG B 121 8.49 31.39 -31.44
N LYS B 122 7.62 32.36 -31.22
CA LYS B 122 6.22 32.12 -30.91
C LYS B 122 5.43 32.17 -32.21
N VAL B 123 4.56 31.18 -32.41
CA VAL B 123 3.68 31.14 -33.57
C VAL B 123 2.25 31.04 -33.09
N THR B 124 1.36 31.78 -33.74
CA THR B 124 -0.07 31.65 -33.52
C THR B 124 -0.70 31.05 -34.77
N LEU B 125 -1.57 30.08 -34.57
CA LEU B 125 -2.28 29.45 -35.67
C LEU B 125 -3.69 30.03 -35.76
N ARG B 126 -4.50 29.44 -36.62
CA ARG B 126 -5.91 29.78 -36.70
C ARG B 126 -6.64 28.64 -37.38
N CYS B 127 -7.88 28.41 -36.94
CA CYS B 127 -8.73 27.36 -37.48
C CYS B 127 -10.07 27.96 -37.89
N GLU B 128 -10.44 27.72 -39.14
CA GLU B 128 -11.73 28.10 -39.68
C GLU B 128 -12.54 26.83 -39.88
N GLU B 129 -13.61 26.67 -39.10
CA GLU B 129 -14.55 25.59 -39.37
C GLU B 129 -15.32 25.95 -40.63
N LYS B 130 -14.98 25.30 -41.73
CA LYS B 130 -15.60 25.60 -43.01
C LYS B 130 -16.92 24.87 -43.14
N GLU B 131 -18.00 25.60 -43.35
CA GLU B 131 -19.32 24.98 -43.49
C GLU B 131 -19.41 24.23 -44.81
N LEU B 132 -20.10 23.10 -44.79
CA LEU B 132 -20.24 22.24 -45.94
C LEU B 132 -21.71 22.15 -46.33
N VAL B 133 -22.01 22.40 -47.60
CA VAL B 133 -23.37 22.29 -48.13
C VAL B 133 -23.37 21.18 -49.17
N GLY B 134 -24.30 20.23 -49.01
CA GLY B 134 -24.38 19.09 -49.90
C GLY B 134 -25.73 18.39 -49.74
N ASP B 135 -25.80 17.05 -49.74
CA ASP B 135 -24.75 16.08 -50.07
C ASP B 135 -23.42 16.18 -49.31
N VAL B 136 -23.48 16.33 -47.99
CA VAL B 136 -22.27 16.32 -47.17
C VAL B 136 -21.93 14.88 -46.83
N PRO B 137 -20.66 14.54 -46.61
CA PRO B 137 -20.32 13.18 -46.18
C PRO B 137 -20.66 12.97 -44.71
N SER B 138 -20.86 11.70 -44.37
CA SER B 138 -21.24 11.34 -43.01
C SER B 138 -20.03 11.39 -42.09
N ALA B 139 -20.32 11.49 -40.80
CA ALA B 139 -19.27 11.46 -39.79
C ALA B 139 -18.54 10.12 -39.84
N ARG B 140 -17.20 10.17 -39.93
CA ARG B 140 -16.41 8.97 -40.10
C ARG B 140 -15.01 9.22 -39.56
N TYR B 141 -14.16 8.19 -39.66
CA TYR B 141 -12.77 8.27 -39.24
C TYR B 141 -11.99 7.18 -39.96
N GLY B 142 -10.67 7.27 -39.90
CA GLY B 142 -9.82 6.36 -40.64
C GLY B 142 -9.86 6.51 -42.13
N HIS B 143 -10.62 7.47 -42.65
CA HIS B 143 -10.74 7.74 -44.07
C HIS B 143 -9.54 8.54 -44.55
N THR B 144 -9.60 9.05 -45.78
CA THR B 144 -8.51 9.88 -46.26
C THR B 144 -9.04 11.01 -47.14
N LEU B 145 -8.23 12.08 -47.19
CA LEU B 145 -8.53 13.32 -47.88
C LEU B 145 -7.30 13.76 -48.64
N SER B 146 -7.50 14.18 -49.89
CA SER B 146 -6.39 14.62 -50.73
C SER B 146 -6.81 15.82 -51.56
N VAL B 147 -5.82 16.56 -52.06
CA VAL B 147 -6.03 17.77 -52.84
C VAL B 147 -5.60 17.51 -54.28
N ILE B 148 -6.38 18.02 -55.23
CA ILE B 148 -6.09 17.80 -56.64
C ILE B 148 -6.28 19.11 -57.42
N ASN B 149 -5.49 19.25 -58.48
CA ASN B 149 -5.54 20.42 -59.36
C ASN B 149 -5.76 19.94 -60.79
N SER B 150 -6.81 20.42 -61.44
CA SER B 150 -7.02 20.12 -62.85
C SER B 150 -7.37 21.39 -63.61
N ARG B 151 -6.42 21.87 -64.41
CA ARG B 151 -6.60 22.94 -65.40
C ARG B 151 -7.48 24.11 -64.95
N GLY B 152 -7.02 24.84 -63.92
CA GLY B 152 -6.08 24.41 -62.94
C GLY B 152 -6.82 24.59 -61.63
N LYS B 153 -8.11 24.29 -61.66
CA LYS B 153 -8.98 24.41 -60.49
C LYS B 153 -8.60 23.40 -59.40
N THR B 154 -8.79 23.79 -58.14
CA THR B 154 -8.43 22.95 -57.00
C THR B 154 -9.69 22.37 -56.34
N ALA B 155 -9.64 21.08 -56.06
CA ALA B 155 -10.71 20.41 -55.34
C ALA B 155 -10.08 19.41 -54.38
N CYS B 156 -10.92 18.81 -53.52
CA CYS B 156 -10.44 17.81 -52.56
C CYS B 156 -11.25 16.54 -52.70
N VAL B 157 -10.57 15.43 -52.90
CA VAL B 157 -11.19 14.12 -52.96
C VAL B 157 -11.19 13.51 -51.57
N LEU B 158 -12.30 12.87 -51.21
CA LEU B 158 -12.47 12.31 -49.88
C LEU B 158 -13.04 10.91 -50.01
N PHE B 159 -12.41 9.93 -49.36
CA PHE B 159 -12.81 8.55 -49.61
C PHE B 159 -12.40 7.65 -48.45
N GLY B 160 -13.21 6.61 -48.22
CA GLY B 160 -12.92 5.59 -47.23
C GLY B 160 -13.54 5.85 -45.88
N GLY B 161 -13.15 5.03 -44.92
CA GLY B 161 -13.40 5.29 -43.52
C GLY B 161 -14.36 4.29 -42.89
N ARG B 162 -14.38 4.33 -41.56
CA ARG B 162 -15.31 3.58 -40.73
C ARG B 162 -16.33 4.53 -40.13
N SER B 163 -17.38 3.97 -39.54
CA SER B 163 -18.39 4.75 -38.85
C SER B 163 -19.19 3.82 -37.95
N TYR B 164 -20.03 4.41 -37.11
CA TYR B 164 -20.94 3.62 -36.31
C TYR B 164 -22.10 3.13 -37.18
N MET B 165 -22.72 2.04 -36.73
CA MET B 165 -23.83 1.44 -37.45
C MET B 165 -24.97 2.44 -37.60
N PRO B 166 -25.81 2.28 -38.62
CA PRO B 166 -26.89 3.24 -38.88
C PRO B 166 -27.77 3.43 -37.65
N PRO B 167 -28.38 4.61 -37.49
CA PRO B 167 -29.17 4.88 -36.27
C PRO B 167 -30.38 3.96 -36.11
N THR B 168 -30.77 3.23 -37.14
CA THR B 168 -31.90 2.30 -37.03
C THR B 168 -31.50 0.95 -36.48
N GLU B 169 -30.30 0.46 -36.81
CA GLU B 169 -29.81 -0.81 -36.34
C GLU B 169 -28.87 -0.69 -35.14
N ARG B 170 -28.62 0.53 -34.66
CA ARG B 170 -27.70 0.71 -33.55
C ARG B 170 -28.41 0.42 -32.24
N THR B 171 -27.88 -0.53 -31.49
CA THR B 171 -28.42 -0.95 -30.20
C THR B 171 -27.40 -0.64 -29.11
N THR B 172 -27.88 -0.48 -27.88
CA THR B 172 -26.97 -0.34 -26.75
C THR B 172 -26.13 -1.60 -26.50
N GLN B 173 -26.35 -2.66 -27.27
CA GLN B 173 -25.45 -3.79 -27.35
C GLN B 173 -24.70 -3.83 -28.67
N ASN B 174 -25.01 -2.92 -29.59
CA ASN B 174 -24.25 -2.71 -30.82
C ASN B 174 -23.48 -1.38 -30.79
N TRP B 175 -23.32 -0.78 -29.61
CA TRP B 175 -22.96 0.63 -29.52
C TRP B 175 -21.58 0.90 -30.09
N ASN B 176 -20.61 0.04 -29.81
CA ASN B 176 -19.23 0.29 -30.17
C ASN B 176 -18.78 -0.43 -31.43
N SER B 177 -19.67 -1.17 -32.09
CA SER B 177 -19.33 -1.85 -33.33
C SER B 177 -19.36 -0.87 -34.51
N VAL B 178 -18.37 -0.96 -35.38
CA VAL B 178 -18.22 -0.05 -36.50
C VAL B 178 -18.30 -0.83 -37.80
N VAL B 179 -18.75 -0.14 -38.85
CA VAL B 179 -18.81 -0.69 -40.21
C VAL B 179 -18.19 0.32 -41.17
N ASP B 180 -17.73 -0.19 -42.30
CA ASP B 180 -17.20 0.68 -43.35
C ASP B 180 -18.33 1.38 -44.07
N CYS B 181 -18.21 2.70 -44.22
CA CYS B 181 -19.24 3.47 -44.91
C CYS B 181 -19.24 3.13 -46.40
N PRO B 182 -20.37 3.36 -47.08
CA PRO B 182 -20.48 2.99 -48.51
C PRO B 182 -19.38 3.62 -49.34
N PRO B 183 -18.88 2.90 -50.35
CA PRO B 183 -17.70 3.35 -51.13
C PRO B 183 -18.04 4.34 -52.24
N GLN B 184 -18.43 5.54 -51.84
CA GLN B 184 -18.52 6.67 -52.75
C GLN B 184 -17.31 7.56 -52.56
N VAL B 185 -17.06 8.41 -53.55
CA VAL B 185 -16.02 9.43 -53.45
C VAL B 185 -16.70 10.79 -53.36
N TYR B 186 -16.18 11.65 -52.49
CA TYR B 186 -16.77 12.97 -52.29
C TYR B 186 -15.82 14.03 -52.81
N LEU B 187 -16.32 14.89 -53.69
CA LEU B 187 -15.60 16.05 -54.17
C LEU B 187 -16.04 17.25 -53.33
N ILE B 188 -15.10 17.77 -52.55
CA ILE B 188 -15.29 18.94 -51.71
C ILE B 188 -14.59 20.11 -52.41
N ASP B 189 -15.38 21.07 -52.88
CA ASP B 189 -14.89 22.39 -53.20
C ASP B 189 -14.65 23.12 -51.88
N LEU B 190 -13.57 23.89 -51.81
CA LEU B 190 -13.20 24.55 -50.57
C LEU B 190 -13.79 25.93 -50.41
N GLU B 191 -14.35 26.52 -51.47
CA GLU B 191 -15.57 27.32 -51.32
C GLU B 191 -16.03 27.77 -52.70
N PHE B 192 -17.34 27.68 -52.91
CA PHE B 192 -18.24 27.43 -51.80
C PHE B 192 -18.29 25.95 -51.41
N GLY B 193 -18.65 25.73 -50.15
CA GLY B 193 -18.45 24.44 -49.52
C GLY B 193 -19.45 23.44 -50.06
N CYS B 194 -19.55 23.35 -51.38
CA CYS B 194 -20.47 22.45 -52.04
C CYS B 194 -19.79 21.10 -52.26
N CYS B 195 -20.31 20.06 -51.64
CA CYS B 195 -19.81 18.71 -51.80
C CYS B 195 -20.72 17.94 -52.75
N THR B 196 -20.12 17.05 -53.54
CA THR B 196 -20.91 16.15 -54.36
C THR B 196 -20.36 14.74 -54.28
N ALA B 197 -21.25 13.76 -54.20
CA ALA B 197 -20.88 12.36 -54.08
C ALA B 197 -21.00 11.67 -55.43
N HIS B 198 -20.05 10.80 -55.72
CA HIS B 198 -20.01 10.05 -56.97
C HIS B 198 -19.72 8.59 -56.67
N THR B 199 -20.48 7.70 -57.33
CA THR B 199 -20.32 6.26 -57.18
C THR B 199 -19.56 5.69 -58.37
N LEU B 200 -18.79 4.64 -58.10
CA LEU B 200 -17.88 4.08 -59.09
C LEU B 200 -18.15 2.58 -59.27
N PRO B 201 -18.26 2.10 -60.51
CA PRO B 201 -18.57 0.67 -60.72
C PRO B 201 -17.49 -0.27 -60.24
N GLU B 202 -16.24 0.18 -60.17
CA GLU B 202 -15.13 -0.69 -59.81
C GLU B 202 -14.83 -0.70 -58.32
N LEU B 203 -15.35 0.28 -57.58
CA LEU B 203 -15.21 0.36 -56.13
C LEU B 203 -16.49 -0.24 -55.54
N THR B 204 -16.46 -1.54 -55.28
CA THR B 204 -17.65 -2.27 -54.84
C THR B 204 -17.78 -2.27 -53.32
N ASP B 205 -16.69 -2.13 -52.60
CA ASP B 205 -16.70 -2.22 -51.16
C ASP B 205 -15.85 -1.11 -50.58
N GLY B 206 -16.27 -0.64 -49.40
CA GLY B 206 -15.53 0.39 -48.71
C GLY B 206 -14.27 -0.14 -48.05
N GLN B 207 -13.36 0.79 -47.75
CA GLN B 207 -12.10 0.43 -47.12
C GLN B 207 -11.73 1.53 -46.14
N SER B 208 -10.75 1.23 -45.28
CA SER B 208 -10.30 2.18 -44.29
C SER B 208 -8.81 1.96 -43.99
N PHE B 209 -8.20 3.01 -43.44
CA PHE B 209 -6.80 2.98 -42.99
C PHE B 209 -5.84 2.75 -44.16
N HIS B 210 -6.17 3.30 -45.30
CA HIS B 210 -5.30 3.24 -46.47
C HIS B 210 -4.50 4.54 -46.61
N VAL B 211 -3.44 4.47 -47.40
CA VAL B 211 -2.60 5.62 -47.71
C VAL B 211 -3.02 6.16 -49.06
N ALA B 212 -3.19 7.48 -49.14
CA ALA B 212 -3.56 8.16 -50.38
C ALA B 212 -2.46 9.12 -50.76
N LEU B 213 -1.91 8.94 -51.97
CA LEU B 213 -0.86 9.81 -52.47
C LEU B 213 -1.38 10.53 -53.70
N ALA B 214 -1.35 11.86 -53.65
CA ALA B 214 -1.92 12.70 -54.68
C ALA B 214 -0.83 13.42 -55.46
N ARG B 215 -1.07 13.59 -56.76
CA ARG B 215 -0.22 14.47 -57.57
C ARG B 215 -0.99 14.84 -58.81
N GLN B 216 -1.16 16.14 -59.04
CA GLN B 216 -1.50 16.68 -60.36
C GLN B 216 -2.68 15.91 -60.98
N ASP B 217 -3.84 16.09 -60.34
CA ASP B 217 -5.12 15.55 -60.79
C ASP B 217 -5.11 14.01 -60.92
N CYS B 218 -4.29 13.33 -60.14
CA CYS B 218 -4.40 11.88 -60.02
C CYS B 218 -4.16 11.47 -58.57
N VAL B 219 -5.01 10.59 -58.04
CA VAL B 219 -4.85 10.12 -56.67
C VAL B 219 -4.72 8.61 -56.68
N TYR B 220 -3.73 8.10 -55.95
CA TYR B 220 -3.45 6.67 -55.83
C TYR B 220 -3.75 6.24 -54.41
N PHE B 221 -4.74 5.36 -54.26
CA PHE B 221 -5.07 4.74 -52.99
C PHE B 221 -4.32 3.41 -52.88
N LEU B 222 -3.46 3.32 -51.87
CA LEU B 222 -2.68 2.11 -51.61
C LEU B 222 -3.46 1.21 -50.65
N GLY B 223 -2.77 0.20 -50.11
CA GLY B 223 -3.41 -0.83 -49.31
C GLY B 223 -4.30 -0.35 -48.19
N GLY B 224 -5.55 -0.83 -48.19
CA GLY B 224 -6.48 -0.57 -47.12
C GLY B 224 -6.88 -1.84 -46.40
N HIS B 225 -7.90 -1.70 -45.56
CA HIS B 225 -8.47 -2.83 -44.82
C HIS B 225 -9.96 -2.88 -45.11
N ILE B 226 -10.44 -4.03 -45.61
CA ILE B 226 -11.85 -4.27 -45.85
C ILE B 226 -12.40 -5.04 -44.66
N LEU B 227 -13.44 -4.49 -44.04
CA LEU B 227 -13.99 -5.05 -42.81
C LEU B 227 -15.05 -6.12 -43.05
N SER B 228 -15.71 -6.10 -44.21
CA SER B 228 -16.72 -7.12 -44.51
C SER B 228 -16.07 -8.49 -44.67
N SER B 229 -15.04 -8.58 -45.51
CA SER B 229 -14.36 -9.84 -45.78
C SER B 229 -13.11 -10.04 -44.93
N ASP B 230 -12.75 -9.07 -44.09
CA ASP B 230 -11.60 -9.17 -43.19
C ASP B 230 -10.31 -9.48 -43.95
N CYS B 231 -10.14 -8.84 -45.11
CA CYS B 231 -8.97 -9.02 -45.94
C CYS B 231 -8.24 -7.69 -46.11
N ARG B 232 -6.94 -7.78 -46.34
CA ARG B 232 -6.11 -6.61 -46.64
C ARG B 232 -5.67 -6.69 -48.09
N PRO B 233 -6.37 -6.04 -49.02
CA PRO B 233 -6.06 -6.24 -50.44
C PRO B 233 -4.70 -5.67 -50.81
N SER B 234 -4.00 -6.42 -51.66
CA SER B 234 -2.72 -5.98 -52.21
C SER B 234 -2.88 -5.17 -53.49
N ARG B 235 -4.11 -4.98 -53.95
CA ARG B 235 -4.38 -4.21 -55.15
C ARG B 235 -4.26 -2.71 -54.89
N LEU B 236 -4.02 -1.96 -55.95
CA LEU B 236 -3.88 -0.51 -55.90
C LEU B 236 -5.00 0.13 -56.71
N ILE B 237 -5.58 1.21 -56.19
CA ILE B 237 -6.61 1.95 -56.90
C ILE B 237 -6.01 3.25 -57.40
N ARG B 238 -6.29 3.60 -58.66
CA ARG B 238 -5.86 4.88 -59.19
C ARG B 238 -7.06 5.58 -59.82
N LEU B 239 -7.34 6.79 -59.34
CA LEU B 239 -8.54 7.52 -59.76
C LEU B 239 -8.14 8.87 -60.32
N HIS B 240 -8.72 9.21 -61.47
CA HIS B 240 -8.37 10.40 -62.25
C HIS B 240 -9.60 11.29 -62.34
N VAL B 241 -9.44 12.53 -61.88
CA VAL B 241 -10.51 13.51 -61.85
C VAL B 241 -10.23 14.58 -62.90
N GLU B 242 -11.27 15.36 -63.22
CA GLU B 242 -11.11 16.49 -64.13
C GLU B 242 -12.27 17.45 -63.90
N LEU B 243 -11.95 18.74 -63.76
CA LEU B 243 -12.93 19.75 -63.36
C LEU B 243 -13.42 20.51 -64.60
N LEU B 244 -14.52 20.03 -65.17
CA LEU B 244 -15.27 20.73 -66.20
C LEU B 244 -16.57 21.25 -65.59
N LEU B 245 -16.75 22.56 -65.62
CA LEU B 245 -18.04 23.14 -65.23
C LEU B 245 -19.10 22.67 -66.21
N GLY B 246 -20.20 22.12 -65.68
CA GLY B 246 -20.49 22.15 -64.26
C GLY B 246 -20.47 20.88 -63.44
N SER B 247 -20.27 19.71 -64.05
CA SER B 247 -20.27 18.48 -63.30
C SER B 247 -18.95 17.76 -63.46
N PRO B 248 -18.25 17.43 -62.38
CA PRO B 248 -16.91 16.85 -62.47
C PRO B 248 -16.90 15.39 -62.89
N VAL B 249 -16.88 15.13 -64.19
CA VAL B 249 -16.68 13.81 -64.74
C VAL B 249 -15.43 13.19 -64.09
N LEU B 250 -15.38 11.86 -63.99
CA LEU B 250 -14.55 11.20 -62.98
C LEU B 250 -14.38 9.74 -63.34
N THR B 251 -13.14 9.27 -63.54
CA THR B 251 -12.95 7.88 -63.97
C THR B 251 -11.88 7.16 -63.16
N CYS B 252 -12.03 5.84 -63.11
CA CYS B 252 -11.35 5.00 -62.13
C CYS B 252 -10.60 3.88 -62.85
N THR B 253 -9.63 3.30 -62.15
CA THR B 253 -9.05 2.05 -62.62
C THR B 253 -8.36 1.29 -61.50
N ILE B 254 -8.43 -0.03 -61.61
CA ILE B 254 -7.71 -0.96 -60.74
C ILE B 254 -6.37 -1.28 -61.39
N LEU B 255 -5.29 -1.13 -60.63
CA LEU B 255 -3.97 -1.48 -61.14
C LEU B 255 -3.53 -2.81 -60.53
N HIS B 256 -2.63 -3.49 -61.23
CA HIS B 256 -2.37 -4.91 -60.99
C HIS B 256 -2.01 -5.20 -59.55
N GLU B 257 -0.88 -4.67 -59.08
CA GLU B 257 -0.50 -4.92 -57.68
C GLU B 257 0.08 -3.66 -57.08
N GLY B 258 -0.29 -3.43 -55.82
CA GLY B 258 0.23 -2.32 -55.04
C GLY B 258 1.06 -2.74 -53.83
N LEU B 259 0.44 -2.70 -52.65
CA LEU B 259 1.11 -2.92 -51.38
C LEU B 259 0.05 -3.30 -50.35
N THR B 260 0.31 -4.36 -49.58
CA THR B 260 -0.66 -4.86 -48.61
C THR B 260 -0.30 -4.34 -47.22
N ILE B 261 -0.73 -3.10 -46.94
CA ILE B 261 -0.47 -2.46 -45.66
C ILE B 261 -1.75 -1.78 -45.19
N THR B 262 -1.72 -1.37 -43.92
CA THR B 262 -2.76 -0.55 -43.30
C THR B 262 -2.12 0.32 -42.24
N SER B 263 -2.58 1.57 -42.14
CA SER B 263 -2.13 2.50 -41.11
C SER B 263 -0.61 2.70 -41.17
N ALA B 264 -0.15 3.25 -42.29
CA ALA B 264 1.26 3.43 -42.55
C ALA B 264 1.68 4.88 -42.28
N ILE B 265 2.97 5.13 -42.47
CA ILE B 265 3.56 6.47 -42.32
C ILE B 265 4.21 6.82 -43.65
N ALA B 266 3.69 7.83 -44.33
CA ALA B 266 4.16 8.24 -45.65
C ALA B 266 4.98 9.52 -45.50
N SER B 267 6.29 9.37 -45.31
CA SER B 267 7.06 10.61 -45.17
C SER B 267 7.58 11.07 -46.53
N PRO B 268 7.47 12.36 -46.85
CA PRO B 268 7.99 12.84 -48.14
C PRO B 268 9.47 13.14 -48.10
N ILE B 269 10.18 12.68 -49.13
CA ILE B 269 11.63 12.88 -49.20
C ILE B 269 12.00 13.73 -50.41
N GLY B 270 11.20 13.67 -51.47
CA GLY B 270 11.56 14.36 -52.70
C GLY B 270 10.48 15.29 -53.22
N TYR B 271 10.47 15.49 -54.54
CA TYR B 271 9.48 16.37 -55.15
C TYR B 271 8.09 15.75 -55.08
N HIS B 272 7.96 14.51 -55.55
CA HIS B 272 6.69 13.78 -55.48
C HIS B 272 6.91 12.34 -55.06
N GLU B 273 7.94 12.08 -54.25
CA GLU B 273 8.31 10.73 -53.87
C GLU B 273 8.36 10.63 -52.36
N TYR B 274 7.73 9.60 -51.82
CA TYR B 274 7.59 9.36 -50.40
C TYR B 274 8.26 8.05 -50.01
N ILE B 275 8.25 7.77 -48.71
CA ILE B 275 8.83 6.57 -48.14
C ILE B 275 7.86 6.05 -47.09
N ILE B 276 7.59 4.75 -47.14
CA ILE B 276 6.61 4.09 -46.28
C ILE B 276 7.38 3.30 -45.23
N PHE B 277 7.14 3.66 -43.96
CA PHE B 277 7.82 3.08 -42.80
C PHE B 277 7.06 1.92 -42.20
N GLY B 278 5.81 1.70 -42.60
CA GLY B 278 5.14 0.46 -42.25
C GLY B 278 4.16 0.52 -41.11
N GLY B 279 2.96 0.00 -41.36
CA GLY B 279 1.98 -0.25 -40.33
C GLY B 279 1.87 -1.73 -40.03
N TYR B 280 0.87 -2.40 -40.60
CA TYR B 280 0.65 -3.80 -40.34
C TYR B 280 0.35 -4.54 -41.64
N GLN B 281 0.96 -5.71 -41.79
CA GLN B 281 0.66 -6.59 -42.91
C GLN B 281 -0.60 -7.41 -42.64
N SER B 282 -0.60 -8.15 -41.53
CA SER B 282 -1.73 -8.95 -41.09
C SER B 282 -2.09 -8.54 -39.67
N GLU B 283 -3.22 -9.07 -39.19
CA GLU B 283 -3.73 -8.70 -37.88
C GLU B 283 -2.77 -9.04 -36.75
N THR B 284 -1.85 -9.98 -36.98
CA THR B 284 -0.93 -10.42 -35.93
C THR B 284 0.53 -10.07 -36.22
N GLN B 285 0.84 -9.51 -37.39
CA GLN B 285 2.22 -9.37 -37.84
C GLN B 285 2.41 -7.98 -38.42
N LYS B 286 3.09 -7.11 -37.69
CA LYS B 286 3.34 -5.76 -38.17
C LYS B 286 4.45 -5.77 -39.21
N ARG B 287 4.32 -4.90 -40.21
CA ARG B 287 5.25 -4.87 -41.32
C ARG B 287 6.57 -4.22 -40.90
N MET B 288 7.68 -4.89 -41.20
CA MET B 288 8.99 -4.47 -40.73
C MET B 288 9.88 -3.92 -41.83
N GLU B 289 9.43 -3.90 -43.08
CA GLU B 289 10.27 -3.49 -44.19
C GLU B 289 9.84 -2.12 -44.72
N CYS B 290 10.83 -1.36 -45.18
CA CYS B 290 10.63 -0.04 -45.77
C CYS B 290 10.21 -0.15 -47.23
N THR B 291 9.62 0.91 -47.75
CA THR B 291 9.29 0.91 -49.18
C THR B 291 9.31 2.32 -49.75
N TYR B 292 10.12 2.53 -50.78
CA TYR B 292 10.16 3.81 -51.49
C TYR B 292 9.05 3.85 -52.54
N VAL B 293 8.34 4.97 -52.61
CA VAL B 293 7.24 5.13 -53.57
C VAL B 293 7.37 6.50 -54.21
N GLY B 294 7.94 6.55 -55.41
CA GLY B 294 7.88 7.73 -56.25
C GLY B 294 6.83 7.52 -57.33
N LEU B 295 6.10 8.59 -57.66
CA LEU B 295 5.02 8.47 -58.62
C LEU B 295 5.09 9.62 -59.63
N ASP B 296 4.78 9.30 -60.87
CA ASP B 296 4.98 10.22 -61.98
C ASP B 296 3.77 10.20 -62.90
N ASP B 297 3.94 10.77 -64.10
CA ASP B 297 2.90 10.82 -65.12
C ASP B 297 2.60 9.44 -65.72
N VAL B 298 3.57 8.53 -65.71
CA VAL B 298 3.33 7.19 -66.23
C VAL B 298 2.51 6.38 -65.24
N GLY B 299 2.79 6.53 -63.95
CA GLY B 299 2.08 5.78 -62.93
C GLY B 299 2.83 5.86 -61.62
N VAL B 300 2.60 4.87 -60.77
CA VAL B 300 3.28 4.76 -59.50
C VAL B 300 4.42 3.75 -59.64
N HIS B 301 5.55 4.06 -59.02
CA HIS B 301 6.70 3.16 -58.99
C HIS B 301 6.96 2.74 -57.55
N MET B 302 7.65 1.61 -57.40
CA MET B 302 7.73 0.94 -56.10
C MET B 302 9.00 0.12 -56.03
N GLU B 303 9.85 0.42 -55.04
CA GLU B 303 11.11 -0.27 -54.86
C GLU B 303 11.37 -0.49 -53.38
N SER B 304 11.97 -1.63 -53.05
CA SER B 304 12.28 -1.96 -51.67
C SER B 304 13.57 -1.27 -51.23
N ARG B 305 13.52 -0.59 -50.11
CA ARG B 305 14.71 -0.07 -49.45
C ARG B 305 15.03 -0.93 -48.23
N GLU B 306 16.28 -0.86 -47.81
CA GLU B 306 16.67 -1.67 -46.66
C GLU B 306 16.12 -1.04 -45.37
N PRO B 307 15.58 -1.85 -44.46
CA PRO B 307 15.07 -1.31 -43.19
C PRO B 307 16.22 -1.01 -42.24
N PRO B 308 16.02 -0.15 -41.24
CA PRO B 308 17.10 0.08 -40.29
C PRO B 308 17.22 -1.13 -39.38
N GLN B 309 18.31 -1.19 -38.62
CA GLN B 309 18.47 -2.30 -37.72
C GLN B 309 17.49 -2.15 -36.56
N TRP B 310 16.32 -2.75 -36.70
CA TRP B 310 15.28 -2.62 -35.69
C TRP B 310 15.76 -3.20 -34.36
N THR B 311 15.63 -2.41 -33.30
CA THR B 311 15.92 -2.90 -31.96
C THR B 311 15.02 -4.08 -31.63
N SER B 312 15.47 -4.89 -30.66
CA SER B 312 14.66 -6.04 -30.24
C SER B 312 13.31 -5.60 -29.71
N GLU B 313 13.26 -4.45 -29.02
CA GLU B 313 12.01 -3.98 -28.44
C GLU B 313 11.01 -3.60 -29.53
N ILE B 314 11.45 -2.77 -30.49
CA ILE B 314 10.56 -2.37 -31.59
C ILE B 314 10.29 -3.52 -32.56
N SER B 315 11.04 -4.61 -32.46
CA SER B 315 10.79 -5.77 -33.31
C SER B 315 9.79 -6.74 -32.68
N HIS B 316 9.84 -6.92 -31.36
CA HIS B 316 8.95 -7.84 -30.68
C HIS B 316 7.73 -7.14 -30.08
N SER B 317 7.53 -5.86 -30.39
CA SER B 317 6.34 -5.17 -29.92
C SER B 317 5.11 -5.65 -30.68
N ARG B 318 3.95 -5.54 -30.04
CA ARG B 318 2.71 -5.97 -30.69
C ARG B 318 2.19 -4.89 -31.63
N THR B 319 2.15 -3.64 -31.17
CA THR B 319 1.66 -2.52 -31.95
C THR B 319 2.72 -1.43 -32.06
N TRP B 320 2.45 -0.47 -32.93
CA TRP B 320 3.27 0.73 -33.05
C TRP B 320 2.50 1.77 -33.85
N PHE B 321 2.93 3.02 -33.75
CA PHE B 321 2.30 4.12 -34.45
C PHE B 321 3.29 5.27 -34.55
N GLY B 322 2.88 6.34 -35.22
CA GLY B 322 3.71 7.51 -35.36
C GLY B 322 3.32 8.31 -36.59
N GLY B 323 4.14 9.33 -36.87
CA GLY B 323 3.89 10.21 -37.99
C GLY B 323 5.18 10.78 -38.52
N SER B 324 5.08 11.42 -39.67
CA SER B 324 6.25 11.97 -40.36
C SER B 324 6.63 13.32 -39.76
N LEU B 325 7.88 13.43 -39.29
CA LEU B 325 8.42 14.71 -38.87
C LEU B 325 8.90 15.54 -40.05
N GLY B 326 8.83 15.01 -41.25
CA GLY B 326 9.12 15.77 -42.45
C GLY B 326 10.54 15.56 -42.94
N LYS B 327 10.74 15.91 -44.22
CA LYS B 327 12.04 15.84 -44.88
C LYS B 327 12.72 14.50 -44.62
N GLY B 328 12.01 13.42 -44.95
CA GLY B 328 12.55 12.09 -44.81
C GLY B 328 12.76 11.62 -43.39
N THR B 329 12.15 12.28 -42.41
CA THR B 329 12.29 11.90 -41.01
C THR B 329 10.92 11.66 -40.40
N ALA B 330 10.82 10.64 -39.55
CA ALA B 330 9.57 10.31 -38.89
C ALA B 330 9.81 9.86 -37.46
N LEU B 331 8.74 9.87 -36.68
CA LEU B 331 8.75 9.55 -35.26
C LEU B 331 7.87 8.33 -35.03
N VAL B 332 8.38 7.34 -34.30
CA VAL B 332 7.63 6.12 -34.00
C VAL B 332 7.58 5.94 -32.49
N ALA B 333 6.51 5.27 -32.03
CA ALA B 333 6.24 5.09 -30.62
C ALA B 333 5.89 3.64 -30.32
N ILE B 334 6.32 3.17 -29.16
CA ILE B 334 6.10 1.79 -28.72
C ILE B 334 5.51 1.80 -27.32
N PRO B 335 4.43 1.08 -27.07
CA PRO B 335 3.92 0.98 -25.70
C PRO B 335 4.88 0.22 -24.80
N SER B 336 4.90 0.61 -23.53
CA SER B 336 5.81 0.04 -22.55
C SER B 336 5.04 -0.65 -21.44
N GLU B 337 5.62 -1.73 -20.92
CA GLU B 337 5.02 -2.52 -19.85
C GLU B 337 5.98 -2.56 -18.66
N GLY B 338 5.47 -2.27 -17.48
CA GLY B 338 6.28 -2.31 -16.27
C GLY B 338 5.43 -2.21 -15.03
N ASN B 339 6.03 -2.59 -13.91
CA ASN B 339 5.39 -2.51 -12.61
C ASN B 339 6.40 -1.99 -11.59
N PRO B 340 6.20 -0.77 -11.05
CA PRO B 340 5.06 0.13 -11.27
C PRO B 340 5.02 0.82 -12.63
N THR B 341 3.98 1.61 -12.85
CA THR B 341 3.84 2.35 -14.10
C THR B 341 5.00 3.33 -14.25
N PRO B 342 5.58 3.44 -15.44
CA PRO B 342 6.88 4.14 -15.60
C PRO B 342 6.89 5.55 -15.02
N PRO B 343 5.86 6.39 -15.25
CA PRO B 343 4.58 6.35 -15.98
C PRO B 343 4.70 6.87 -17.42
N GLU B 344 5.92 6.96 -17.93
CA GLU B 344 6.12 7.28 -19.33
C GLU B 344 5.54 6.16 -20.18
N ALA B 345 4.41 6.41 -20.83
CA ALA B 345 3.63 5.35 -21.44
C ALA B 345 4.23 4.81 -22.73
N TYR B 346 5.12 5.55 -23.38
CA TYR B 346 5.61 5.16 -24.69
C TYR B 346 7.10 5.45 -24.84
N HIS B 347 7.84 4.47 -25.35
CA HIS B 347 9.21 4.70 -25.80
C HIS B 347 9.17 5.29 -27.21
N PHE B 348 10.07 6.21 -27.49
CA PHE B 348 10.06 6.95 -28.74
C PHE B 348 11.35 6.72 -29.52
N TYR B 349 11.22 6.59 -30.84
CA TYR B 349 12.37 6.53 -31.73
C TYR B 349 12.18 7.54 -32.85
N GLN B 350 13.29 8.06 -33.37
CA GLN B 350 13.29 8.89 -34.56
C GLN B 350 14.02 8.14 -35.66
N VAL B 351 13.32 7.84 -36.75
CA VAL B 351 13.94 7.19 -37.90
C VAL B 351 14.13 8.22 -39.00
N SER B 352 15.21 8.06 -39.75
CA SER B 352 15.57 9.03 -40.78
C SER B 352 16.18 8.31 -41.97
N PHE B 353 15.84 8.79 -43.17
CA PHE B 353 16.32 8.25 -44.43
C PHE B 353 17.43 9.16 -44.96
N GLN B 354 18.53 8.54 -45.38
CA GLN B 354 19.70 9.27 -45.87
C GLN B 354 20.20 10.29 -44.86
N PHE C 607 -33.00 -32.06 14.30
CA PHE C 607 -32.44 -32.95 15.31
C PHE C 607 -31.68 -32.19 16.38
N GLY C 608 -30.43 -31.89 16.08
CA GLY C 608 -29.53 -31.27 17.04
C GLY C 608 -28.13 -31.83 16.88
N LEU C 609 -27.13 -30.95 16.86
CA LEU C 609 -25.75 -31.35 16.66
C LEU C 609 -24.97 -31.24 17.95
N HIS C 610 -23.95 -32.09 18.07
CA HIS C 610 -23.04 -32.01 19.20
C HIS C 610 -22.34 -30.65 19.18
N PRO C 611 -22.31 -29.92 20.30
CA PRO C 611 -21.60 -28.64 20.33
C PRO C 611 -20.19 -28.68 19.75
N ALA C 612 -19.47 -29.80 19.90
CA ALA C 612 -18.17 -29.92 19.26
C ALA C 612 -18.30 -29.86 17.74
N VAL C 613 -19.29 -30.57 17.19
CA VAL C 613 -19.47 -30.61 15.73
C VAL C 613 -19.74 -29.21 15.20
N CYS C 614 -20.69 -28.49 15.80
CA CYS C 614 -21.04 -27.17 15.28
C CYS C 614 -19.98 -26.13 15.60
N LEU C 615 -19.21 -26.32 16.68
CA LEU C 615 -18.06 -25.45 16.90
C LEU C 615 -17.03 -25.62 15.80
N ALA C 616 -16.77 -26.87 15.39
CA ALA C 616 -15.88 -27.11 14.26
C ALA C 616 -16.46 -26.53 12.97
N ILE C 617 -17.77 -26.63 12.80
CA ILE C 617 -18.44 -26.01 11.66
C ILE C 617 -18.16 -24.51 11.64
N ARG C 618 -18.31 -23.86 12.80
CA ARG C 618 -18.16 -22.41 12.86
C ARG C 618 -16.70 -21.99 12.65
N VAL C 619 -15.75 -22.75 13.21
CA VAL C 619 -14.36 -22.35 13.14
C VAL C 619 -13.77 -22.63 11.76
N ASN C 620 -14.04 -23.82 11.21
CA ASN C 620 -13.38 -24.25 9.99
C ASN C 620 -13.94 -23.60 8.73
N THR C 621 -15.07 -22.88 8.82
CA THR C 621 -15.66 -22.23 7.66
C THR C 621 -15.51 -20.71 7.71
N PHE C 622 -14.74 -20.19 8.67
CA PHE C 622 -14.43 -18.77 8.81
C PHE C 622 -15.64 -17.92 9.15
N LEU C 623 -16.68 -18.52 9.71
CA LEU C 623 -17.83 -17.75 10.15
C LEU C 623 -17.48 -16.91 11.37
N SER C 624 -17.97 -15.67 11.39
CA SER C 624 -17.89 -14.88 12.61
C SER C 624 -18.80 -15.48 13.68
N CYS C 625 -18.66 -14.98 14.90
CA CYS C 625 -19.65 -15.31 15.92
C CYS C 625 -20.97 -14.61 15.63
N SER C 626 -20.90 -13.35 15.20
CA SER C 626 -22.11 -12.60 14.87
C SER C 626 -22.81 -13.23 13.66
N GLN C 627 -22.05 -13.59 12.63
CA GLN C 627 -22.65 -14.23 11.45
C GLN C 627 -23.25 -15.59 11.80
N TYR C 628 -22.55 -16.36 12.64
CA TYR C 628 -23.06 -17.66 13.05
C TYR C 628 -24.38 -17.51 13.83
N HIS C 629 -24.45 -16.53 14.72
CA HIS C 629 -25.70 -16.29 15.45
C HIS C 629 -26.81 -15.84 14.50
N LYS C 630 -26.46 -14.98 13.53
CA LYS C 630 -27.40 -14.56 12.49
C LYS C 630 -28.00 -15.76 11.77
N MET C 631 -27.17 -16.77 11.50
CA MET C 631 -27.68 -17.97 10.83
C MET C 631 -28.48 -18.86 11.78
N TYR C 632 -28.03 -18.95 13.04
CA TYR C 632 -28.65 -19.86 14.00
C TYR C 632 -30.10 -19.45 14.28
N ARG C 633 -30.32 -18.16 14.54
CA ARG C 633 -31.69 -17.72 14.81
C ARG C 633 -32.58 -17.95 13.59
N THR C 634 -32.05 -17.75 12.38
CA THR C 634 -32.85 -17.92 11.18
C THR C 634 -33.26 -19.37 10.98
N VAL C 635 -32.29 -20.28 11.05
CA VAL C 635 -32.62 -21.70 10.90
C VAL C 635 -33.45 -22.19 12.07
N LYS C 636 -33.47 -21.47 13.19
CA LYS C 636 -34.30 -21.84 14.33
C LYS C 636 -35.71 -21.28 14.26
N ALA C 637 -35.96 -20.27 13.41
CA ALA C 637 -37.32 -19.73 13.34
C ALA C 637 -38.19 -20.43 12.29
N THR C 638 -37.65 -20.70 11.10
CA THR C 638 -38.30 -21.61 10.17
C THR C 638 -37.88 -23.02 10.54
N SER C 639 -38.85 -23.92 10.68
CA SER C 639 -38.60 -25.25 11.24
C SER C 639 -38.01 -25.12 12.65
N GLY C 640 -38.85 -24.59 13.54
CA GLY C 640 -38.48 -24.20 14.89
C GLY C 640 -37.55 -25.11 15.66
N ARG C 641 -37.54 -26.40 15.32
CA ARG C 641 -36.61 -27.34 15.95
C ARG C 641 -35.17 -26.88 15.75
N GLN C 642 -34.51 -26.48 16.83
CA GLN C 642 -33.18 -25.90 16.69
C GLN C 642 -32.16 -26.98 16.33
N ILE C 643 -31.42 -26.74 15.26
CA ILE C 643 -30.41 -27.67 14.78
C ILE C 643 -29.02 -27.27 15.27
N PHE C 644 -28.66 -26.00 15.13
CA PHE C 644 -27.39 -25.51 15.64
C PHE C 644 -27.53 -25.14 17.11
N GLN C 645 -26.41 -25.14 17.78
CA GLN C 645 -26.42 -24.75 19.18
C GLN C 645 -26.27 -23.24 19.33
N PRO C 646 -26.79 -22.66 20.42
CA PRO C 646 -26.56 -21.23 20.66
C PRO C 646 -25.09 -20.92 20.92
N LEU C 647 -24.77 -19.64 21.14
CA LEU C 647 -23.38 -19.23 21.20
C LEU C 647 -22.72 -19.65 22.52
N HIS C 648 -23.43 -19.50 23.64
CA HIS C 648 -22.80 -19.68 24.94
C HIS C 648 -22.31 -21.12 25.14
N THR C 649 -23.04 -22.10 24.62
CA THR C 649 -22.60 -23.48 24.77
C THR C 649 -21.35 -23.78 23.95
N LEU C 650 -21.08 -23.02 22.88
CA LEU C 650 -19.82 -23.19 22.16
C LEU C 650 -18.66 -22.58 22.93
N ARG C 651 -18.89 -21.42 23.54
CA ARG C 651 -17.93 -20.84 24.47
C ARG C 651 -17.59 -21.83 25.58
N ASN C 652 -18.60 -22.60 26.01
CA ASN C 652 -18.32 -23.65 26.99
C ASN C 652 -17.62 -24.86 26.35
N ALA C 653 -17.89 -25.14 25.08
CA ALA C 653 -17.31 -26.31 24.44
C ALA C 653 -15.81 -26.16 24.20
N GLU C 654 -15.34 -24.93 23.93
CA GLU C 654 -13.97 -24.79 23.47
C GLU C 654 -12.93 -24.79 24.60
N LYS C 655 -13.32 -24.51 25.84
CA LYS C 655 -12.34 -24.37 26.91
C LYS C 655 -11.60 -25.66 27.23
N GLU C 656 -12.04 -26.80 26.69
CA GLU C 656 -11.26 -28.04 26.78
C GLU C 656 -10.17 -28.08 25.73
N LEU C 657 -10.30 -27.30 24.65
CA LEU C 657 -9.34 -27.31 23.56
C LEU C 657 -8.24 -26.26 23.71
N LEU C 658 -8.49 -25.20 24.47
CA LEU C 658 -7.50 -24.15 24.64
C LEU C 658 -6.47 -24.56 25.69
N PRO C 659 -5.27 -23.98 25.63
CA PRO C 659 -4.25 -24.28 26.65
C PRO C 659 -4.70 -23.85 28.03
N GLY C 660 -4.27 -24.62 29.03
CA GLY C 660 -4.64 -24.36 30.40
C GLY C 660 -5.80 -25.19 30.92
N PHE C 661 -6.03 -26.38 30.38
CA PHE C 661 -7.15 -27.22 30.77
C PHE C 661 -6.72 -28.54 31.38
N HIS C 662 -5.74 -29.22 30.80
CA HIS C 662 -5.28 -30.51 31.30
C HIS C 662 -4.19 -30.33 32.35
N GLN C 663 -4.10 -31.29 33.25
CA GLN C 663 -3.11 -31.27 34.33
C GLN C 663 -1.87 -32.06 33.91
N PHE C 664 -0.69 -31.47 34.11
CA PHE C 664 0.56 -32.09 33.72
C PHE C 664 1.61 -31.79 34.78
N GLU C 665 2.80 -32.36 34.58
CA GLU C 665 3.94 -32.04 35.43
C GLU C 665 5.23 -32.49 34.76
N TRP C 666 6.31 -31.78 35.07
CA TRP C 666 7.63 -32.06 34.53
C TRP C 666 8.49 -32.73 35.59
N GLN C 667 9.35 -33.66 35.17
CA GLN C 667 10.28 -34.32 36.07
C GLN C 667 11.66 -34.35 35.43
N PRO C 668 12.66 -33.64 36.00
CA PRO C 668 12.50 -32.80 37.18
C PRO C 668 11.76 -31.49 36.88
N ALA C 669 11.45 -30.72 37.92
CA ALA C 669 10.71 -29.47 37.72
C ALA C 669 11.49 -28.53 36.82
N LEU C 670 10.76 -27.69 36.09
CA LEU C 670 11.39 -26.74 35.19
C LEU C 670 12.06 -25.63 35.98
N LYS C 671 13.28 -25.27 35.56
CA LYS C 671 14.03 -24.23 36.25
C LYS C 671 13.49 -22.86 35.87
N ASN C 672 13.27 -22.02 36.89
CA ASN C 672 12.64 -20.70 36.81
C ASN C 672 11.45 -20.66 35.85
N VAL C 673 10.61 -21.69 35.89
CA VAL C 673 9.28 -21.66 35.29
C VAL C 673 8.29 -22.13 36.33
N SER C 674 7.20 -21.40 36.50
CA SER C 674 6.23 -21.70 37.56
C SER C 674 5.59 -23.06 37.33
N THR C 675 5.12 -23.66 38.42
CA THR C 675 4.54 -25.00 38.39
C THR C 675 3.03 -24.99 38.17
N SER C 676 2.41 -23.82 38.02
CA SER C 676 0.99 -23.75 37.73
C SER C 676 0.71 -24.27 36.32
N TRP C 677 -0.37 -25.02 36.18
CA TRP C 677 -0.69 -25.67 34.91
C TRP C 677 -1.98 -25.15 34.27
N ASP C 678 -2.59 -24.10 34.83
CA ASP C 678 -3.91 -23.66 34.39
C ASP C 678 -3.91 -22.23 33.86
N VAL C 679 -2.75 -21.71 33.46
CA VAL C 679 -2.70 -20.36 32.92
C VAL C 679 -3.12 -20.37 31.46
N GLY C 680 -3.83 -19.33 31.04
CA GLY C 680 -4.34 -19.26 29.68
C GLY C 680 -3.55 -18.32 28.80
N ILE C 681 -4.08 -17.13 28.56
CA ILE C 681 -3.45 -16.12 27.72
C ILE C 681 -2.86 -15.06 28.63
N ILE C 682 -1.55 -14.87 28.57
CA ILE C 682 -0.88 -13.83 29.33
C ILE C 682 -0.47 -12.73 28.37
N ASP C 683 -0.26 -11.54 28.93
CA ASP C 683 0.40 -10.49 28.17
C ASP C 683 1.91 -10.73 28.20
N GLY C 684 2.54 -10.60 27.03
CA GLY C 684 3.94 -10.94 26.92
C GLY C 684 4.90 -9.99 27.61
N LEU C 685 4.41 -8.88 28.17
CA LEU C 685 5.30 -7.93 28.82
C LEU C 685 5.93 -8.52 30.08
N SER C 686 5.28 -9.50 30.69
CA SER C 686 5.87 -10.33 31.74
C SER C 686 6.27 -9.50 32.96
N GLY C 687 5.47 -8.49 33.29
CA GLY C 687 5.72 -7.70 34.48
C GLY C 687 6.59 -6.48 34.26
N TRP C 688 6.55 -5.89 33.07
CA TRP C 688 7.37 -4.72 32.75
C TRP C 688 6.98 -3.56 33.64
N THR C 689 7.82 -3.23 34.62
CA THR C 689 7.54 -2.12 35.51
C THR C 689 7.46 -0.82 34.72
N VAL C 690 6.44 -0.02 35.02
CA VAL C 690 5.98 1.03 34.11
C VAL C 690 6.41 2.40 34.62
N SER C 691 7.54 2.44 35.33
CA SER C 691 8.11 3.72 35.72
C SER C 691 8.46 4.56 34.49
N VAL C 692 8.51 5.87 34.68
CA VAL C 692 8.75 6.79 33.57
C VAL C 692 10.24 6.89 33.23
N ASP C 693 11.11 6.72 34.22
CA ASP C 693 12.55 6.79 33.97
C ASP C 693 13.10 5.55 33.30
N ASP C 694 12.35 4.44 33.28
CA ASP C 694 12.80 3.20 32.68
C ASP C 694 12.51 3.19 31.18
N VAL C 695 12.91 2.11 30.52
CA VAL C 695 12.59 1.93 29.09
C VAL C 695 11.08 1.77 28.93
N PRO C 696 10.47 2.42 27.95
CA PRO C 696 9.00 2.45 27.89
C PRO C 696 8.40 1.07 27.63
N ALA C 697 7.12 0.97 27.96
CA ALA C 697 6.31 -0.22 27.66
C ALA C 697 5.51 0.00 26.38
N ASP C 698 6.25 0.16 25.28
CA ASP C 698 5.71 0.46 23.96
C ASP C 698 4.92 -0.68 23.35
N THR C 699 4.83 -1.84 24.01
CA THR C 699 4.42 -3.08 23.36
C THR C 699 3.02 -3.51 23.78
N ILE C 700 2.25 -3.97 22.80
CA ILE C 700 1.05 -4.77 23.02
C ILE C 700 1.35 -6.16 22.52
N SER C 701 1.38 -7.14 23.43
CA SER C 701 1.74 -8.49 23.05
C SER C 701 1.00 -9.49 23.93
N ARG C 702 0.63 -10.62 23.32
CA ARG C 702 -0.06 -11.68 24.05
C ARG C 702 0.57 -13.01 23.68
N ARG C 703 0.40 -13.99 24.58
CA ARG C 703 1.07 -15.26 24.35
C ARG C 703 0.47 -16.35 25.23
N PHE C 704 0.68 -17.59 24.78
CA PHE C 704 0.54 -18.76 25.64
C PHE C 704 1.87 -19.06 26.29
N ARG C 705 1.82 -19.53 27.54
CA ARG C 705 3.02 -19.97 28.22
C ARG C 705 3.46 -21.32 27.64
N TYR C 706 4.73 -21.38 27.20
CA TYR C 706 5.16 -22.33 26.17
C TYR C 706 4.75 -23.77 26.48
N ASP C 707 5.18 -24.29 27.64
CA ASP C 707 4.94 -25.72 27.93
C ASP C 707 3.46 -26.04 28.05
N VAL C 708 2.64 -25.08 28.50
CA VAL C 708 1.21 -25.31 28.57
C VAL C 708 0.63 -25.51 27.18
N ALA C 709 1.00 -24.65 26.24
CA ALA C 709 0.55 -24.81 24.86
C ALA C 709 1.06 -26.12 24.27
N LEU C 710 2.28 -26.52 24.63
CA LEU C 710 2.81 -27.81 24.18
C LEU C 710 1.94 -28.96 24.68
N VAL C 711 1.61 -28.92 25.98
CA VAL C 711 0.72 -29.93 26.57
C VAL C 711 -0.60 -29.96 25.81
N SER C 712 -1.14 -28.79 25.47
CA SER C 712 -2.42 -28.74 24.79
C SER C 712 -2.34 -29.39 23.40
N ALA C 713 -1.33 -29.05 22.61
CA ALA C 713 -1.22 -29.63 21.28
C ALA C 713 -0.98 -31.14 21.35
N LEU C 714 -0.11 -31.58 22.27
CA LEU C 714 0.14 -33.00 22.42
C LEU C 714 -1.12 -33.76 22.79
N LYS C 715 -1.88 -33.23 23.77
CA LYS C 715 -3.14 -33.85 24.14
C LYS C 715 -4.15 -33.81 23.01
N ASP C 716 -4.04 -32.82 22.12
CA ASP C 716 -4.89 -32.79 20.93
C ASP C 716 -4.54 -33.93 19.99
N LEU C 717 -3.28 -34.37 19.98
CA LEU C 717 -2.86 -35.44 19.09
C LEU C 717 -3.08 -36.85 19.67
N GLU C 718 -3.98 -37.02 20.64
CA GLU C 718 -4.02 -38.29 21.34
C GLU C 718 -4.74 -39.38 20.54
N GLU C 719 -5.75 -39.03 19.72
CA GLU C 719 -6.36 -40.01 18.83
C GLU C 719 -5.32 -40.62 17.90
N ASP C 720 -4.56 -39.76 17.23
CA ASP C 720 -3.56 -40.22 16.28
C ASP C 720 -2.42 -40.95 16.98
N ILE C 721 -2.06 -40.53 18.21
CA ILE C 721 -1.02 -41.25 18.93
C ILE C 721 -1.47 -42.67 19.26
N MET C 722 -2.73 -42.84 19.67
CA MET C 722 -3.22 -44.17 20.02
C MET C 722 -3.34 -45.06 18.78
N GLU C 723 -3.87 -44.51 17.69
CA GLU C 723 -4.02 -45.32 16.48
C GLU C 723 -2.66 -45.64 15.87
N GLY C 724 -1.69 -44.72 15.96
CA GLY C 724 -0.35 -45.04 15.55
C GLY C 724 0.26 -46.15 16.39
N LEU C 725 -0.06 -46.17 17.68
CA LEU C 725 0.39 -47.29 18.50
C LEU C 725 -0.24 -48.60 18.04
N ARG C 726 -1.54 -48.59 17.73
CA ARG C 726 -2.21 -49.84 17.44
C ARG C 726 -1.86 -50.39 16.05
N GLU C 727 -1.55 -49.51 15.09
CA GLU C 727 -1.23 -50.02 13.76
C GLU C 727 0.15 -50.66 13.71
N ARG C 728 1.13 -50.11 14.43
CA ARG C 728 2.42 -50.78 14.53
C ARG C 728 2.35 -52.08 15.31
N ALA C 729 1.17 -52.45 15.81
CA ALA C 729 0.97 -53.68 16.59
C ALA C 729 1.80 -53.67 17.86
N LEU C 730 2.12 -52.49 18.38
CA LEU C 730 2.72 -52.33 19.69
C LEU C 730 1.63 -52.22 20.74
N ASP C 731 1.84 -52.81 21.91
CA ASP C 731 0.78 -52.73 22.91
C ASP C 731 1.07 -51.67 23.95
N ASP C 732 0.07 -51.42 24.78
CA ASP C 732 -0.19 -50.18 25.53
C ASP C 732 0.26 -50.22 26.98
N SER C 733 0.10 -51.35 27.69
CA SER C 733 0.70 -51.48 29.02
C SER C 733 2.22 -51.39 28.95
N MET C 734 2.80 -52.01 27.92
CA MET C 734 4.11 -51.68 27.38
C MET C 734 4.15 -50.22 26.98
N CYS C 735 5.32 -49.70 26.57
CA CYS C 735 5.39 -48.50 25.72
C CYS C 735 4.84 -47.23 26.39
N THR C 736 5.34 -46.92 27.58
CA THR C 736 4.93 -45.64 28.16
C THR C 736 6.09 -44.86 28.74
N SER C 737 7.30 -45.02 28.18
CA SER C 737 8.47 -44.46 28.82
C SER C 737 9.37 -43.63 27.89
N GLY C 738 9.38 -43.97 26.61
CA GLY C 738 10.37 -43.42 25.70
C GLY C 738 9.85 -42.63 24.53
N PHE C 739 8.81 -41.82 24.73
CA PHE C 739 8.29 -40.99 23.65
C PHE C 739 9.23 -39.84 23.35
N THR C 740 9.33 -39.50 22.06
CA THR C 740 10.18 -38.40 21.60
C THR C 740 9.40 -37.57 20.60
N VAL C 741 9.24 -36.28 20.90
CA VAL C 741 8.54 -35.34 20.05
C VAL C 741 9.55 -34.40 19.42
N VAL C 742 9.41 -34.16 18.12
CA VAL C 742 10.27 -33.24 17.38
C VAL C 742 9.42 -32.03 17.01
N VAL C 743 9.83 -30.86 17.49
CA VAL C 743 9.05 -29.63 17.36
C VAL C 743 9.80 -28.69 16.42
N LYS C 744 9.13 -28.28 15.34
CA LYS C 744 9.66 -27.26 14.44
C LYS C 744 9.17 -25.90 14.90
N GLU C 745 10.10 -24.99 15.19
CA GLU C 745 9.73 -23.63 15.55
C GLU C 745 9.91 -22.69 14.38
N SER C 746 9.26 -21.54 14.48
CA SER C 746 9.17 -20.62 13.36
C SER C 746 8.81 -19.24 13.90
N CYS C 747 9.37 -18.21 13.28
CA CYS C 747 9.11 -16.83 13.68
C CYS C 747 9.37 -15.94 12.49
N ASP C 748 8.53 -14.92 12.33
CA ASP C 748 8.67 -14.01 11.19
C ASP C 748 8.02 -12.69 11.50
N GLY C 749 8.66 -11.60 11.06
CA GLY C 749 8.04 -10.30 11.12
C GLY C 749 7.04 -10.11 10.01
N MET C 750 6.30 -9.01 10.10
CA MET C 750 5.18 -8.78 9.20
C MET C 750 4.87 -7.29 9.16
N GLY C 751 4.99 -6.69 7.98
CA GLY C 751 4.74 -5.27 7.82
C GLY C 751 3.32 -4.97 7.38
N ASP C 752 3.01 -3.68 7.32
CA ASP C 752 1.72 -3.17 6.88
C ASP C 752 0.59 -3.74 7.75
N VAL C 753 0.62 -3.36 9.02
CA VAL C 753 -0.44 -3.69 9.97
C VAL C 753 -1.00 -2.37 10.46
N SER C 754 -2.15 -1.96 9.91
CA SER C 754 -2.73 -0.68 10.27
C SER C 754 -3.02 -0.60 11.76
N GLU C 755 -2.79 0.57 12.34
CA GLU C 755 -2.88 0.79 13.77
C GLU C 755 -4.26 1.35 14.13
N LYS C 756 -4.78 0.93 15.27
CA LYS C 756 -6.09 1.38 15.73
C LYS C 756 -6.00 2.76 16.35
N HIS C 757 -7.15 3.42 16.46
CA HIS C 757 -7.23 4.68 17.19
C HIS C 757 -7.04 4.43 18.69
N GLY C 758 -7.93 3.64 19.28
CA GLY C 758 -7.84 3.11 20.63
C GLY C 758 -7.60 4.17 21.67
N SER C 759 -6.89 3.77 22.74
CA SER C 759 -6.54 4.65 23.84
C SER C 759 -5.04 4.84 23.99
N GLY C 760 -4.29 3.74 24.04
CA GLY C 760 -2.85 3.79 24.18
C GLY C 760 -2.25 2.44 24.44
N PRO C 761 -0.92 2.32 24.32
CA PRO C 761 -0.01 3.41 23.93
C PRO C 761 0.21 3.47 22.43
N ALA C 762 0.96 4.48 21.97
CA ALA C 762 1.33 4.54 20.57
C ALA C 762 2.15 3.31 20.20
N VAL C 763 1.85 2.73 19.05
CA VAL C 763 2.37 1.41 18.71
C VAL C 763 2.80 1.38 17.24
N PRO C 764 3.88 0.68 16.90
CA PRO C 764 4.28 0.61 15.48
C PRO C 764 3.26 -0.15 14.66
N GLU C 765 3.45 -0.07 13.34
CA GLU C 765 2.57 -0.72 12.38
C GLU C 765 3.17 -2.00 11.80
N LYS C 766 3.96 -2.71 12.60
CA LYS C 766 4.52 -3.99 12.23
C LYS C 766 4.24 -5.00 13.34
N ALA C 767 4.30 -6.28 13.00
CA ALA C 767 3.96 -7.33 13.93
C ALA C 767 4.91 -8.51 13.79
N VAL C 768 5.24 -9.13 14.92
CA VAL C 768 6.05 -10.33 14.95
C VAL C 768 5.21 -11.46 15.54
N ARG C 769 5.38 -12.66 14.99
CA ARG C 769 4.44 -13.77 15.21
C ARG C 769 5.24 -15.06 15.37
N PHE C 770 5.43 -15.49 16.63
CA PHE C 770 6.20 -16.69 16.93
C PHE C 770 5.24 -17.88 17.09
N SER C 771 5.49 -18.94 16.33
CA SER C 771 4.64 -20.13 16.30
C SER C 771 5.52 -21.37 16.25
N PHE C 772 4.88 -22.53 16.36
CA PHE C 772 5.57 -23.81 16.27
C PHE C 772 4.60 -24.87 15.74
N THR C 773 5.15 -26.04 15.43
CA THR C 773 4.35 -27.15 14.96
C THR C 773 5.03 -28.46 15.34
N ILE C 774 4.21 -29.48 15.61
CA ILE C 774 4.69 -30.79 16.01
C ILE C 774 4.93 -31.61 14.73
N MET C 775 6.19 -31.88 14.44
CA MET C 775 6.54 -32.55 13.18
C MET C 775 6.33 -34.06 13.28
N SER C 776 7.05 -34.71 14.19
CA SER C 776 6.98 -36.15 14.34
C SER C 776 6.99 -36.49 15.83
N ILE C 777 6.49 -37.68 16.14
CA ILE C 777 6.58 -38.24 17.48
C ILE C 777 6.76 -39.74 17.37
N SER C 778 7.82 -40.25 17.98
CA SER C 778 8.30 -41.63 17.87
C SER C 778 8.48 -42.22 19.26
N ILE C 779 8.89 -43.48 19.30
CA ILE C 779 9.11 -44.22 20.54
C ILE C 779 10.37 -45.06 20.38
N ARG C 780 11.15 -45.19 21.46
CA ARG C 780 12.42 -45.89 21.38
C ARG C 780 12.46 -47.22 22.13
N LEU C 781 11.79 -47.32 23.27
CA LEU C 781 11.76 -48.56 24.02
C LEU C 781 11.06 -49.58 23.13
N GLU C 782 11.51 -50.83 23.03
CA GLU C 782 12.47 -51.55 23.89
C GLU C 782 13.95 -51.14 23.97
N GLY C 783 14.55 -50.74 22.85
CA GLY C 783 15.97 -50.40 22.88
C GLY C 783 16.73 -50.40 21.57
N GLU C 784 16.85 -51.57 20.93
CA GLU C 784 17.64 -51.67 19.71
C GLU C 784 17.12 -50.77 18.60
N ASP C 785 15.81 -50.72 18.40
CA ASP C 785 15.26 -49.82 17.40
C ASP C 785 15.74 -48.40 17.61
N ASP C 786 16.26 -47.79 16.54
CA ASP C 786 16.51 -46.35 16.50
C ASP C 786 15.37 -45.57 17.12
N GLY C 787 14.16 -45.99 16.81
CA GLY C 787 12.93 -45.40 17.26
C GLY C 787 11.86 -45.69 16.24
N ILE C 788 10.69 -46.11 16.70
CA ILE C 788 9.58 -46.50 15.85
C ILE C 788 8.66 -45.29 15.77
N THR C 789 8.66 -44.62 14.62
CA THR C 789 7.80 -43.45 14.46
C THR C 789 6.35 -43.89 14.48
N ILE C 790 5.54 -43.24 15.30
CA ILE C 790 4.14 -43.56 15.44
C ILE C 790 3.24 -42.49 14.85
N PHE C 791 3.64 -41.21 14.93
CA PHE C 791 2.91 -40.16 14.24
C PHE C 791 3.90 -39.25 13.53
N GLN C 792 3.51 -38.79 12.33
CA GLN C 792 4.32 -37.83 11.60
C GLN C 792 3.40 -36.95 10.77
N GLU C 793 3.81 -35.70 10.60
CA GLU C 793 2.97 -34.72 9.94
C GLU C 793 2.92 -34.99 8.45
N GLN C 794 1.70 -35.04 7.89
CA GLN C 794 1.55 -35.32 6.46
C GLN C 794 1.67 -34.06 5.62
N LYS C 795 1.26 -32.91 6.16
CA LYS C 795 1.34 -31.63 5.45
C LYS C 795 1.98 -30.61 6.37
N PRO C 796 3.31 -30.66 6.52
CA PRO C 796 3.97 -29.78 7.50
C PRO C 796 4.03 -28.32 7.07
N ASN C 797 3.86 -28.02 5.79
CA ASN C 797 3.89 -26.65 5.30
C ASN C 797 2.50 -26.06 5.15
N SER C 798 1.50 -26.66 5.79
CA SER C 798 0.13 -26.17 5.72
C SER C 798 -0.17 -25.25 6.90
N GLU C 799 -1.23 -24.45 6.74
CA GLU C 799 -1.68 -23.58 7.83
C GLU C 799 -2.26 -24.40 8.97
N LEU C 800 -2.99 -25.48 8.64
CA LEU C 800 -3.71 -26.27 9.63
C LEU C 800 -2.79 -26.95 10.63
N SER C 801 -1.48 -26.86 10.45
CA SER C 801 -0.52 -27.47 11.37
C SER C 801 0.61 -26.49 11.68
N CYS C 802 0.25 -25.26 12.05
CA CYS C 802 1.22 -24.26 12.50
C CYS C 802 0.56 -23.46 13.60
N ARG C 803 0.83 -23.83 14.85
CA ARG C 803 0.08 -23.36 16.01
C ARG C 803 0.71 -22.09 16.58
N PRO C 804 -0.06 -21.01 16.73
CA PRO C 804 0.53 -19.76 17.21
C PRO C 804 0.84 -19.82 18.70
N LEU C 805 1.95 -19.16 19.06
CA LEU C 805 2.41 -19.07 20.44
C LEU C 805 2.38 -17.66 20.99
N CYS C 806 2.91 -16.70 20.24
CA CYS C 806 3.07 -15.34 20.77
C CYS C 806 2.93 -14.33 19.64
N LEU C 807 2.17 -13.25 19.90
CA LEU C 807 2.00 -12.16 18.96
C LEU C 807 2.44 -10.85 19.60
N MET C 808 3.11 -10.02 18.80
CA MET C 808 3.56 -8.69 19.25
C MET C 808 3.37 -7.68 18.14
N PHE C 809 3.13 -6.42 18.55
CA PHE C 809 3.23 -5.28 17.65
C PHE C 809 4.63 -4.67 17.84
N VAL C 810 5.60 -5.31 17.20
CA VAL C 810 7.01 -4.96 17.32
C VAL C 810 7.62 -5.00 15.93
N ASP C 811 8.58 -4.13 15.69
CA ASP C 811 9.37 -4.20 14.47
C ASP C 811 10.41 -5.31 14.59
N GLU C 812 10.68 -5.98 13.48
CA GLU C 812 11.77 -6.97 13.46
C GLU C 812 13.07 -6.35 13.92
N SER C 813 13.31 -5.08 13.55
CA SER C 813 14.65 -4.50 13.63
C SER C 813 15.05 -4.10 15.04
N ASP C 814 14.11 -3.64 15.87
CA ASP C 814 14.53 -3.14 17.18
C ASP C 814 14.93 -4.30 18.08
N HIS C 815 16.22 -4.62 18.09
CA HIS C 815 16.73 -5.74 18.88
C HIS C 815 16.52 -5.56 20.37
N GLU C 816 16.14 -4.36 20.83
CA GLU C 816 15.96 -4.11 22.25
C GLU C 816 14.63 -4.65 22.76
N THR C 817 13.53 -4.34 22.05
CA THR C 817 12.21 -4.76 22.49
C THR C 817 11.92 -6.22 22.13
N LEU C 818 12.43 -6.68 20.99
CA LEU C 818 12.17 -8.06 20.58
C LEU C 818 12.77 -9.05 21.57
N THR C 819 14.00 -8.79 22.03
CA THR C 819 14.60 -9.66 23.02
C THR C 819 13.86 -9.59 24.34
N ALA C 820 13.36 -8.40 24.72
CA ALA C 820 12.59 -8.28 25.95
C ALA C 820 11.32 -9.12 25.89
N ILE C 821 10.67 -9.16 24.73
CA ILE C 821 9.45 -9.96 24.60
C ILE C 821 9.80 -11.45 24.57
N LEU C 822 10.77 -11.84 23.75
CA LEU C 822 11.07 -13.24 23.50
C LEU C 822 11.99 -13.88 24.53
N GLY C 823 12.46 -13.13 25.53
CA GLY C 823 13.30 -13.67 26.57
C GLY C 823 12.70 -14.83 27.33
N PRO C 824 11.53 -14.64 27.92
CA PRO C 824 10.89 -15.75 28.65
C PRO C 824 10.68 -16.99 27.81
N VAL C 825 10.32 -16.83 26.53
CA VAL C 825 10.07 -17.98 25.66
C VAL C 825 11.34 -18.80 25.49
N VAL C 826 12.45 -18.13 25.20
CA VAL C 826 13.73 -18.84 25.05
C VAL C 826 14.16 -19.46 26.38
N ALA C 827 13.85 -18.79 27.50
CA ALA C 827 14.15 -19.37 28.80
C ALA C 827 13.39 -20.68 29.00
N GLU C 828 12.11 -20.71 28.62
CA GLU C 828 11.33 -21.93 28.76
C GLU C 828 11.85 -23.02 27.83
N ARG C 829 12.23 -22.64 26.60
CA ARG C 829 12.87 -23.60 25.69
C ARG C 829 14.08 -24.24 26.34
N LYS C 830 15.01 -23.42 26.83
CA LYS C 830 16.21 -23.95 27.48
C LYS C 830 15.89 -24.74 28.74
N ALA C 831 14.75 -24.46 29.37
CA ALA C 831 14.35 -25.24 30.54
C ALA C 831 13.78 -26.60 30.17
N MET C 832 13.20 -26.73 28.97
CA MET C 832 12.51 -27.97 28.59
C MET C 832 13.44 -29.04 28.04
N MET C 833 14.68 -28.71 27.68
CA MET C 833 15.56 -29.67 27.02
C MET C 833 16.02 -30.79 27.95
N GLU C 834 15.82 -30.65 29.26
CA GLU C 834 16.31 -31.63 30.22
C GLU C 834 15.20 -32.40 30.91
N SER C 835 14.10 -31.76 31.27
CA SER C 835 13.00 -32.42 31.95
C SER C 835 12.28 -33.38 31.01
N ARG C 836 11.46 -34.23 31.60
CA ARG C 836 10.54 -35.10 30.86
C ARG C 836 9.11 -34.76 31.29
N LEU C 837 8.26 -34.52 30.31
CA LEU C 837 6.86 -34.23 30.55
C LEU C 837 6.12 -35.51 30.91
N ILE C 838 5.08 -35.40 31.73
CA ILE C 838 4.27 -36.55 32.04
C ILE C 838 2.79 -36.21 31.90
N ILE C 839 2.11 -36.98 31.06
CA ILE C 839 0.76 -36.67 30.62
C ILE C 839 -0.07 -37.95 30.63
N SER C 840 -1.30 -37.84 31.10
CA SER C 840 -2.24 -38.97 31.10
C SER C 840 -2.91 -39.02 29.73
N VAL C 841 -2.33 -39.79 28.82
CA VAL C 841 -2.87 -39.93 27.47
C VAL C 841 -3.18 -41.40 27.22
N GLY C 842 -4.42 -41.69 26.84
CA GLY C 842 -4.87 -43.06 26.74
C GLY C 842 -5.09 -43.71 28.09
N GLY C 843 -5.53 -42.94 29.09
CA GLY C 843 -5.77 -43.45 30.41
C GLY C 843 -4.54 -43.61 31.29
N LEU C 844 -3.35 -43.67 30.70
CA LEU C 844 -2.13 -43.94 31.43
C LEU C 844 -1.19 -42.74 31.39
N LEU C 845 -0.40 -42.60 32.46
CA LEU C 845 0.61 -41.55 32.54
C LEU C 845 1.84 -41.96 31.75
N ARG C 846 2.27 -41.10 30.83
CA ARG C 846 3.36 -41.40 29.91
C ARG C 846 4.36 -40.26 29.91
N SER C 847 5.61 -40.59 29.60
CA SER C 847 6.73 -39.68 29.66
C SER C 847 7.15 -39.27 28.25
N PHE C 848 7.30 -37.98 28.04
CA PHE C 848 7.70 -37.40 26.77
C PHE C 848 8.97 -36.59 26.94
N ARG C 849 9.77 -36.53 25.87
CA ARG C 849 10.90 -35.62 25.78
C ARG C 849 10.77 -34.84 24.48
N PHE C 850 11.49 -33.72 24.40
CA PHE C 850 11.30 -32.77 23.31
C PHE C 850 12.62 -32.42 22.65
N PHE C 851 12.60 -32.38 21.31
CA PHE C 851 13.69 -31.87 20.50
C PHE C 851 13.17 -30.69 19.69
N PHE C 852 13.77 -29.53 19.88
CA PHE C 852 13.34 -28.30 19.24
C PHE C 852 14.29 -27.95 18.11
N ARG C 853 13.73 -27.70 16.92
CA ARG C 853 14.50 -27.34 15.74
C ARG C 853 13.94 -26.05 15.16
N GLY C 854 14.62 -24.94 15.40
CA GLY C 854 14.20 -23.67 14.85
C GLY C 854 14.68 -23.49 13.43
N THR C 855 13.78 -23.68 12.47
CA THR C 855 14.13 -23.63 11.05
C THR C 855 13.26 -22.69 10.23
N GLY C 856 12.17 -22.17 10.78
CA GLY C 856 11.28 -21.31 10.02
C GLY C 856 11.69 -19.86 10.03
N TYR C 857 12.99 -19.59 9.89
CA TYR C 857 13.52 -18.25 9.88
C TYR C 857 14.13 -17.93 8.53
N ASP C 858 13.75 -16.79 7.95
CA ASP C 858 14.46 -16.27 6.80
C ASP C 858 15.87 -15.84 7.21
N GLU C 859 16.71 -15.60 6.20
CA GLU C 859 18.13 -15.35 6.47
C GLU C 859 18.33 -14.12 7.36
N LYS C 860 17.59 -13.04 7.09
CA LYS C 860 17.73 -11.81 7.86
C LYS C 860 17.57 -12.08 9.35
N MET C 861 16.54 -12.82 9.73
CA MET C 861 16.30 -13.11 11.14
C MET C 861 17.35 -14.05 11.72
N VAL C 862 17.85 -15.00 10.93
CA VAL C 862 18.91 -15.88 11.42
C VAL C 862 20.15 -15.06 11.76
N ARG C 863 20.51 -14.11 10.90
CA ARG C 863 21.64 -13.24 11.20
C ARG C 863 21.37 -12.37 12.41
N GLU C 864 20.13 -11.86 12.54
CA GLU C 864 19.80 -11.03 13.69
C GLU C 864 19.88 -11.81 14.99
N MET C 865 19.56 -13.11 14.96
CA MET C 865 19.43 -13.91 16.17
C MET C 865 20.65 -14.79 16.44
N GLU C 866 21.65 -14.81 15.56
CA GLU C 866 22.88 -15.55 15.83
C GLU C 866 24.10 -14.64 15.93
N GLY C 867 23.91 -13.33 15.98
CA GLY C 867 25.00 -12.40 16.18
C GLY C 867 25.83 -12.09 14.95
N LEU C 868 25.38 -12.48 13.76
CA LEU C 868 26.12 -12.21 12.54
C LEU C 868 25.71 -10.89 11.93
N GLU C 869 26.59 -10.34 11.09
CA GLU C 869 26.32 -9.08 10.42
C GLU C 869 25.48 -9.31 9.17
N ALA C 870 24.49 -8.44 8.95
CA ALA C 870 23.49 -8.63 7.92
C ALA C 870 23.49 -7.49 6.92
N SER C 871 23.38 -7.81 5.64
CA SER C 871 23.40 -9.20 5.17
C SER C 871 24.27 -9.31 3.92
N GLY C 872 24.54 -8.16 3.31
CA GLY C 872 25.46 -8.09 2.19
C GLY C 872 26.89 -7.89 2.66
N SER C 873 27.35 -8.83 3.48
CA SER C 873 28.62 -8.70 4.18
C SER C 873 29.78 -9.23 3.32
N THR C 874 30.97 -9.23 3.92
CA THR C 874 32.07 -10.00 3.36
C THR C 874 31.98 -11.46 3.78
N TYR C 875 31.36 -11.73 4.92
CA TYR C 875 31.09 -13.08 5.39
C TYR C 875 29.63 -13.40 5.06
N ILE C 876 29.43 -14.31 4.10
CA ILE C 876 28.15 -14.47 3.46
C ILE C 876 27.33 -15.62 4.03
N CYS C 877 27.99 -16.73 4.37
CA CYS C 877 27.26 -17.93 4.75
C CYS C 877 26.91 -17.91 6.23
N THR C 878 25.68 -18.34 6.54
CA THR C 878 25.30 -18.58 7.92
C THR C 878 25.91 -19.88 8.45
N LEU C 879 26.23 -20.82 7.55
CA LEU C 879 26.70 -22.14 7.95
C LEU C 879 28.21 -22.31 7.87
N CYS C 880 28.92 -21.48 7.11
CA CYS C 880 30.36 -21.62 6.96
C CYS C 880 31.03 -20.26 7.18
N ASP C 881 32.35 -20.26 7.13
CA ASP C 881 33.16 -19.07 7.43
C ASP C 881 33.78 -18.45 6.19
N SER C 882 33.41 -18.92 5.00
CA SER C 882 34.04 -18.44 3.78
C SER C 882 33.60 -17.02 3.47
N THR C 883 34.54 -16.22 2.96
CA THR C 883 34.24 -14.86 2.56
C THR C 883 33.52 -14.84 1.21
N ARG C 884 33.16 -13.63 0.77
CA ARG C 884 32.42 -13.51 -0.48
C ARG C 884 33.31 -13.84 -1.68
N ALA C 885 34.47 -13.20 -1.78
CA ALA C 885 35.37 -13.46 -2.90
C ALA C 885 35.87 -14.90 -2.86
N GLU C 886 36.13 -15.43 -1.66
CA GLU C 886 36.58 -16.81 -1.54
C GLU C 886 35.55 -17.79 -2.08
N ALA C 887 34.28 -17.41 -2.07
CA ALA C 887 33.21 -18.25 -2.61
C ALA C 887 33.03 -18.09 -4.11
N SER C 888 33.85 -17.28 -4.77
CA SER C 888 33.88 -17.24 -6.23
C SER C 888 34.85 -18.27 -6.78
N GLN C 889 36.05 -18.34 -6.20
CA GLN C 889 37.05 -19.31 -6.63
C GLN C 889 36.54 -20.74 -6.43
N ASN C 890 36.22 -21.10 -5.19
CA ASN C 890 35.73 -22.42 -4.85
C ASN C 890 34.23 -22.30 -4.59
N MET C 891 33.42 -22.76 -5.54
CA MET C 891 31.98 -22.56 -5.48
C MET C 891 31.23 -23.72 -4.82
N VAL C 892 31.84 -24.89 -4.68
CA VAL C 892 31.11 -26.10 -4.34
C VAL C 892 31.73 -26.89 -3.19
N LEU C 893 32.86 -26.47 -2.65
CA LEU C 893 33.57 -27.24 -1.62
C LEU C 893 33.64 -26.43 -0.33
N HIS C 894 32.64 -26.61 0.53
CA HIS C 894 32.60 -25.95 1.82
C HIS C 894 31.88 -26.85 2.82
N SER C 895 32.43 -26.96 4.02
CA SER C 895 31.83 -27.75 5.09
C SER C 895 31.16 -26.84 6.10
N ILE C 896 30.11 -27.36 6.74
CA ILE C 896 29.37 -26.60 7.75
C ILE C 896 30.16 -26.62 9.05
N THR C 897 30.44 -25.44 9.59
CA THR C 897 31.28 -25.34 10.78
C THR C 897 30.61 -24.53 11.89
N ARG C 898 29.74 -23.58 11.52
CA ARG C 898 29.19 -22.66 12.50
C ARG C 898 28.12 -23.33 13.35
N SER C 899 28.11 -22.98 14.63
CA SER C 899 27.11 -23.46 15.57
C SER C 899 26.85 -22.37 16.61
N HIS C 900 25.69 -22.48 17.28
CA HIS C 900 25.34 -21.51 18.30
C HIS C 900 26.35 -21.51 19.45
N ASP C 901 26.75 -22.71 19.89
CA ASP C 901 27.80 -22.84 20.89
C ASP C 901 29.01 -21.99 20.53
N GLU C 902 29.47 -22.11 19.27
CA GLU C 902 30.70 -21.47 18.87
C GLU C 902 30.53 -19.97 18.60
N ASN C 903 29.36 -19.54 18.14
CA ASN C 903 29.11 -18.10 18.05
C ASN C 903 29.16 -17.46 19.44
N LEU C 904 28.55 -18.13 20.42
CA LEU C 904 28.65 -17.67 21.80
C LEU C 904 30.11 -17.61 22.25
N GLU C 905 30.89 -18.64 21.91
CA GLU C 905 32.30 -18.66 22.31
C GLU C 905 33.10 -17.56 21.62
N ARG C 906 32.71 -17.18 20.39
CA ARG C 906 33.48 -16.24 19.59
C ARG C 906 33.20 -14.79 19.96
N TYR C 907 31.94 -14.46 20.28
CA TYR C 907 31.72 -13.07 20.65
C TYR C 907 32.44 -12.69 21.93
N GLU C 908 32.76 -13.66 22.80
CA GLU C 908 33.60 -13.32 23.94
C GLU C 908 35.02 -12.97 23.50
N ILE C 909 35.52 -13.63 22.45
CA ILE C 909 36.78 -13.20 21.83
C ILE C 909 36.66 -11.77 21.35
N TRP C 910 35.52 -11.43 20.74
CA TRP C 910 35.34 -10.06 20.26
C TRP C 910 35.31 -9.05 21.40
N ARG C 911 34.61 -9.38 22.48
CA ARG C 911 34.44 -8.42 23.58
C ARG C 911 35.74 -8.24 24.36
N LYS C 912 36.37 -9.35 24.76
CA LYS C 912 37.58 -9.24 25.57
C LYS C 912 38.79 -8.85 24.75
N ASN C 913 38.84 -9.26 23.46
CA ASN C 913 39.97 -9.01 22.58
C ASN C 913 41.26 -9.48 23.26
N PRO C 914 41.45 -10.79 23.43
CA PRO C 914 42.57 -11.27 24.25
C PRO C 914 43.93 -11.18 23.59
N PHE C 915 43.99 -10.98 22.27
CA PHE C 915 45.26 -10.89 21.57
C PHE C 915 45.60 -9.47 21.13
N SER C 916 44.78 -8.50 21.50
CA SER C 916 45.04 -7.07 21.27
C SER C 916 45.34 -6.78 19.80
N GLU C 917 44.36 -7.05 18.96
CA GLU C 917 44.43 -6.76 17.53
C GLU C 917 43.54 -5.58 17.19
N SER C 918 43.72 -5.06 15.98
CA SER C 918 42.91 -3.95 15.51
C SER C 918 41.50 -4.43 15.19
N ALA C 919 40.68 -3.53 14.65
CA ALA C 919 39.29 -3.86 14.36
C ALA C 919 39.18 -4.94 13.30
N ASP C 920 39.99 -4.85 12.25
CA ASP C 920 39.84 -5.75 11.11
C ASP C 920 40.51 -7.10 11.37
N GLU C 921 41.70 -7.10 11.96
CA GLU C 921 42.31 -8.37 12.37
C GLU C 921 41.40 -9.11 13.34
N LEU C 922 40.77 -8.37 14.26
CA LEU C 922 39.83 -9.00 15.18
C LEU C 922 38.61 -9.53 14.43
N ARG C 923 38.08 -8.75 13.48
CA ARG C 923 36.90 -9.18 12.73
C ARG C 923 37.17 -10.47 11.96
N ASP C 924 38.36 -10.61 11.37
CA ASP C 924 38.63 -11.83 10.63
C ASP C 924 39.03 -12.98 11.55
N ARG C 925 39.60 -12.68 12.72
CA ARG C 925 39.83 -13.72 13.71
C ARG C 925 38.50 -14.28 14.24
N VAL C 926 37.47 -13.45 14.28
CA VAL C 926 36.17 -13.85 14.81
C VAL C 926 35.15 -14.15 13.71
N LYS C 927 35.51 -13.92 12.43
CA LYS C 927 34.68 -14.26 11.28
C LYS C 927 33.32 -13.54 11.31
N GLY C 928 33.29 -12.32 11.83
CA GLY C 928 32.11 -11.50 11.75
C GLY C 928 31.11 -11.65 12.88
N VAL C 929 31.54 -12.10 14.05
CA VAL C 929 30.67 -12.24 15.21
C VAL C 929 30.98 -11.07 16.13
N SER C 930 30.20 -9.99 15.99
CA SER C 930 30.37 -8.81 16.82
C SER C 930 29.21 -8.55 17.76
N ALA C 931 28.13 -9.31 17.66
CA ALA C 931 27.01 -9.23 18.57
C ALA C 931 26.83 -10.55 19.29
N LYS C 932 26.24 -10.51 20.48
CA LYS C 932 26.04 -11.72 21.25
C LYS C 932 24.87 -12.51 20.69
N PRO C 933 25.06 -13.76 20.28
CA PRO C 933 23.92 -14.57 19.82
C PRO C 933 22.95 -14.81 20.97
N PHE C 934 21.66 -14.79 20.64
CA PHE C 934 20.60 -14.76 21.64
C PHE C 934 19.64 -15.93 21.55
N MET C 935 19.59 -16.64 20.42
CA MET C 935 18.66 -17.74 20.24
C MET C 935 19.32 -18.83 19.40
N GLU C 936 19.32 -20.06 19.92
CA GLU C 936 19.87 -21.18 19.17
C GLU C 936 19.03 -21.46 17.93
N THR C 937 19.70 -21.58 16.79
CA THR C 937 19.03 -21.82 15.51
C THR C 937 19.68 -23.02 14.83
N GLN C 938 18.84 -23.91 14.30
CA GLN C 938 19.34 -25.09 13.61
C GLN C 938 20.13 -24.69 12.38
N PRO C 939 21.32 -25.25 12.16
CA PRO C 939 22.09 -24.89 10.97
C PRO C 939 21.54 -25.51 9.70
N THR C 940 20.56 -24.86 9.08
CA THR C 940 19.92 -25.39 7.89
C THR C 940 19.60 -24.24 6.95
N LEU C 941 18.76 -24.53 5.94
CA LEU C 941 18.41 -23.63 4.86
C LEU C 941 16.90 -23.43 4.83
N ASP C 942 16.47 -22.34 4.21
CA ASP C 942 15.05 -22.03 4.03
C ASP C 942 14.69 -22.25 2.57
N ALA C 943 13.79 -23.19 2.31
CA ALA C 943 13.49 -23.58 0.93
C ALA C 943 12.79 -22.45 0.17
N LEU C 944 11.80 -21.81 0.79
CA LEU C 944 10.99 -20.82 0.10
C LEU C 944 11.82 -19.61 -0.33
N HIS C 945 12.53 -19.01 0.64
CA HIS C 945 13.31 -17.82 0.32
C HIS C 945 14.50 -18.15 -0.57
N CYS C 946 15.03 -19.37 -0.49
CA CYS C 946 16.05 -19.80 -1.43
C CYS C 946 15.50 -19.84 -2.85
N ASP C 947 14.30 -20.42 -3.01
CA ASP C 947 13.63 -20.42 -4.30
C ASP C 947 13.50 -19.01 -4.85
N ILE C 948 12.98 -18.09 -4.03
CA ILE C 948 12.72 -16.73 -4.50
C ILE C 948 14.02 -16.03 -4.87
N GLY C 949 15.08 -16.23 -4.07
CA GLY C 949 16.35 -15.58 -4.37
C GLY C 949 16.96 -16.08 -5.67
N ASN C 950 16.98 -17.40 -5.86
CA ASN C 950 17.55 -17.92 -7.10
C ASN C 950 16.71 -17.51 -8.31
N ALA C 951 15.40 -17.38 -8.14
CA ALA C 951 14.56 -16.92 -9.23
C ALA C 951 14.88 -15.47 -9.61
N THR C 952 15.06 -14.60 -8.61
CA THR C 952 15.40 -13.22 -8.94
C THR C 952 16.78 -13.14 -9.59
N GLU C 953 17.71 -14.03 -9.19
CA GLU C 953 19.02 -14.05 -9.83
C GLU C 953 18.90 -14.44 -11.30
N PHE C 954 18.12 -15.48 -11.60
CA PHE C 954 17.93 -15.87 -13.00
C PHE C 954 17.20 -14.80 -13.79
N TYR C 955 16.27 -14.08 -13.15
CA TYR C 955 15.62 -12.94 -13.80
C TYR C 955 16.66 -11.92 -14.24
N LYS C 956 17.59 -11.57 -13.34
CA LYS C 956 18.65 -10.64 -13.70
C LYS C 956 19.53 -11.20 -14.82
N ILE C 957 19.77 -12.51 -14.82
CA ILE C 957 20.60 -13.10 -15.88
C ILE C 957 19.91 -12.98 -17.24
N PHE C 958 18.61 -13.28 -17.29
CA PHE C 958 17.87 -13.09 -18.54
C PHE C 958 17.94 -11.64 -19.01
N GLN C 959 17.78 -10.71 -18.06
CA GLN C 959 17.90 -9.29 -18.40
C GLN C 959 19.27 -8.96 -18.98
N ASP C 960 20.31 -9.56 -18.43
CA ASP C 960 21.68 -9.35 -18.92
C ASP C 960 22.01 -10.16 -20.15
N GLU C 961 21.08 -11.01 -20.61
CA GLU C 961 21.27 -11.71 -21.88
C GLU C 961 20.45 -11.12 -23.03
N ILE C 962 19.34 -10.44 -22.74
CA ILE C 962 18.63 -9.73 -23.80
C ILE C 962 19.53 -8.65 -24.39
N GLY C 963 19.98 -7.72 -23.56
CA GLY C 963 21.18 -6.97 -23.88
C GLY C 963 22.40 -7.84 -23.67
N GLU C 964 23.40 -7.66 -24.52
CA GLU C 964 24.57 -8.55 -24.51
C GLU C 964 25.68 -7.89 -23.69
N VAL C 965 25.51 -7.95 -22.36
CA VAL C 965 26.42 -7.28 -21.44
C VAL C 965 27.73 -8.04 -21.27
N TYR C 966 27.90 -9.18 -21.94
CA TYR C 966 29.19 -9.84 -21.97
C TYR C 966 30.12 -9.27 -23.03
N GLN C 967 29.63 -8.36 -23.88
CA GLN C 967 30.44 -7.62 -24.82
C GLN C 967 30.57 -6.15 -24.43
N LYS C 968 29.45 -5.50 -24.14
CA LYS C 968 29.42 -4.11 -23.70
C LYS C 968 29.33 -4.09 -22.17
N PRO C 969 30.46 -4.00 -21.48
CA PRO C 969 30.45 -4.28 -20.03
C PRO C 969 29.79 -3.20 -19.19
N ASN C 970 29.67 -1.97 -19.69
CA ASN C 970 29.05 -0.89 -18.93
C ASN C 970 27.89 -0.30 -19.72
N PRO C 971 26.66 -0.68 -19.41
CA PRO C 971 25.50 -0.08 -20.07
C PRO C 971 24.97 1.12 -19.29
N SER C 972 24.06 1.84 -19.93
CA SER C 972 23.40 2.98 -19.30
C SER C 972 22.27 2.49 -18.39
N ARG C 973 21.56 3.45 -17.80
CA ARG C 973 20.37 3.13 -17.00
C ARG C 973 19.13 2.99 -17.88
N GLU C 974 19.01 3.85 -18.89
CA GLU C 974 17.83 3.82 -19.74
C GLU C 974 17.77 2.56 -20.59
N GLU C 975 18.92 2.02 -21.03
CA GLU C 975 18.85 0.79 -21.81
C GLU C 975 18.64 -0.43 -20.94
N ARG C 976 19.10 -0.41 -19.68
CA ARG C 976 18.72 -1.47 -18.75
C ARG C 976 17.21 -1.47 -18.53
N ARG C 977 16.62 -0.28 -18.36
CA ARG C 977 15.16 -0.18 -18.26
C ARG C 977 14.48 -0.66 -19.54
N ARG C 978 15.06 -0.34 -20.69
CA ARG C 978 14.50 -0.80 -21.96
CA ARG C 978 14.54 -0.81 -21.98
C ARG C 978 14.49 -2.34 -22.02
N TRP C 979 15.58 -2.98 -21.62
CA TRP C 979 15.64 -4.43 -21.60
C TRP C 979 14.61 -5.01 -20.63
N ARG C 980 14.44 -4.37 -19.47
CA ARG C 980 13.41 -4.83 -18.54
C ARG C 980 12.04 -4.80 -19.20
N SER C 981 11.72 -3.71 -19.92
CA SER C 981 10.43 -3.60 -20.59
C SER C 981 10.24 -4.73 -21.59
N THR C 982 11.26 -5.00 -22.42
CA THR C 982 11.07 -6.02 -23.44
C THR C 982 10.94 -7.41 -22.81
N LEU C 983 11.68 -7.68 -21.73
CA LEU C 983 11.56 -8.98 -21.07
C LEU C 983 10.17 -9.16 -20.47
N ASP C 984 9.64 -8.13 -19.83
CA ASP C 984 8.32 -8.25 -19.22
C ASP C 984 7.23 -8.42 -20.27
N LYS C 985 7.36 -7.72 -21.41
CA LYS C 985 6.36 -7.90 -22.46
C LYS C 985 6.41 -9.31 -23.03
N GLN C 986 7.62 -9.85 -23.25
CA GLN C 986 7.72 -11.22 -23.74
C GLN C 986 7.13 -12.21 -22.74
N LEU C 987 7.43 -12.04 -21.45
CA LEU C 987 6.89 -12.94 -20.44
C LEU C 987 5.41 -12.71 -20.17
N ARG C 988 4.83 -11.63 -20.71
CA ARG C 988 3.38 -11.51 -20.72
C ARG C 988 2.75 -12.21 -21.92
N LYS C 989 3.39 -12.14 -23.09
CA LYS C 989 2.84 -12.82 -24.26
C LYS C 989 2.80 -14.33 -24.04
N LYS C 990 3.95 -14.94 -23.81
CA LYS C 990 4.04 -16.32 -23.38
C LYS C 990 4.32 -16.38 -21.88
N MET C 991 4.00 -17.52 -21.28
CA MET C 991 4.16 -17.79 -19.85
C MET C 991 3.12 -17.05 -19.02
N LYS C 992 2.34 -16.17 -19.66
CA LYS C 992 1.14 -15.59 -19.08
C LYS C 992 1.40 -14.95 -17.72
N LEU C 993 2.47 -14.17 -17.63
CA LEU C 993 2.85 -13.49 -16.39
C LEU C 993 2.72 -11.99 -16.53
N LYS C 994 2.21 -11.34 -15.50
CA LYS C 994 2.32 -9.90 -15.39
C LYS C 994 3.62 -9.54 -14.67
N PRO C 995 4.20 -8.37 -14.94
CA PRO C 995 5.37 -7.94 -14.17
C PRO C 995 5.00 -7.69 -12.72
N VAL C 996 5.92 -8.04 -11.82
CA VAL C 996 5.69 -7.95 -10.39
C VAL C 996 6.58 -6.87 -9.80
N MET C 997 6.03 -6.12 -8.84
CA MET C 997 6.85 -5.19 -8.06
C MET C 997 7.99 -5.93 -7.38
N ARG C 998 7.72 -7.13 -6.87
CA ARG C 998 8.69 -7.87 -6.09
C ARG C 998 8.50 -9.36 -6.36
N MET C 999 9.61 -10.08 -6.44
CA MET C 999 9.58 -11.52 -6.68
C MET C 999 8.90 -12.24 -5.52
N ASN C 1000 7.88 -13.03 -5.83
CA ASN C 1000 7.20 -13.87 -4.85
C ASN C 1000 7.29 -15.33 -5.28
N GLY C 1001 6.65 -16.21 -4.51
CA GLY C 1001 6.86 -17.64 -4.68
C GLY C 1001 6.25 -18.18 -5.96
N ASN C 1002 5.01 -17.80 -6.25
CA ASN C 1002 4.31 -18.34 -7.42
C ASN C 1002 5.01 -17.92 -8.71
N TYR C 1003 5.39 -16.64 -8.80
CA TYR C 1003 6.15 -16.16 -9.95
C TYR C 1003 7.46 -16.93 -10.09
N ALA C 1004 8.14 -17.18 -8.97
CA ALA C 1004 9.38 -17.96 -9.00
C ALA C 1004 9.13 -19.37 -9.51
N ARG C 1005 8.00 -19.97 -9.13
CA ARG C 1005 7.70 -21.33 -9.57
C ARG C 1005 7.42 -21.37 -11.07
N ARG C 1006 6.65 -20.41 -11.58
CA ARG C 1006 6.33 -20.42 -13.01
C ARG C 1006 7.49 -19.94 -13.87
N LEU C 1007 8.43 -19.16 -13.32
CA LEU C 1007 9.50 -18.60 -14.12
C LEU C 1007 10.63 -19.59 -14.36
N MET C 1008 10.96 -20.40 -13.36
CA MET C 1008 12.07 -21.35 -13.48
C MET C 1008 11.59 -22.68 -14.06
N THR C 1009 10.99 -22.57 -15.24
CA THR C 1009 10.60 -23.71 -16.04
C THR C 1009 11.40 -23.73 -17.34
N ARG C 1010 11.32 -24.87 -18.03
CA ARG C 1010 12.00 -25.03 -19.32
C ARG C 1010 11.42 -24.07 -20.37
N GLU C 1011 10.09 -24.04 -20.45
CA GLU C 1011 9.44 -23.28 -21.50
C GLU C 1011 9.61 -21.78 -21.32
N ALA C 1012 9.76 -21.31 -20.08
CA ALA C 1012 10.03 -19.88 -19.87
C ALA C 1012 11.40 -19.51 -20.39
N VAL C 1013 12.42 -20.34 -20.13
CA VAL C 1013 13.73 -20.09 -20.71
C VAL C 1013 13.66 -20.10 -22.23
N GLU C 1014 12.87 -21.03 -22.80
CA GLU C 1014 12.76 -21.05 -24.25
C GLU C 1014 12.01 -19.82 -24.78
N ALA C 1015 11.09 -19.26 -24.01
CA ALA C 1015 10.46 -17.99 -24.37
C ALA C 1015 11.45 -16.83 -24.27
N VAL C 1016 12.47 -16.96 -23.43
CA VAL C 1016 13.50 -15.92 -23.34
C VAL C 1016 14.50 -16.05 -24.47
N CYS C 1017 14.86 -17.28 -24.85
CA CYS C 1017 15.88 -17.50 -25.87
C CYS C 1017 15.49 -16.87 -27.20
N GLU C 1018 14.19 -16.73 -27.45
CA GLU C 1018 13.71 -16.06 -28.66
C GLU C 1018 14.17 -14.61 -28.73
N LEU C 1019 14.60 -14.04 -27.59
CA LEU C 1019 15.10 -12.67 -27.55
C LEU C 1019 16.62 -12.59 -27.61
N VAL C 1020 17.32 -13.60 -27.13
CA VAL C 1020 18.79 -13.63 -27.20
C VAL C 1020 19.21 -13.90 -28.64
N PRO C 1021 20.08 -13.09 -29.25
CA PRO C 1021 20.43 -13.31 -30.65
C PRO C 1021 21.45 -14.40 -30.90
N SER C 1022 22.48 -14.50 -30.05
CA SER C 1022 23.59 -15.41 -30.31
C SER C 1022 23.21 -16.82 -29.90
N GLU C 1023 23.30 -17.77 -30.83
CA GLU C 1023 22.76 -19.10 -30.65
C GLU C 1023 23.67 -20.04 -29.86
N GLU C 1024 24.76 -19.54 -29.27
CA GLU C 1024 25.50 -20.36 -28.32
C GLU C 1024 25.21 -19.97 -26.87
N ARG C 1025 24.93 -18.70 -26.60
CA ARG C 1025 24.47 -18.31 -25.27
C ARG C 1025 23.06 -18.83 -24.98
N ARG C 1026 22.26 -19.01 -26.04
CA ARG C 1026 20.96 -19.66 -25.87
C ARG C 1026 21.13 -21.07 -25.33
N GLU C 1027 21.95 -21.88 -26.00
CA GLU C 1027 22.31 -23.20 -25.48
C GLU C 1027 22.88 -23.09 -24.07
N ALA C 1028 23.71 -22.07 -23.83
CA ALA C 1028 24.34 -21.90 -22.52
C ALA C 1028 23.31 -21.82 -21.42
N LEU C 1029 22.41 -20.83 -21.48
CA LEU C 1029 21.47 -20.68 -20.39
C LEU C 1029 20.37 -21.75 -20.41
N LEU C 1030 20.11 -22.39 -21.55
CA LEU C 1030 19.21 -23.54 -21.55
C LEU C 1030 19.79 -24.70 -20.74
N LYS C 1031 21.06 -25.03 -21.01
CA LYS C 1031 21.78 -25.99 -20.20
C LYS C 1031 21.78 -25.58 -18.72
N LEU C 1032 21.97 -24.28 -18.46
CA LEU C 1032 21.91 -23.80 -17.09
C LEU C 1032 20.57 -24.15 -16.44
N MET C 1033 19.46 -23.90 -17.16
CA MET C 1033 18.14 -24.12 -16.57
C MET C 1033 17.87 -25.60 -16.30
N ASP C 1034 18.25 -26.50 -17.23
CA ASP C 1034 17.99 -27.90 -16.91
C ASP C 1034 18.92 -28.42 -15.82
N LEU C 1035 20.15 -27.91 -15.74
CA LEU C 1035 21.00 -28.24 -14.61
C LEU C 1035 20.33 -27.83 -13.30
N TYR C 1036 19.72 -26.65 -13.28
CA TYR C 1036 19.07 -26.17 -12.06
C TYR C 1036 17.85 -27.02 -11.71
N LEU C 1037 17.08 -27.43 -12.73
CA LEU C 1037 15.90 -28.25 -12.48
C LEU C 1037 16.26 -29.66 -12.07
N GLN C 1038 17.45 -30.14 -12.41
CA GLN C 1038 17.88 -31.45 -11.95
C GLN C 1038 18.27 -31.47 -10.48
N MET C 1039 18.28 -30.32 -9.81
CA MET C 1039 18.71 -30.24 -8.42
C MET C 1039 17.75 -29.49 -7.50
N LYS C 1040 16.77 -28.77 -8.05
CA LYS C 1040 15.76 -28.14 -7.18
C LYS C 1040 14.92 -29.13 -6.35
N PRO C 1041 14.45 -30.26 -6.89
CA PRO C 1041 13.64 -31.17 -6.06
C PRO C 1041 14.37 -31.76 -4.86
N VAL C 1042 15.69 -31.65 -4.80
CA VAL C 1042 16.40 -32.20 -3.65
C VAL C 1042 16.15 -31.35 -2.40
N TRP C 1043 16.04 -30.03 -2.56
CA TRP C 1043 15.72 -29.16 -1.44
C TRP C 1043 14.25 -28.78 -1.39
N ARG C 1044 13.44 -29.16 -2.38
CA ARG C 1044 12.01 -28.90 -2.25
C ARG C 1044 11.18 -30.10 -1.80
N SER C 1045 11.71 -31.32 -1.84
CA SER C 1045 10.93 -32.50 -1.50
C SER C 1045 10.79 -32.68 0.01
N THR C 1046 9.65 -33.24 0.42
CA THR C 1046 9.44 -33.56 1.83
C THR C 1046 10.35 -34.69 2.28
N CYS C 1047 10.65 -35.63 1.40
CA CYS C 1047 11.64 -36.68 1.66
C CYS C 1047 12.36 -36.97 0.34
N PRO C 1048 13.58 -36.47 0.17
CA PRO C 1048 14.26 -36.64 -1.12
C PRO C 1048 14.76 -38.06 -1.35
N SER C 1049 15.20 -38.75 -0.31
CA SER C 1049 15.75 -40.09 -0.48
C SER C 1049 14.71 -41.09 -0.97
N ARG C 1050 13.42 -40.77 -0.83
CA ARG C 1050 12.36 -41.68 -1.24
C ARG C 1050 11.71 -41.30 -2.57
N ASP C 1051 11.51 -40.01 -2.83
CA ASP C 1051 10.71 -39.58 -3.97
C ASP C 1051 11.52 -38.91 -5.07
N CYS C 1052 12.84 -38.74 -4.90
CA CYS C 1052 13.73 -38.39 -6.01
C CYS C 1052 15.16 -38.84 -5.69
N PRO C 1053 15.36 -40.15 -5.47
CA PRO C 1053 16.66 -40.59 -4.93
C PRO C 1053 17.84 -40.36 -5.86
N ASP C 1054 17.65 -40.59 -7.17
CA ASP C 1054 18.76 -40.44 -8.10
C ASP C 1054 19.26 -39.01 -8.17
N GLN C 1055 18.35 -38.04 -8.14
CA GLN C 1055 18.75 -36.64 -8.08
C GLN C 1055 19.50 -36.33 -6.79
N LEU C 1056 19.10 -36.98 -5.69
CA LEU C 1056 19.81 -36.80 -4.43
C LEU C 1056 21.24 -37.30 -4.53
N CYS C 1057 21.45 -38.44 -5.19
CA CYS C 1057 22.80 -38.97 -5.30
C CYS C 1057 23.62 -38.26 -6.38
N GLN C 1058 22.96 -37.73 -7.41
CA GLN C 1058 23.65 -37.02 -8.50
C GLN C 1058 23.84 -35.54 -8.21
N TYR C 1059 23.70 -35.11 -6.96
CA TYR C 1059 23.67 -33.68 -6.67
C TYR C 1059 25.06 -33.07 -6.74
N SER C 1060 26.07 -33.73 -6.19
CA SER C 1060 27.43 -33.19 -6.18
C SER C 1060 27.89 -32.87 -7.60
N TYR C 1061 27.76 -33.83 -8.49
CA TYR C 1061 28.21 -33.67 -9.87
C TYR C 1061 27.43 -32.58 -10.61
N ASN C 1062 26.10 -32.55 -10.41
CA ASN C 1062 25.27 -31.53 -11.04
C ASN C 1062 25.67 -30.13 -10.61
N SER C 1063 25.83 -29.93 -9.29
CA SER C 1063 26.24 -28.61 -8.80
C SER C 1063 27.63 -28.25 -9.29
N GLN C 1064 28.53 -29.25 -9.40
CA GLN C 1064 29.83 -29.01 -10.00
C GLN C 1064 29.70 -28.39 -11.38
N GLN C 1065 28.89 -29.01 -12.24
CA GLN C 1065 28.75 -28.48 -13.60
C GLN C 1065 28.07 -27.12 -13.62
N PHE C 1066 27.08 -26.92 -12.75
CA PHE C 1066 26.44 -25.59 -12.66
C PHE C 1066 27.47 -24.51 -12.34
N ALA C 1067 28.31 -24.77 -11.33
CA ALA C 1067 29.34 -23.82 -10.96
C ALA C 1067 30.31 -23.57 -12.10
N ASP C 1068 30.69 -24.62 -12.83
CA ASP C 1068 31.67 -24.39 -13.88
C ASP C 1068 31.07 -23.66 -15.08
N LEU C 1069 29.77 -23.89 -15.36
CA LEU C 1069 29.11 -23.12 -16.40
C LEU C 1069 29.08 -21.63 -16.04
N LEU C 1070 28.79 -21.33 -14.77
CA LEU C 1070 28.88 -19.95 -14.32
C LEU C 1070 30.29 -19.40 -14.47
N SER C 1071 31.29 -20.21 -14.10
CA SER C 1071 32.68 -19.76 -14.17
C SER C 1071 33.10 -19.45 -15.60
N SER C 1072 32.68 -20.28 -16.55
CA SER C 1072 33.13 -20.12 -17.92
C SER C 1072 32.33 -19.08 -18.68
N MET C 1073 31.02 -19.30 -18.82
CA MET C 1073 30.23 -18.52 -19.77
C MET C 1073 29.50 -17.34 -19.14
N PHE C 1074 29.71 -17.08 -17.85
CA PHE C 1074 29.12 -15.91 -17.22
C PHE C 1074 30.11 -15.19 -16.30
N LYS C 1075 31.40 -15.37 -16.51
CA LYS C 1075 32.41 -14.77 -15.63
C LYS C 1075 32.31 -13.26 -15.58
N TYR C 1076 31.75 -12.63 -16.60
CA TYR C 1076 31.51 -11.18 -16.55
C TYR C 1076 30.60 -10.79 -15.40
N ARG C 1077 29.84 -11.74 -14.85
CA ARG C 1077 28.92 -11.49 -13.75
C ARG C 1077 29.40 -12.03 -12.42
N TYR C 1078 30.08 -13.17 -12.41
CA TYR C 1078 30.49 -13.84 -11.19
C TYR C 1078 32.01 -13.90 -11.06
N ASP C 1079 32.66 -12.77 -11.36
CA ASP C 1079 34.12 -12.71 -11.19
C ASP C 1079 34.50 -12.76 -9.72
N GLY C 1080 33.83 -11.98 -8.88
CA GLY C 1080 34.12 -11.96 -7.46
C GLY C 1080 32.91 -11.78 -6.58
N LYS C 1081 31.71 -11.92 -7.14
CA LYS C 1081 30.47 -11.71 -6.39
C LYS C 1081 29.48 -12.83 -6.68
N ILE C 1082 28.81 -13.30 -5.62
CA ILE C 1082 27.78 -14.32 -5.72
C ILE C 1082 26.66 -13.99 -4.75
N THR C 1083 25.44 -14.34 -5.14
CA THR C 1083 24.32 -14.33 -4.21
C THR C 1083 24.58 -15.31 -3.06
N ASN C 1084 24.11 -14.96 -1.86
CA ASN C 1084 24.30 -15.85 -0.71
C ASN C 1084 23.54 -17.15 -0.91
N TYR C 1085 22.29 -17.06 -1.38
CA TYR C 1085 21.49 -18.26 -1.57
C TYR C 1085 22.05 -19.14 -2.67
N LEU C 1086 22.67 -18.56 -3.69
CA LEU C 1086 23.37 -19.37 -4.69
C LEU C 1086 24.49 -20.17 -4.05
N HIS C 1087 25.25 -19.53 -3.15
CA HIS C 1087 26.32 -20.22 -2.45
C HIS C 1087 25.77 -21.38 -1.62
N LYS C 1088 24.73 -21.14 -0.83
CA LYS C 1088 24.12 -22.21 -0.04
C LYS C 1088 23.61 -23.34 -0.93
N THR C 1089 22.92 -22.97 -2.02
CA THR C 1089 22.35 -23.96 -2.94
C THR C 1089 23.44 -24.80 -3.59
N LEU C 1090 24.62 -24.24 -3.80
CA LEU C 1090 25.67 -24.96 -4.50
C LEU C 1090 26.65 -25.69 -3.59
N ALA C 1091 26.75 -25.34 -2.31
CA ALA C 1091 27.79 -25.90 -1.46
C ALA C 1091 27.31 -26.74 -0.30
N HIS C 1092 26.09 -26.55 0.20
CA HIS C 1092 25.70 -27.14 1.47
C HIS C 1092 24.49 -28.06 1.42
N VAL C 1093 23.82 -28.19 0.27
CA VAL C 1093 22.60 -29.00 0.21
C VAL C 1093 22.84 -30.46 0.59
N PRO C 1094 23.82 -31.18 0.00
CA PRO C 1094 23.92 -32.61 0.33
C PRO C 1094 24.04 -32.88 1.83
N GLU C 1095 25.03 -32.27 2.50
CA GLU C 1095 25.27 -32.57 3.91
C GLU C 1095 24.10 -32.18 4.78
N ILE C 1096 23.39 -31.13 4.41
CA ILE C 1096 22.15 -30.80 5.12
C ILE C 1096 21.14 -31.92 5.01
N VAL C 1097 20.86 -32.37 3.79
CA VAL C 1097 19.82 -33.40 3.65
C VAL C 1097 20.29 -34.71 4.26
N GLU C 1098 21.61 -34.94 4.33
CA GLU C 1098 22.06 -36.17 4.97
C GLU C 1098 21.96 -36.07 6.49
N ARG C 1099 22.23 -34.89 7.05
CA ARG C 1099 22.20 -34.72 8.50
C ARG C 1099 20.76 -34.69 9.03
N ASP C 1100 19.87 -34.00 8.33
CA ASP C 1100 18.50 -33.81 8.82
C ASP C 1100 17.50 -34.77 8.19
N GLY C 1101 17.69 -35.15 6.93
CA GLY C 1101 16.73 -36.00 6.26
C GLY C 1101 16.00 -35.29 5.15
N SER C 1102 15.71 -34.01 5.35
CA SER C 1102 14.98 -33.22 4.36
C SER C 1102 15.32 -31.75 4.55
N ILE C 1103 14.89 -30.94 3.57
CA ILE C 1103 14.98 -29.49 3.64
C ILE C 1103 13.62 -28.83 3.48
N GLY C 1104 12.86 -29.24 2.47
CA GLY C 1104 11.56 -28.62 2.22
C GLY C 1104 10.55 -28.85 3.32
N ALA C 1105 10.70 -29.94 4.09
CA ALA C 1105 9.78 -30.21 5.17
C ALA C 1105 9.92 -29.22 6.31
N TRP C 1106 11.08 -28.55 6.44
CA TRP C 1106 11.34 -27.61 7.52
C TRP C 1106 11.35 -26.17 7.04
N ALA C 1107 10.66 -25.87 5.94
CA ALA C 1107 10.68 -24.53 5.36
C ALA C 1107 9.82 -23.58 6.18
N SER C 1108 9.94 -22.29 5.85
CA SER C 1108 9.12 -21.24 6.44
C SER C 1108 7.77 -21.09 5.77
N GLU C 1109 7.42 -22.02 4.87
CA GLU C 1109 6.20 -21.89 4.08
C GLU C 1109 4.96 -21.82 4.96
N GLY C 1110 4.86 -22.72 5.95
CA GLY C 1110 3.66 -22.74 6.78
C GLY C 1110 3.46 -21.47 7.58
N ASN C 1111 4.55 -20.89 8.07
CA ASN C 1111 4.46 -19.65 8.85
C ASN C 1111 3.93 -18.50 8.01
N GLU C 1112 4.53 -18.30 6.83
CA GLU C 1112 4.04 -17.27 5.92
C GLU C 1112 2.59 -17.53 5.55
N SER C 1113 2.22 -18.81 5.40
CA SER C 1113 0.81 -19.13 5.15
C SER C 1113 -0.07 -18.71 6.31
N GLY C 1114 0.44 -18.81 7.54
CA GLY C 1114 -0.32 -18.37 8.70
C GLY C 1114 -0.48 -16.86 8.79
N ASN C 1115 0.44 -16.11 8.19
CA ASN C 1115 0.29 -14.65 8.14
C ASN C 1115 -1.03 -14.25 7.46
N LYS C 1116 -1.41 -14.98 6.41
CA LYS C 1116 -2.69 -14.79 5.75
C LYS C 1116 -3.84 -14.86 6.74
N LEU C 1117 -3.83 -15.90 7.58
CA LEU C 1117 -4.85 -16.04 8.61
C LEU C 1117 -4.79 -14.91 9.62
N PHE C 1118 -3.59 -14.44 9.95
CA PHE C 1118 -3.49 -13.31 10.88
C PHE C 1118 -4.29 -12.12 10.35
N ARG C 1119 -4.08 -11.77 9.07
CA ARG C 1119 -4.81 -10.64 8.51
C ARG C 1119 -6.31 -10.90 8.48
N ARG C 1120 -6.71 -12.09 8.01
CA ARG C 1120 -8.13 -12.43 7.93
C ARG C 1120 -8.82 -12.31 9.29
N PHE C 1121 -8.25 -12.94 10.31
CA PHE C 1121 -8.84 -12.93 11.64
C PHE C 1121 -8.88 -11.52 12.22
N ARG C 1122 -7.78 -10.76 12.07
CA ARG C 1122 -7.77 -9.40 12.57
C ARG C 1122 -8.91 -8.59 11.97
N LYS C 1123 -9.25 -8.85 10.71
CA LYS C 1123 -10.34 -8.08 10.12
C LYS C 1123 -11.73 -8.62 10.50
N MET C 1124 -11.89 -9.93 10.73
CA MET C 1124 -13.24 -10.46 10.86
C MET C 1124 -13.55 -11.31 12.09
N ASN C 1125 -12.59 -11.54 12.99
CA ASN C 1125 -12.85 -12.48 14.07
C ASN C 1125 -12.35 -11.98 15.43
N ALA C 1126 -12.34 -10.68 15.62
CA ALA C 1126 -11.85 -10.12 16.88
C ALA C 1126 -12.53 -8.81 17.25
N ARG C 1127 -12.50 -8.46 18.53
CA ARG C 1127 -13.06 -7.21 19.00
C ARG C 1127 -12.20 -6.12 18.42
N GLN C 1128 -12.80 -5.02 17.98
CA GLN C 1128 -12.01 -3.96 17.38
C GLN C 1128 -11.41 -2.95 18.36
N SER C 1129 -10.50 -3.40 19.22
CA SER C 1129 -9.83 -2.51 20.18
C SER C 1129 -8.38 -2.95 20.37
N LYS C 1130 -7.49 -2.01 20.73
CA LYS C 1130 -6.09 -2.35 20.95
C LYS C 1130 -5.92 -3.30 22.12
N THR C 1131 -6.78 -3.20 23.13
CA THR C 1131 -6.62 -4.00 24.34
C THR C 1131 -6.99 -5.46 24.15
N PHE C 1132 -7.78 -5.79 23.13
CA PHE C 1132 -8.38 -7.10 23.02
C PHE C 1132 -8.10 -7.85 21.72
N GLU C 1133 -7.70 -7.16 20.65
CA GLU C 1133 -7.67 -7.80 19.34
C GLU C 1133 -6.65 -8.94 19.29
N LEU C 1134 -5.48 -8.76 19.91
CA LEU C 1134 -4.50 -9.83 19.95
C LEU C 1134 -5.00 -11.01 20.78
N GLU C 1135 -5.64 -10.71 21.91
CA GLU C 1135 -6.19 -11.75 22.78
C GLU C 1135 -7.22 -12.61 22.06
N ASP C 1136 -7.88 -12.05 21.03
CA ASP C 1136 -8.87 -12.80 20.26
C ASP C 1136 -8.25 -13.53 19.08
N ILE C 1137 -7.37 -12.86 18.35
CA ILE C 1137 -6.71 -13.49 17.21
C ILE C 1137 -5.94 -14.71 17.66
N LEU C 1138 -5.24 -14.62 18.80
CA LEU C 1138 -4.47 -15.76 19.29
C LEU C 1138 -5.37 -16.97 19.55
N LYS C 1139 -6.47 -16.76 20.28
CA LYS C 1139 -7.34 -17.87 20.63
C LYS C 1139 -8.00 -18.48 19.40
N HIS C 1140 -8.57 -17.65 18.53
CA HIS C 1140 -9.24 -18.19 17.36
C HIS C 1140 -8.26 -18.88 16.43
N HIS C 1141 -7.05 -18.33 16.28
CA HIS C 1141 -6.01 -18.97 15.49
C HIS C 1141 -5.65 -20.32 16.08
N TRP C 1142 -5.58 -20.41 17.41
CA TRP C 1142 -5.27 -21.70 18.04
C TRP C 1142 -6.37 -22.71 17.79
N LEU C 1143 -7.62 -22.26 17.80
CA LEU C 1143 -8.73 -23.19 17.51
C LEU C 1143 -8.68 -23.67 16.06
N TYR C 1144 -8.42 -22.76 15.12
CA TYR C 1144 -8.45 -23.11 13.69
C TYR C 1144 -7.41 -24.16 13.32
N THR C 1145 -6.35 -24.30 14.11
CA THR C 1145 -5.26 -25.22 13.80
C THR C 1145 -5.26 -26.45 14.70
N SER C 1146 -6.45 -26.90 15.13
CA SER C 1146 -6.58 -28.04 16.02
C SER C 1146 -6.99 -29.27 15.22
N LYS C 1147 -6.24 -30.36 15.38
CA LYS C 1147 -6.56 -31.61 14.69
C LYS C 1147 -7.93 -32.13 15.10
N TYR C 1148 -8.26 -32.01 16.39
CA TYR C 1148 -9.51 -32.56 16.91
C TYR C 1148 -10.73 -31.92 16.24
N LEU C 1149 -10.68 -30.60 16.04
CA LEU C 1149 -11.76 -29.92 15.34
C LEU C 1149 -11.69 -30.14 13.83
N GLN C 1150 -10.51 -30.43 13.29
CA GLN C 1150 -10.38 -30.69 11.86
C GLN C 1150 -10.87 -32.08 11.46
N LYS C 1151 -10.93 -33.02 12.42
CA LYS C 1151 -11.41 -34.35 12.09
C LYS C 1151 -12.93 -34.38 11.87
N PHE C 1152 -13.67 -33.48 12.53
CA PHE C 1152 -15.11 -33.45 12.32
C PHE C 1152 -15.47 -33.08 10.88
N MET C 1153 -14.60 -32.32 10.22
CA MET C 1153 -14.87 -31.94 8.83
C MET C 1153 -14.65 -33.12 7.89
N GLU C 1154 -13.55 -33.84 8.06
CA GLU C 1154 -13.21 -34.92 7.14
C GLU C 1154 -14.04 -36.18 7.41
N ALA C 1155 -14.21 -36.54 8.68
CA ALA C 1155 -14.80 -37.84 9.00
C ALA C 1155 -16.28 -37.88 8.63
N HIS C 1156 -17.00 -36.80 8.91
CA HIS C 1156 -18.39 -36.73 8.46
C HIS C 1156 -18.51 -36.27 7.01
N LYS C 1157 -17.66 -36.81 6.13
CA LYS C 1157 -17.90 -36.83 4.71
C LYS C 1157 -17.55 -38.21 4.15
N ASN C 1158 -16.48 -38.80 4.66
CA ASN C 1158 -15.95 -40.06 4.15
C ASN C 1158 -15.46 -40.97 5.27
N SER D 3 21.62 34.27 31.96
CA SER D 3 20.33 33.66 31.73
C SER D 3 20.51 32.36 30.94
N MET D 4 19.46 31.90 30.26
CA MET D 4 19.52 30.63 29.54
C MET D 4 18.68 30.69 28.27
N SER D 5 19.19 30.05 27.22
CA SER D 5 18.56 30.05 25.91
C SER D 5 18.53 28.64 25.35
N LEU D 6 17.44 28.30 24.65
CA LEU D 6 17.34 27.04 23.94
C LEU D 6 17.22 27.31 22.44
N GLN D 7 17.99 26.57 21.66
CA GLN D 7 17.87 26.66 20.21
C GLN D 7 17.56 25.28 19.63
N PRO D 8 16.60 25.18 18.72
CA PRO D 8 16.28 23.87 18.10
C PRO D 8 17.38 23.44 17.14
N LEU D 9 17.80 22.18 17.26
CA LEU D 9 18.78 21.60 16.38
C LEU D 9 18.09 20.73 15.34
N THR D 10 18.89 20.19 14.40
CA THR D 10 18.40 19.26 13.40
C THR D 10 19.44 18.16 13.22
N ALA D 11 19.01 16.90 13.38
CA ALA D 11 19.89 15.77 13.18
C ALA D 11 19.92 15.43 11.69
N VAL D 12 21.08 15.54 11.07
CA VAL D 12 21.17 15.51 9.61
C VAL D 12 20.87 14.12 9.07
N ASN D 13 21.66 13.12 9.47
CA ASN D 13 21.55 11.79 8.88
C ASN D 13 21.63 10.66 9.89
N CYS D 14 21.53 10.94 11.19
CA CYS D 14 21.58 9.90 12.22
C CYS D 14 20.59 10.25 13.32
N GLY D 15 19.39 9.70 13.22
CA GLY D 15 18.41 9.81 14.28
C GLY D 15 18.00 8.43 14.77
N SER D 16 18.56 7.41 14.13
CA SER D 16 18.29 6.02 14.45
C SER D 16 19.20 5.47 15.54
N LEU D 17 20.09 6.29 16.10
CA LEU D 17 21.06 5.82 17.08
C LEU D 17 20.77 6.26 18.50
N VAL D 18 20.03 7.34 18.69
CA VAL D 18 19.76 7.89 20.02
C VAL D 18 18.56 7.18 20.62
N GLN D 19 18.68 6.74 21.86
CA GLN D 19 17.61 6.08 22.57
C GLN D 19 17.54 6.64 23.99
N PRO D 20 16.34 6.67 24.61
CA PRO D 20 16.15 7.35 25.89
C PRO D 20 17.27 7.20 26.90
N GLY D 21 17.80 5.99 27.07
CA GLY D 21 18.96 5.81 27.93
C GLY D 21 20.26 5.82 27.16
N PHE D 22 20.96 6.95 27.17
CA PHE D 22 22.28 7.04 26.56
C PHE D 22 23.15 7.96 27.40
N SER D 23 24.44 8.01 27.05
CA SER D 23 25.41 8.78 27.82
C SER D 23 26.18 9.72 26.91
N LEU D 24 26.54 10.87 27.45
CA LEU D 24 27.42 11.84 26.78
C LEU D 24 28.63 12.07 27.66
N LEU D 25 29.82 11.76 27.13
CA LEU D 25 31.07 11.84 27.87
C LEU D 25 31.89 13.01 27.35
N ASP D 26 32.23 13.95 28.24
CA ASP D 26 33.05 15.09 27.89
C ASP D 26 34.51 14.73 28.14
N LEU D 27 35.25 14.45 27.07
CA LEU D 27 36.67 14.16 27.14
C LEU D 27 37.42 15.23 26.35
N GLU D 28 38.25 16.00 27.04
CA GLU D 28 39.12 17.00 26.41
C GLU D 28 38.33 17.97 25.55
N GLY D 29 37.21 18.45 26.09
CA GLY D 29 36.34 19.37 25.38
C GLY D 29 35.48 18.74 24.32
N ASP D 30 35.81 17.54 23.85
CA ASP D 30 35.02 16.85 22.84
C ASP D 30 34.01 15.93 23.53
N VAL D 31 32.77 15.97 23.05
CA VAL D 31 31.69 15.17 23.64
C VAL D 31 31.47 13.93 22.79
N TYR D 32 31.24 12.80 23.47
CA TYR D 32 31.10 11.50 22.82
C TYR D 32 29.80 10.87 23.26
N LEU D 33 28.95 10.52 22.29
CA LEU D 33 27.75 9.74 22.56
C LEU D 33 28.11 8.27 22.71
N PHE D 34 27.55 7.64 23.74
CA PHE D 34 27.77 6.24 24.05
C PHE D 34 26.46 5.59 24.40
N GLY D 35 26.18 4.46 23.73
CA GLY D 35 24.95 3.72 23.94
C GLY D 35 23.98 4.01 22.82
N GLN D 36 23.95 3.14 21.81
CA GLN D 36 23.13 3.34 20.63
C GLN D 36 22.08 2.24 20.53
N LYS D 37 21.06 2.49 19.73
CA LYS D 37 20.03 1.49 19.53
C LYS D 37 20.57 0.34 18.69
N GLY D 38 20.40 -0.88 19.21
CA GLY D 38 20.88 -2.06 18.53
C GLY D 38 22.35 -2.32 18.79
N TRP D 39 22.82 -3.44 18.26
CA TRP D 39 24.23 -3.77 18.30
C TRP D 39 25.00 -2.90 17.31
N PRO D 40 26.30 -2.73 17.50
CA PRO D 40 27.08 -1.85 16.60
C PRO D 40 27.08 -2.37 15.17
N LYS D 41 26.63 -1.51 14.25
CA LYS D 41 26.67 -1.84 12.83
C LYS D 41 28.09 -1.74 12.31
N ARG D 42 28.27 -2.09 11.04
CA ARG D 42 29.58 -2.03 10.41
C ARG D 42 29.98 -0.61 10.01
N SER D 43 29.02 0.32 9.92
CA SER D 43 29.36 1.71 9.70
C SER D 43 30.18 2.28 10.85
N CYS D 44 29.98 1.75 12.06
CA CYS D 44 30.73 2.17 13.23
C CYS D 44 30.87 0.98 14.15
N PRO D 45 31.88 0.13 13.94
CA PRO D 45 31.98 -1.13 14.70
C PRO D 45 32.36 -0.94 16.16
N THR D 46 32.52 0.29 16.64
CA THR D 46 32.83 0.54 18.04
C THR D 46 31.57 0.82 18.86
N GLY D 47 30.63 1.58 18.30
CA GLY D 47 29.44 1.97 19.01
C GLY D 47 29.52 3.30 19.71
N ILE D 48 30.67 3.97 19.65
CA ILE D 48 30.88 5.27 20.28
C ILE D 48 31.01 6.31 19.18
N PHE D 49 30.33 7.44 19.34
CA PHE D 49 30.33 8.47 18.32
C PHE D 49 30.82 9.79 18.91
N GLY D 50 31.46 10.60 18.07
CA GLY D 50 31.82 11.95 18.44
C GLY D 50 30.73 12.91 18.01
N VAL D 51 30.28 13.75 18.93
CA VAL D 51 29.20 14.67 18.70
C VAL D 51 29.77 16.03 18.35
N ARG D 52 29.33 16.59 17.22
CA ARG D 52 29.73 17.94 16.83
C ARG D 52 28.46 18.73 16.55
N ILE D 53 28.22 19.76 17.36
CA ILE D 53 27.14 20.70 17.14
C ILE D 53 27.71 21.93 16.48
N LYS D 54 27.06 22.39 15.42
CA LYS D 54 27.53 23.57 14.70
C LYS D 54 26.43 23.95 13.72
N LYS D 55 26.27 25.25 13.47
CA LYS D 55 25.32 25.78 12.49
C LYS D 55 23.91 25.21 12.67
N GLY D 56 23.51 24.95 13.92
CA GLY D 56 22.18 24.40 14.18
C GLY D 56 22.01 22.95 13.78
N GLU D 57 23.08 22.30 13.36
CA GLU D 57 23.13 20.90 12.98
C GLU D 57 23.84 20.09 14.05
N LEU D 58 23.37 18.86 14.21
CA LEU D 58 23.92 17.86 15.14
C LEU D 58 24.50 16.74 14.28
N LYS D 59 25.83 16.62 14.26
CA LYS D 59 26.50 15.63 13.42
C LYS D 59 27.24 14.62 14.29
N LEU D 60 27.21 13.37 13.85
CA LEU D 60 27.85 12.27 14.56
C LEU D 60 28.97 11.69 13.71
N ARG D 61 30.09 11.37 14.35
CA ARG D 61 31.27 10.85 13.66
C ARG D 61 31.69 9.54 14.29
N ALA D 62 32.10 8.58 13.47
CA ALA D 62 32.46 7.27 13.97
C ALA D 62 33.86 7.30 14.58
N ILE D 63 33.95 6.99 15.88
CA ILE D 63 35.23 6.92 16.58
C ILE D 63 35.72 5.48 16.52
N SER D 64 37.05 5.32 16.54
CA SER D 64 37.68 4.02 16.56
C SER D 64 38.45 3.83 17.86
N PHE D 65 38.87 2.60 18.12
CA PHE D 65 39.62 2.25 19.32
C PHE D 65 41.09 2.07 18.99
N SER D 66 41.86 1.71 20.01
CA SER D 66 43.26 1.34 19.84
C SER D 66 43.36 -0.18 19.70
N ASN D 67 44.58 -0.70 19.64
CA ASN D 67 44.76 -2.13 19.44
C ASN D 67 44.67 -2.92 20.74
N ASN D 68 45.05 -2.32 21.86
CA ASN D 68 45.06 -3.00 23.15
C ASN D 68 43.76 -2.87 23.91
N SER D 69 42.71 -2.33 23.29
CA SER D 69 41.46 -2.08 23.98
C SER D 69 40.49 -3.25 23.78
N SER D 70 39.64 -3.47 24.79
CA SER D 70 38.54 -4.41 24.69
C SER D 70 37.32 -3.68 24.18
N TYR D 71 36.53 -4.37 23.35
CA TYR D 71 35.37 -3.72 22.76
C TYR D 71 34.18 -3.85 23.70
N LEU D 72 33.14 -3.06 23.41
CA LEU D 72 32.21 -2.68 24.46
C LEU D 72 30.76 -2.75 24.00
N PRO D 73 29.89 -3.47 24.71
CA PRO D 73 28.48 -3.51 24.33
C PRO D 73 27.82 -2.16 24.59
N PRO D 74 26.82 -1.80 23.79
CA PRO D 74 26.14 -0.51 24.02
C PRO D 74 25.23 -0.53 25.24
N LEU D 75 25.81 -0.31 26.42
CA LEU D 75 25.04 -0.25 27.65
C LEU D 75 24.10 0.96 27.62
N ARG D 76 22.96 0.81 28.29
CA ARG D 76 21.86 1.77 28.13
C ARG D 76 21.74 2.75 29.29
N CYS D 77 21.80 2.29 30.53
CA CYS D 77 21.66 3.16 31.70
C CYS D 77 22.77 2.91 32.71
N PRO D 78 24.04 3.02 32.31
CA PRO D 78 25.13 2.71 33.22
C PRO D 78 25.41 3.86 34.18
N ALA D 79 26.12 3.53 35.25
CA ALA D 79 26.67 4.52 36.16
C ALA D 79 27.97 5.06 35.58
N ILE D 80 28.09 6.38 35.55
CA ILE D 80 29.10 7.07 34.76
C ILE D 80 29.81 8.08 35.64
N ALA D 81 31.12 7.90 35.82
CA ALA D 81 31.92 8.75 36.71
C ALA D 81 33.07 9.36 35.94
N HIS D 82 33.11 10.69 35.87
CA HIS D 82 34.22 11.38 35.21
C HIS D 82 35.42 11.38 36.14
N PHE D 83 36.32 10.43 35.96
CA PHE D 83 37.61 10.47 36.64
C PHE D 83 38.43 11.62 36.08
N GLU D 84 38.78 12.57 36.93
CA GLU D 84 39.43 13.78 36.48
C GLU D 84 40.94 13.57 36.31
N ALA D 85 41.56 14.48 35.57
CA ALA D 85 42.95 14.36 35.17
C ALA D 85 43.88 14.45 36.38
N GLN D 86 44.48 13.33 36.75
CA GLN D 86 45.46 13.29 37.83
C GLN D 86 46.32 12.05 37.66
N ASP D 87 47.26 11.86 38.58
CA ASP D 87 48.17 10.73 38.51
C ASP D 87 47.48 9.47 39.03
N GLY D 88 47.78 8.33 38.39
CA GLY D 88 48.80 8.22 37.37
C GLY D 88 48.49 8.68 35.95
N LYS D 89 47.55 8.02 35.29
CA LYS D 89 47.25 8.32 33.90
C LYS D 89 45.90 9.00 33.78
N PRO D 90 45.88 10.26 33.32
CA PRO D 90 44.62 10.94 33.00
C PRO D 90 44.19 10.71 31.57
N GLU D 91 42.88 10.84 31.33
CA GLU D 91 41.87 10.99 32.37
C GLU D 91 40.69 10.08 32.01
N CYS D 92 40.37 9.14 32.90
CA CYS D 92 39.50 8.04 32.54
C CYS D 92 38.05 8.48 32.48
N TYR D 93 37.16 7.52 32.26
CA TYR D 93 35.71 7.75 32.30
C TYR D 93 35.09 6.41 32.67
N LEU D 94 34.72 6.27 33.94
CA LEU D 94 34.31 4.99 34.49
C LEU D 94 32.86 4.68 34.12
N ILE D 95 32.63 3.47 33.62
CA ILE D 95 31.32 3.02 33.17
C ILE D 95 31.02 1.69 33.86
N HIS D 96 29.89 1.63 34.58
CA HIS D 96 29.43 0.40 35.20
C HIS D 96 27.99 0.54 35.68
N GLY D 97 27.09 -0.35 35.28
CA GLY D 97 27.34 -1.38 34.29
C GLY D 97 26.29 -1.41 33.17
N GLY D 98 25.13 -0.81 33.40
CA GLY D 98 24.10 -0.70 32.38
C GLY D 98 23.48 -2.03 31.97
N ARG D 99 22.73 -1.98 30.87
CA ARG D 99 22.03 -3.15 30.35
C ARG D 99 22.25 -3.28 28.84
N THR D 100 22.39 -4.52 28.40
CA THR D 100 22.84 -4.93 27.07
C THR D 100 21.69 -4.84 26.05
N PRO D 101 22.02 -4.74 24.75
CA PRO D 101 20.97 -4.85 23.72
C PRO D 101 19.96 -5.98 23.91
N ASN D 102 20.41 -7.21 24.12
CA ASN D 102 19.53 -8.25 24.65
C ASN D 102 19.58 -8.15 26.17
N ASN D 103 18.41 -7.98 26.79
CA ASN D 103 18.35 -7.27 28.07
C ASN D 103 18.95 -8.08 29.22
N GLU D 104 20.28 -8.16 29.23
CA GLU D 104 21.04 -8.59 30.38
C GLU D 104 21.56 -7.36 31.13
N LEU D 105 22.18 -7.61 32.27
CA LEU D 105 22.89 -6.58 33.02
C LEU D 105 24.36 -6.95 33.09
N SER D 106 25.23 -5.97 32.86
CA SER D 106 26.62 -6.27 32.52
C SER D 106 27.43 -6.74 33.72
N SER D 107 27.43 -5.96 34.80
CA SER D 107 28.23 -6.25 36.00
C SER D 107 29.73 -6.22 35.71
N SER D 108 30.15 -5.37 34.78
CA SER D 108 31.55 -5.21 34.45
C SER D 108 31.92 -3.74 34.43
N LEU D 109 33.15 -3.44 34.83
CA LEU D 109 33.65 -2.07 34.90
C LEU D 109 34.56 -1.80 33.72
N TYR D 110 34.36 -0.66 33.07
CA TYR D 110 35.13 -0.27 31.89
C TYR D 110 35.70 1.12 32.09
N MET D 111 37.02 1.25 31.91
CA MET D 111 37.69 2.54 31.92
C MET D 111 37.93 2.98 30.48
N LEU D 112 37.45 4.17 30.14
CA LEU D 112 37.48 4.68 28.77
C LEU D 112 38.30 5.96 28.75
N SER D 113 39.41 5.94 28.02
CA SER D 113 40.32 7.07 27.97
C SER D 113 40.68 7.40 26.52
N VAL D 114 41.33 8.56 26.34
CA VAL D 114 41.85 9.01 25.06
C VAL D 114 43.26 8.45 24.89
N ASP D 115 43.62 8.10 23.65
CA ASP D 115 44.90 7.46 23.38
C ASP D 115 45.83 8.28 22.50
N SER D 116 45.35 8.75 21.34
CA SER D 116 46.24 9.41 20.40
C SER D 116 45.45 10.36 19.49
N ARG D 117 46.18 11.25 18.84
CA ARG D 117 45.66 12.26 17.92
C ARG D 117 46.84 12.85 17.17
N GLY D 118 46.62 13.25 15.91
CA GLY D 118 45.32 13.29 15.27
C GLY D 118 44.95 12.11 14.41
N CYS D 119 45.01 12.26 13.09
CA CYS D 119 45.63 13.41 12.44
C CYS D 119 44.66 14.56 12.11
N ASN D 120 43.65 14.29 11.28
CA ASN D 120 42.71 15.33 10.85
C ASN D 120 41.55 15.40 11.83
N ARG D 121 41.87 15.85 13.04
CA ARG D 121 40.94 15.86 14.17
C ARG D 121 40.34 14.47 14.38
N LYS D 122 41.17 13.46 14.16
CA LYS D 122 40.85 12.09 14.48
C LYS D 122 41.36 11.75 15.87
N VAL D 123 40.53 11.09 16.66
CA VAL D 123 40.90 10.66 18.00
C VAL D 123 40.62 9.16 18.11
N THR D 124 41.56 8.44 18.73
CA THR D 124 41.35 7.04 19.07
C THR D 124 41.22 6.95 20.59
N LEU D 125 40.25 6.17 21.04
CA LEU D 125 40.04 5.96 22.46
C LEU D 125 40.63 4.60 22.84
N ARG D 126 40.38 4.20 24.08
CA ARG D 126 40.73 2.86 24.54
C ARG D 126 39.88 2.54 25.76
N CYS D 127 39.52 1.26 25.88
CA CYS D 127 38.73 0.78 27.00
C CYS D 127 39.42 -0.40 27.64
N GLU D 128 39.77 -0.25 28.92
CA GLU D 128 40.27 -1.36 29.73
C GLU D 128 39.11 -1.84 30.60
N GLU D 129 38.65 -3.06 30.33
CA GLU D 129 37.70 -3.67 31.25
C GLU D 129 38.49 -4.10 32.49
N LYS D 130 38.20 -3.45 33.61
CA LYS D 130 38.97 -3.63 34.83
C LYS D 130 38.34 -4.73 35.67
N GLU D 131 39.11 -5.78 35.95
CA GLU D 131 38.59 -6.90 36.72
C GLU D 131 38.38 -6.48 38.17
N LEU D 132 37.31 -7.00 38.77
CA LEU D 132 36.89 -6.66 40.12
C LEU D 132 36.94 -7.89 40.99
N VAL D 133 37.64 -7.80 42.12
CA VAL D 133 37.73 -8.86 43.11
C VAL D 133 37.04 -8.37 44.38
N GLY D 134 36.12 -9.17 44.90
CA GLY D 134 35.33 -8.80 46.05
C GLY D 134 34.64 -10.03 46.67
N ASP D 135 33.38 -9.97 47.12
CA ASP D 135 32.46 -8.81 47.31
C ASP D 135 32.47 -7.89 46.13
N VAL D 136 32.04 -8.34 44.95
CA VAL D 136 31.80 -7.43 43.83
C VAL D 136 30.33 -7.03 43.91
N PRO D 137 29.94 -5.88 43.40
CA PRO D 137 28.53 -5.54 43.36
C PRO D 137 27.81 -6.33 42.28
N SER D 138 26.49 -6.47 42.46
CA SER D 138 25.69 -7.23 41.52
C SER D 138 25.39 -6.42 40.27
N ALA D 139 25.03 -7.12 39.20
CA ALA D 139 24.63 -6.48 37.95
C ALA D 139 23.41 -5.61 38.19
N ARG D 140 23.49 -4.35 37.76
CA ARG D 140 22.42 -3.40 38.02
C ARG D 140 22.48 -2.28 36.99
N TYR D 141 21.60 -1.30 37.15
CA TYR D 141 21.52 -0.15 36.26
C TYR D 141 20.77 0.95 37.00
N GLY D 142 20.83 2.16 36.45
CA GLY D 142 20.22 3.31 37.08
C GLY D 142 20.89 3.77 38.36
N HIS D 143 21.94 3.07 38.80
CA HIS D 143 22.73 3.42 39.97
C HIS D 143 23.66 4.58 39.64
N THR D 144 24.44 5.03 40.64
CA THR D 144 25.41 6.09 40.41
C THR D 144 26.77 5.70 40.97
N LEU D 145 27.80 6.24 40.31
CA LEU D 145 29.20 6.04 40.63
C LEU D 145 29.88 7.40 40.75
N SER D 146 30.72 7.56 41.76
CA SER D 146 31.41 8.83 41.99
C SER D 146 32.83 8.55 42.46
N VAL D 147 33.68 9.57 42.34
CA VAL D 147 35.10 9.47 42.70
C VAL D 147 35.36 10.39 43.88
N ILE D 148 36.17 9.91 44.84
CA ILE D 148 36.45 10.67 46.04
C ILE D 148 37.95 10.60 46.36
N ASN D 149 38.45 11.67 46.96
CA ASN D 149 39.86 11.81 47.34
C ASN D 149 39.94 12.10 48.83
N SER D 150 40.69 11.27 49.55
CA SER D 150 40.93 11.50 50.98
C SER D 150 42.34 11.02 51.33
N ARG D 151 43.22 11.96 51.65
CA ARG D 151 44.46 11.72 52.39
C ARG D 151 45.49 10.83 51.66
N GLY D 152 45.81 11.11 50.40
CA GLY D 152 45.02 11.83 49.42
C GLY D 152 44.62 10.74 48.44
N LYS D 153 44.44 9.54 48.99
CA LYS D 153 44.12 8.37 48.19
C LYS D 153 42.79 8.55 47.48
N THR D 154 42.64 7.89 46.34
CA THR D 154 41.44 8.03 45.51
C THR D 154 40.68 6.72 45.49
N ALA D 155 39.40 6.77 45.84
CA ALA D 155 38.52 5.61 45.76
C ALA D 155 37.26 5.99 44.99
N CYS D 156 36.40 5.00 44.76
CA CYS D 156 35.18 5.20 43.98
C CYS D 156 33.98 4.64 44.75
N VAL D 157 33.00 5.48 45.00
CA VAL D 157 31.81 5.08 45.72
C VAL D 157 30.73 4.71 44.71
N LEU D 158 29.98 3.67 45.02
CA LEU D 158 28.97 3.12 44.12
C LEU D 158 27.71 2.83 44.92
N PHE D 159 26.57 3.33 44.44
CA PHE D 159 25.35 3.19 45.25
C PHE D 159 24.11 3.32 44.37
N GLY D 160 23.06 2.61 44.77
CA GLY D 160 21.75 2.69 44.16
C GLY D 160 21.53 1.63 43.10
N GLY D 161 20.42 1.79 42.39
CA GLY D 161 20.19 1.06 41.16
C GLY D 161 19.06 0.04 41.30
N ARG D 162 18.59 -0.41 40.13
CA ARG D 162 17.61 -1.48 40.01
C ARG D 162 18.28 -2.74 39.47
N SER D 163 17.56 -3.84 39.54
CA SER D 163 18.04 -5.12 39.02
C SER D 163 16.85 -6.04 38.81
N TYR D 164 17.11 -7.18 38.18
CA TYR D 164 16.07 -8.19 38.05
C TYR D 164 15.92 -8.94 39.37
N MET D 165 14.77 -9.60 39.53
CA MET D 165 14.46 -10.31 40.75
C MET D 165 15.44 -11.46 40.96
N PRO D 166 15.63 -11.90 42.20
CA PRO D 166 16.63 -12.92 42.47
C PRO D 166 16.38 -14.16 41.66
N PRO D 167 17.44 -14.91 41.31
CA PRO D 167 17.26 -16.10 40.46
C PRO D 167 16.39 -17.17 41.05
N THR D 168 16.08 -17.10 42.35
CA THR D 168 15.19 -18.08 42.98
C THR D 168 13.73 -17.71 42.83
N GLU D 169 13.41 -16.41 42.87
CA GLU D 169 12.04 -15.95 42.70
C GLU D 169 11.70 -15.55 41.27
N ARG D 170 12.69 -15.53 40.36
CA ARG D 170 12.43 -15.07 39.01
C ARG D 170 11.71 -16.15 38.21
N THR D 171 10.63 -15.75 37.55
CA THR D 171 9.76 -16.65 36.80
C THR D 171 9.57 -16.06 35.40
N THR D 172 9.29 -16.93 34.43
CA THR D 172 9.05 -16.49 33.05
C THR D 172 7.79 -15.64 32.95
N GLN D 173 7.08 -15.46 34.07
CA GLN D 173 6.07 -14.43 34.18
C GLN D 173 6.49 -13.28 35.09
N ASN D 174 7.62 -13.41 35.77
CA ASN D 174 8.27 -12.32 36.49
C ASN D 174 9.46 -11.74 35.72
N TRP D 175 9.59 -12.09 34.45
CA TRP D 175 10.87 -11.98 33.75
C TRP D 175 11.34 -10.53 33.64
N ASN D 176 10.41 -9.59 33.46
CA ASN D 176 10.78 -8.21 33.20
C ASN D 176 10.56 -7.27 34.38
N SER D 177 10.08 -7.79 35.51
CA SER D 177 9.89 -6.96 36.70
C SER D 177 11.22 -6.74 37.40
N VAL D 178 11.43 -5.52 37.89
CA VAL D 178 12.70 -5.14 38.51
C VAL D 178 12.44 -4.69 39.95
N VAL D 179 13.48 -4.83 40.77
CA VAL D 179 13.45 -4.41 42.17
C VAL D 179 14.72 -3.64 42.47
N ASP D 180 14.66 -2.81 43.51
CA ASP D 180 15.83 -2.07 43.94
C ASP D 180 16.81 -2.99 44.65
N CYS D 181 18.09 -2.80 44.37
CA CYS D 181 19.11 -3.57 45.07
C CYS D 181 19.13 -3.17 46.55
N PRO D 182 19.62 -4.05 47.42
CA PRO D 182 19.77 -3.69 48.83
C PRO D 182 20.66 -2.47 48.99
N PRO D 183 20.30 -1.56 49.90
CA PRO D 183 21.02 -0.28 50.03
C PRO D 183 22.34 -0.36 50.80
N GLN D 184 23.36 -0.89 50.12
CA GLN D 184 24.73 -0.85 50.61
C GLN D 184 25.57 0.02 49.68
N VAL D 185 26.63 0.61 50.24
CA VAL D 185 27.57 1.40 49.45
C VAL D 185 28.79 0.54 49.16
N TYR D 186 29.32 0.66 47.96
CA TYR D 186 30.49 -0.12 47.55
C TYR D 186 31.66 0.81 47.32
N LEU D 187 32.77 0.51 47.98
CA LEU D 187 34.03 1.21 47.78
C LEU D 187 34.87 0.38 46.82
N ILE D 188 35.07 0.92 45.63
CA ILE D 188 35.88 0.33 44.58
C ILE D 188 37.21 1.05 44.58
N ASP D 189 38.25 0.35 45.00
CA ASP D 189 39.60 0.73 44.68
C ASP D 189 39.84 0.36 43.22
N LEU D 190 40.64 1.14 42.52
CA LEU D 190 40.75 0.98 41.08
C LEU D 190 41.99 0.22 40.62
N GLU D 191 43.01 0.10 41.46
CA GLU D 191 43.70 -1.19 41.69
C GLU D 191 44.60 -0.92 42.89
N PHE D 192 44.33 -1.64 43.98
CA PHE D 192 43.85 -2.97 43.86
C PHE D 192 42.33 -3.10 43.66
N GLY D 193 41.98 -3.97 42.69
CA GLY D 193 40.67 -3.96 42.09
C GLY D 193 39.70 -4.61 43.05
N CYS D 194 39.91 -4.28 44.33
CA CYS D 194 39.23 -4.89 45.44
C CYS D 194 38.06 -4.00 45.82
N CYS D 195 36.88 -4.60 45.94
CA CYS D 195 35.68 -3.89 46.32
C CYS D 195 35.31 -4.28 47.74
N THR D 196 34.79 -3.33 48.50
CA THR D 196 34.23 -3.62 49.81
C THR D 196 32.82 -3.06 49.90
N ALA D 197 31.95 -3.80 50.56
CA ALA D 197 30.56 -3.39 50.76
C ALA D 197 30.33 -2.98 52.21
N HIS D 198 29.65 -1.86 52.40
CA HIS D 198 29.38 -1.32 53.72
C HIS D 198 27.90 -0.97 53.82
N THR D 199 27.28 -1.36 54.94
CA THR D 199 25.88 -1.08 55.21
C THR D 199 25.76 0.08 56.19
N LEU D 200 24.69 0.86 56.05
CA LEU D 200 24.51 2.08 56.80
C LEU D 200 23.20 2.06 57.55
N PRO D 201 23.18 2.44 58.83
CA PRO D 201 21.93 2.38 59.60
C PRO D 201 20.86 3.35 59.11
N GLU D 202 21.26 4.47 58.50
CA GLU D 202 20.31 5.49 58.10
C GLU D 202 19.78 5.30 56.69
N LEU D 203 20.50 4.55 55.84
CA LEU D 203 20.05 4.20 54.51
C LEU D 203 19.26 2.90 54.64
N THR D 204 17.95 3.03 54.88
CA THR D 204 17.12 1.86 55.17
C THR D 204 16.57 1.17 53.92
N ASP D 205 16.41 1.86 52.81
CA ASP D 205 15.92 1.23 51.59
C ASP D 205 16.71 1.75 50.39
N GLY D 206 16.67 0.97 49.32
CA GLY D 206 17.37 1.34 48.11
C GLY D 206 16.60 2.32 47.26
N GLN D 207 17.34 2.99 46.36
CA GLN D 207 16.75 3.97 45.47
C GLN D 207 17.49 3.91 44.14
N SER D 208 16.92 4.57 43.14
CA SER D 208 17.49 4.55 41.79
C SER D 208 17.20 5.86 41.09
N PHE D 209 18.00 6.14 40.05
CA PHE D 209 17.82 7.31 39.19
C PHE D 209 18.00 8.61 39.97
N HIS D 210 18.92 8.61 40.92
CA HIS D 210 19.26 9.82 41.65
C HIS D 210 20.48 10.49 41.02
N VAL D 211 20.73 11.73 41.42
CA VAL D 211 21.92 12.47 41.00
C VAL D 211 22.92 12.44 42.14
N ALA D 212 24.18 12.15 41.82
CA ALA D 212 25.25 12.06 42.80
C ALA D 212 26.30 13.11 42.45
N LEU D 213 26.54 14.04 43.38
CA LEU D 213 27.52 15.10 43.18
C LEU D 213 28.64 14.95 44.21
N ALA D 214 29.87 14.81 43.73
CA ALA D 214 31.01 14.53 44.58
C ALA D 214 31.92 15.74 44.64
N ARG D 215 32.52 15.96 45.81
CA ARG D 215 33.59 16.95 45.94
C ARG D 215 34.44 16.57 47.14
N GLN D 216 35.72 16.29 46.89
CA GLN D 216 36.77 16.34 47.90
C GLN D 216 36.33 15.61 49.17
N ASP D 217 36.16 14.29 49.01
CA ASP D 217 35.84 13.32 50.06
C ASP D 217 34.45 13.50 50.66
N CYS D 218 33.50 14.09 49.94
CA CYS D 218 32.11 14.07 50.35
C CYS D 218 31.21 13.92 49.14
N VAL D 219 30.22 13.01 49.23
CA VAL D 219 29.30 12.77 48.13
C VAL D 219 27.89 13.08 48.58
N TYR D 220 27.15 13.82 47.77
CA TYR D 220 25.78 14.19 48.07
C TYR D 220 24.85 13.50 47.07
N PHE D 221 23.98 12.65 47.58
CA PHE D 221 22.95 11.99 46.79
C PHE D 221 21.68 12.81 46.87
N LEU D 222 21.24 13.31 45.71
CA LEU D 222 20.03 14.10 45.60
C LEU D 222 18.85 13.19 45.33
N GLY D 223 17.71 13.77 44.96
CA GLY D 223 16.46 13.04 44.80
C GLY D 223 16.51 11.79 43.96
N GLY D 224 16.08 10.66 44.53
CA GLY D 224 15.95 9.42 43.82
C GLY D 224 14.50 8.96 43.73
N HIS D 225 14.34 7.70 43.34
CA HIS D 225 13.02 7.08 43.28
C HIS D 225 13.06 5.78 44.07
N ILE D 226 12.16 5.66 45.04
CA ILE D 226 12.01 4.45 45.84
C ILE D 226 10.87 3.62 45.23
N LEU D 227 11.17 2.37 44.92
CA LEU D 227 10.22 1.51 44.22
C LEU D 227 9.34 0.70 45.14
N SER D 228 9.78 0.42 46.37
CA SER D 228 8.97 -0.33 47.30
C SER D 228 7.72 0.45 47.71
N SER D 229 7.90 1.71 48.08
CA SER D 229 6.81 2.56 48.55
C SER D 229 6.26 3.49 47.48
N ASP D 230 6.86 3.50 46.29
CA ASP D 230 6.45 4.38 45.19
C ASP D 230 6.39 5.83 45.65
N CYS D 231 7.56 6.34 46.07
CA CYS D 231 7.68 7.72 46.51
C CYS D 231 8.97 8.31 45.96
N ARG D 232 8.95 9.62 45.74
CA ARG D 232 10.12 10.37 45.31
C ARG D 232 10.56 11.27 46.45
N PRO D 233 11.49 10.82 47.30
CA PRO D 233 11.80 11.57 48.53
C PRO D 233 12.43 12.93 48.25
N SER D 234 11.98 13.93 49.01
CA SER D 234 12.57 15.26 48.97
C SER D 234 13.87 15.36 49.76
N ARG D 235 14.21 14.32 50.54
CA ARG D 235 15.36 14.38 51.42
C ARG D 235 16.66 14.20 50.63
N LEU D 236 17.74 14.73 51.21
CA LEU D 236 19.07 14.68 50.63
C LEU D 236 19.97 13.84 51.54
N ILE D 237 20.82 13.01 50.93
CA ILE D 237 21.75 12.17 51.68
C ILE D 237 23.16 12.76 51.51
N ARG D 238 23.90 12.85 52.60
CA ARG D 238 25.29 13.29 52.54
C ARG D 238 26.18 12.24 53.16
N LEU D 239 27.19 11.80 52.41
CA LEU D 239 28.02 10.67 52.76
C LEU D 239 29.48 11.12 52.86
N HIS D 240 30.10 10.86 54.00
CA HIS D 240 31.48 11.27 54.24
C HIS D 240 32.37 10.04 54.38
N VAL D 241 33.31 9.90 53.45
CA VAL D 241 34.24 8.77 53.44
C VAL D 241 35.63 9.28 53.78
N GLU D 242 36.50 8.34 54.11
CA GLU D 242 37.82 8.65 54.60
C GLU D 242 38.60 7.35 54.59
N LEU D 243 39.76 7.36 53.93
CA LEU D 243 40.54 6.18 53.59
C LEU D 243 41.64 5.98 54.63
N LEU D 244 41.30 5.27 55.70
CA LEU D 244 42.24 4.96 56.78
C LEU D 244 42.89 3.61 56.52
N LEU D 245 44.19 3.52 56.79
CA LEU D 245 44.91 2.26 56.67
C LEU D 245 44.52 1.34 57.82
N GLY D 246 43.91 0.21 57.49
CA GLY D 246 43.66 -0.15 56.11
C GLY D 246 42.21 -0.50 55.80
N SER D 247 41.28 -0.06 56.66
CA SER D 247 39.87 -0.33 56.48
C SER D 247 39.10 0.99 56.47
N PRO D 248 38.26 1.22 55.46
CA PRO D 248 37.65 2.54 55.26
C PRO D 248 36.49 2.82 56.20
N VAL D 249 36.78 3.36 57.38
CA VAL D 249 35.75 3.92 58.25
C VAL D 249 34.94 4.92 57.41
N LEU D 250 33.65 5.10 57.74
CA LEU D 250 32.68 5.73 56.82
C LEU D 250 31.41 6.16 57.55
N THR D 251 31.01 7.44 57.44
CA THR D 251 29.80 7.85 58.15
C THR D 251 28.83 8.58 57.21
N CYS D 252 27.60 8.75 57.70
CA CYS D 252 26.47 9.15 56.88
C CYS D 252 25.62 10.17 57.63
N THR D 253 24.83 10.92 56.86
CA THR D 253 23.84 11.77 57.51
C THR D 253 22.73 12.13 56.53
N ILE D 254 21.54 12.34 57.08
CA ILE D 254 20.37 12.81 56.35
C ILE D 254 20.28 14.31 56.55
N LEU D 255 20.23 15.06 55.45
CA LEU D 255 20.04 16.49 55.53
C LEU D 255 18.56 16.81 55.28
N HIS D 256 18.11 17.94 55.83
CA HIS D 256 16.69 18.17 56.02
C HIS D 256 15.93 18.12 54.71
N GLU D 257 16.22 19.03 53.79
CA GLU D 257 15.50 19.06 52.52
C GLU D 257 16.48 19.22 51.37
N GLY D 258 16.25 18.44 50.31
CA GLY D 258 17.00 18.54 49.08
C GLY D 258 16.18 18.97 47.87
N LEU D 259 15.82 18.00 47.03
CA LEU D 259 15.17 18.26 45.75
C LEU D 259 14.46 16.99 45.31
N THR D 260 13.22 17.11 44.84
CA THR D 260 12.39 15.96 44.49
C THR D 260 12.41 15.76 42.97
N ILE D 261 13.45 15.06 42.50
CA ILE D 261 13.62 14.79 41.07
C ILE D 261 14.10 13.36 40.87
N THR D 262 14.03 12.91 39.61
CA THR D 262 14.58 11.64 39.18
C THR D 262 15.03 11.79 37.73
N SER D 263 16.16 11.17 37.40
CA SER D 263 16.69 11.15 36.04
C SER D 263 16.89 12.56 35.50
N ALA D 264 17.81 13.29 36.13
CA ALA D 264 18.07 14.69 35.81
C ALA D 264 19.33 14.82 34.96
N ILE D 265 19.63 16.05 34.57
CA ILE D 265 20.82 16.39 33.81
C ILE D 265 21.62 17.40 34.63
N ALA D 266 22.81 17.01 35.08
CA ALA D 266 23.63 17.84 35.95
C ALA D 266 24.78 18.41 35.12
N SER D 267 24.56 19.58 34.53
CA SER D 267 25.65 20.11 33.73
C SER D 267 26.56 20.98 34.59
N PRO D 268 27.88 20.82 34.49
CA PRO D 268 28.80 21.64 35.30
C PRO D 268 29.05 22.99 34.63
N ILE D 269 28.98 24.05 35.42
CA ILE D 269 29.19 25.41 34.93
C ILE D 269 30.43 26.04 35.55
N GLY D 270 30.70 25.77 36.83
CA GLY D 270 31.81 26.41 37.51
C GLY D 270 32.86 25.45 38.03
N TYR D 271 33.50 25.83 39.14
CA TYR D 271 34.54 24.99 39.72
C TYR D 271 33.94 23.73 40.35
N HIS D 272 32.97 23.91 41.26
CA HIS D 272 32.24 22.80 41.85
C HIS D 272 30.75 23.09 41.84
N GLU D 273 30.28 23.78 40.80
CA GLU D 273 28.90 24.24 40.72
C GLU D 273 28.25 23.68 39.47
N TYR D 274 27.06 23.11 39.63
CA TYR D 274 26.32 22.51 38.54
C TYR D 274 24.94 23.15 38.42
N ILE D 275 24.26 22.79 37.34
CA ILE D 275 22.92 23.27 37.06
C ILE D 275 22.08 22.07 36.65
N ILE D 276 20.89 21.96 37.24
CA ILE D 276 19.98 20.84 37.03
C ILE D 276 18.88 21.29 36.11
N PHE D 277 18.74 20.58 34.97
CA PHE D 277 17.81 20.89 33.90
C PHE D 277 16.51 20.12 34.00
N GLY D 278 16.41 19.14 34.90
CA GLY D 278 15.13 18.55 35.22
C GLY D 278 14.78 17.26 34.51
N GLY D 279 14.42 16.26 35.31
CA GLY D 279 13.83 15.04 34.82
C GLY D 279 12.34 15.03 35.07
N TYR D 280 11.90 14.37 36.13
CA TYR D 280 10.49 14.26 36.45
C TYR D 280 10.26 14.50 37.93
N GLN D 281 9.22 15.28 38.24
CA GLN D 281 8.79 15.47 39.62
C GLN D 281 7.94 14.31 40.09
N SER D 282 6.87 14.01 39.36
CA SER D 282 5.97 12.91 39.66
C SER D 282 5.86 12.01 38.43
N GLU D 283 5.19 10.87 38.62
CA GLU D 283 5.07 9.89 37.56
C GLU D 283 4.35 10.42 36.33
N THR D 284 3.63 11.53 36.47
CA THR D 284 2.84 12.08 35.36
C THR D 284 3.24 13.50 34.98
N GLN D 285 4.16 14.12 35.72
CA GLN D 285 4.42 15.55 35.57
C GLN D 285 5.92 15.78 35.56
N LYS D 286 6.48 16.08 34.38
CA LYS D 286 7.91 16.31 34.28
C LYS D 286 8.27 17.70 34.79
N ARG D 287 9.45 17.79 35.39
CA ARG D 287 9.88 19.02 36.04
C ARG D 287 10.33 20.04 34.99
N MET D 288 9.79 21.26 35.09
CA MET D 288 10.01 22.29 34.09
C MET D 288 10.91 23.43 34.59
N GLU D 289 11.33 23.41 35.84
CA GLU D 289 12.11 24.50 36.40
C GLU D 289 13.57 24.09 36.56
N CYS D 290 14.45 25.08 36.43
CA CYS D 290 15.88 24.91 36.55
C CYS D 290 16.32 25.03 38.01
N THR D 291 17.51 24.53 38.32
CA THR D 291 18.00 24.68 39.69
C THR D 291 19.52 24.75 39.73
N TYR D 292 20.07 25.81 40.31
CA TYR D 292 21.52 25.93 40.49
C TYR D 292 21.93 25.27 41.80
N VAL D 293 22.97 24.43 41.74
CA VAL D 293 23.47 23.69 42.89
C VAL D 293 24.99 23.86 42.92
N GLY D 294 25.48 24.75 43.76
CA GLY D 294 26.89 24.82 44.09
C GLY D 294 27.09 24.23 45.48
N LEU D 295 28.23 23.57 45.69
CA LEU D 295 28.47 22.88 46.95
C LEU D 295 29.90 23.12 47.40
N ASP D 296 30.05 23.24 48.72
CA ASP D 296 31.27 23.75 49.33
C ASP D 296 31.63 22.90 50.56
N ASP D 297 32.54 23.44 51.37
CA ASP D 297 32.92 22.80 52.63
C ASP D 297 31.80 22.84 53.66
N VAL D 298 30.94 23.86 53.61
CA VAL D 298 29.86 23.96 54.59
C VAL D 298 28.77 22.94 54.30
N GLY D 299 28.43 22.75 53.04
CA GLY D 299 27.41 21.77 52.66
C GLY D 299 26.96 22.02 51.23
N VAL D 300 25.67 21.76 50.99
CA VAL D 300 25.04 22.01 49.70
C VAL D 300 24.36 23.36 49.73
N HIS D 301 24.35 24.04 48.58
CA HIS D 301 23.54 25.23 48.39
C HIS D 301 22.67 25.02 47.16
N MET D 302 21.56 25.74 47.13
CA MET D 302 20.48 25.44 46.18
C MET D 302 19.69 26.71 45.93
N GLU D 303 19.59 27.13 44.67
CA GLU D 303 18.82 28.33 44.38
C GLU D 303 18.10 28.20 43.05
N SER D 304 16.90 28.76 43.01
CA SER D 304 16.10 28.79 41.79
C SER D 304 16.76 29.66 40.73
N ARG D 305 16.85 29.12 39.52
CA ARG D 305 17.17 29.89 38.32
C ARG D 305 15.93 29.94 37.44
N GLU D 306 15.86 30.98 36.60
CA GLU D 306 14.67 31.06 35.77
C GLU D 306 14.81 30.14 34.56
N PRO D 307 13.76 29.38 34.23
CA PRO D 307 13.86 28.44 33.11
C PRO D 307 13.78 29.18 31.78
N PRO D 308 14.22 28.55 30.69
CA PRO D 308 14.08 29.21 29.38
C PRO D 308 12.64 29.16 28.94
N GLN D 309 12.34 29.88 27.87
CA GLN D 309 10.98 29.88 27.36
C GLN D 309 10.72 28.56 26.66
N TRP D 310 10.23 27.58 27.42
CA TRP D 310 9.96 26.25 26.87
C TRP D 310 8.96 26.35 25.74
N THR D 311 9.32 25.79 24.59
CA THR D 311 8.41 25.68 23.46
C THR D 311 7.17 24.88 23.87
N SER D 312 6.07 25.09 23.13
CA SER D 312 4.85 24.33 23.39
C SER D 312 5.10 22.83 23.27
N GLU D 313 5.95 22.43 22.32
CA GLU D 313 6.20 21.01 22.10
C GLU D 313 6.94 20.40 23.28
N ILE D 314 8.04 21.02 23.69
CA ILE D 314 8.81 20.52 24.83
C ILE D 314 8.08 20.72 26.15
N SER D 315 7.00 21.51 26.16
CA SER D 315 6.21 21.68 27.37
C SER D 315 5.09 20.66 27.48
N HIS D 316 4.48 20.27 26.36
CA HIS D 316 3.38 19.31 26.39
C HIS D 316 3.84 17.89 26.07
N SER D 317 5.14 17.65 25.96
CA SER D 317 5.63 16.30 25.76
C SER D 317 5.45 15.47 27.03
N ARG D 318 5.29 14.16 26.84
CA ARG D 318 5.14 13.28 27.99
C ARG D 318 6.47 12.95 28.64
N THR D 319 7.48 12.66 27.83
CA THR D 319 8.81 12.29 28.32
C THR D 319 9.86 13.18 27.69
N TRP D 320 11.08 13.09 28.23
CA TRP D 320 12.25 13.74 27.66
C TRP D 320 13.50 13.17 28.29
N PHE D 321 14.64 13.40 27.65
CA PHE D 321 15.91 12.90 28.14
C PHE D 321 17.03 13.71 27.49
N GLY D 322 18.25 13.43 27.92
CA GLY D 322 19.40 14.10 27.37
C GLY D 322 20.57 14.07 28.33
N GLY D 323 21.65 14.74 27.91
CA GLY D 323 22.86 14.80 28.70
C GLY D 323 23.57 16.12 28.49
N SER D 324 24.57 16.36 29.33
CA SER D 324 25.30 17.62 29.33
C SER D 324 26.35 17.61 28.23
N LEU D 325 26.30 18.61 27.34
CA LEU D 325 27.35 18.82 26.35
C LEU D 325 28.55 19.54 26.94
N GLY D 326 28.46 19.98 28.19
CA GLY D 326 29.59 20.55 28.89
C GLY D 326 29.55 22.07 28.92
N LYS D 327 30.31 22.63 29.86
CA LYS D 327 30.48 24.07 30.02
C LYS D 327 29.14 24.80 30.00
N GLY D 328 28.25 24.34 30.88
CA GLY D 328 26.94 24.96 31.02
C GLY D 328 25.98 24.72 29.87
N THR D 329 26.27 23.79 28.97
CA THR D 329 25.42 23.50 27.83
C THR D 329 25.00 22.04 27.86
N ALA D 330 23.75 21.77 27.47
CA ALA D 330 23.24 20.41 27.43
C ALA D 330 22.30 20.23 26.25
N LEU D 331 22.02 18.98 25.95
CA LEU D 331 21.23 18.57 24.80
C LEU D 331 20.01 17.80 25.29
N VAL D 332 18.83 18.15 24.78
CA VAL D 332 17.59 17.48 25.17
C VAL D 332 16.90 16.96 23.92
N ALA D 333 16.10 15.90 24.12
CA ALA D 333 15.42 15.22 23.04
C ALA D 333 13.95 15.01 23.38
N ILE D 334 13.12 15.05 22.35
CA ILE D 334 11.67 14.89 22.49
C ILE D 334 11.17 13.88 21.47
N PRO D 335 10.43 12.85 21.89
CA PRO D 335 9.86 11.92 20.91
C PRO D 335 8.83 12.62 20.02
N SER D 336 8.76 12.19 18.76
CA SER D 336 7.90 12.78 17.76
C SER D 336 6.86 11.77 17.29
N GLU D 337 5.65 12.24 17.06
CA GLU D 337 4.55 11.41 16.59
C GLU D 337 4.07 11.92 15.24
N GLY D 338 4.03 11.04 14.25
CA GLY D 338 3.56 11.41 12.93
C GLY D 338 3.23 10.19 12.11
N ASN D 339 2.43 10.40 11.08
CA ASN D 339 2.05 9.36 10.14
C ASN D 339 2.17 9.89 8.72
N PRO D 340 3.11 9.40 7.90
CA PRO D 340 4.03 8.29 8.18
C PRO D 340 5.17 8.62 9.16
N THR D 341 5.96 7.61 9.49
CA THR D 341 7.10 7.80 10.38
C THR D 341 8.06 8.82 9.77
N PRO D 342 8.58 9.76 10.57
CA PRO D 342 9.30 10.93 10.01
C PRO D 342 10.41 10.55 9.04
N PRO D 343 11.27 9.55 9.34
CA PRO D 343 11.48 8.61 10.45
C PRO D 343 12.46 9.13 11.51
N GLU D 344 12.74 10.44 11.47
CA GLU D 344 13.54 11.06 12.52
C GLU D 344 12.77 10.96 13.83
N ALA D 345 13.25 10.10 14.73
CA ALA D 345 12.46 9.71 15.90
C ALA D 345 12.40 10.78 16.98
N TYR D 346 13.34 11.72 17.00
CA TYR D 346 13.42 12.67 18.10
C TYR D 346 13.77 14.06 17.59
N HIS D 347 13.02 15.05 18.08
CA HIS D 347 13.41 16.45 17.91
C HIS D 347 14.46 16.80 18.96
N PHE D 348 15.42 17.64 18.58
CA PHE D 348 16.55 17.95 19.46
C PHE D 348 16.58 19.44 19.77
N TYR D 349 16.91 19.77 21.01
CA TYR D 349 17.16 21.14 21.41
C TYR D 349 18.50 21.22 22.13
N GLN D 350 19.15 22.37 22.03
CA GLN D 350 20.36 22.66 22.81
C GLN D 350 20.05 23.80 23.76
N VAL D 351 20.13 23.53 25.07
CA VAL D 351 19.92 24.55 26.08
C VAL D 351 21.28 24.96 26.63
N SER D 352 21.41 26.25 26.96
CA SER D 352 22.67 26.81 27.41
C SER D 352 22.42 27.86 28.48
N PHE D 353 23.28 27.86 29.49
CA PHE D 353 23.22 28.79 30.60
C PHE D 353 24.25 29.91 30.37
N GLN D 354 23.80 31.16 30.50
CA GLN D 354 24.64 32.33 30.26
C GLN D 354 25.26 32.30 28.86
#